data_5AWV
#
_entry.id   5AWV
#
_cell.length_a   61.791
_cell.length_b   150.778
_cell.length_c   124.853
_cell.angle_alpha   90.00
_cell.angle_beta   98.40
_cell.angle_gamma   90.00
#
_symmetry.space_group_name_H-M   'P 1 21 1'
#
loop_
_entity.id
_entity.type
_entity.pdbx_description
1 polymer 'Putative hexose oxidase'
2 polymer TEICOPLANIN
3 non-polymer 'FLAVIN-ADENINE DINUCLEOTIDE'
4 non-polymer 'CITRIC ACID'
5 non-polymer '8-METHYLNONANOIC ACID'
6 non-polymer alpha-D-mannopyranose
7 non-polymer 2-acetamido-2-deoxy-beta-D-glucopyranose
8 non-polymer '2-amino-2-deoxy-beta-D-glucopyranuronic acid'
9 water water
#
loop_
_entity_poly.entity_id
_entity_poly.type
_entity_poly.pdbx_seq_one_letter_code
_entity_poly.pdbx_strand_id
1 'polypeptide(L)'
;MTGGTGADAASAGASSTRPELRGERCLPPAGPVKVTPDDPRYLNLKLRGANSRFNGEPDYIHLVGSTQQVADAVEETVRT
GKRVAVRSGGHCFEDFVDNPDVKVIIDMSLLTEIAYDPSMNAFLIEPGNTLSEVYEKLYLGWNVTIPGGVCGGVGVGGHI
CGGGYGPLSRQFGSVVDYLYAVEVVVVNKQGKARVIVATRERDDPHHDLWWAHTGGGGGNFGVVTKYWMRVPEDVGRNPE
RLLPKPPATLLTSTVTFDWAGMTEAAFSRLLRNHGEWYERNSGPDSPYTGLWSQLMIGNEVPGMGESGFMMPIQVDATRP
DARRLLDAHIEAVIDGVPPAEVPEPIEQRWLASTPGRGGRGPASKTKAGYLRKRLTDRQIQAVYENMTHMDGIDYGAVWL
IGYGGKVNTVDPAATALPQRDAILKVNYITGWANPGNEAKHLTWVRKLYADVYAETGGVPVPNDVSDGAYINYPDSDLAD
PGLNTSGVPWHDLYYKGNHPRLRKVKAAYDPRNHFHHALSIRP
;
A,B,C,D
2 'polypeptide(L)' (GHP)(3MY)(3FG)(GHP)(GHP)(OMY)(3FG) I,J,K,L,M,N,O,P
#
loop_
_chem_comp.id
_chem_comp.type
_chem_comp.name
_chem_comp.formula
CIT non-polymer 'CITRIC ACID' 'C6 H8 O7'
FAD non-polymer 'FLAVIN-ADENINE DINUCLEOTIDE' 'C27 H33 N9 O15 P2'
MAN D-saccharide, alpha linking alpha-D-mannopyranose 'C6 H12 O6'
N1L D-saccharide, beta linking '2-amino-2-deoxy-beta-D-glucopyranuronic acid' 'C6 H11 N O6'
NAG D-saccharide, beta linking 2-acetamido-2-deoxy-beta-D-glucopyranose 'C8 H15 N O6'
T55 non-polymer '8-METHYLNONANOIC ACID' 'C10 H20 O2'
#
# COMPACT_ATOMS: atom_id res chain seq x y z
N CYS A 26 17.15 0.26 -26.68
CA CYS A 26 15.93 0.65 -25.89
C CYS A 26 14.57 0.26 -26.51
N LEU A 27 13.92 -0.75 -25.97
CA LEU A 27 12.84 -1.39 -26.70
C LEU A 27 11.50 -0.74 -26.44
N PRO A 28 10.60 -0.84 -27.40
CA PRO A 28 9.32 -0.23 -27.22
C PRO A 28 8.52 -0.94 -26.15
N PRO A 29 7.52 -0.25 -25.62
CA PRO A 29 6.76 -0.76 -24.48
C PRO A 29 5.87 -1.92 -24.85
N ALA A 30 5.56 -2.77 -23.90
CA ALA A 30 4.45 -3.68 -24.09
C ALA A 30 3.10 -2.91 -24.10
N GLY A 31 2.05 -3.61 -24.49
CA GLY A 31 0.69 -3.08 -24.60
C GLY A 31 0.45 -2.22 -25.82
N PRO A 32 -0.74 -1.68 -25.99
CA PRO A 32 -1.86 -1.80 -25.04
C PRO A 32 -2.64 -3.04 -25.35
N VAL A 33 -3.39 -3.59 -24.41
CA VAL A 33 -4.23 -4.68 -24.70
C VAL A 33 -5.60 -4.43 -24.09
N LYS A 34 -6.65 -4.53 -24.89
CA LYS A 34 -7.99 -4.48 -24.34
C LYS A 34 -8.46 -5.88 -24.16
N VAL A 35 -8.65 -6.30 -22.93
CA VAL A 35 -9.02 -7.64 -22.57
C VAL A 35 -10.54 -7.62 -22.27
N THR A 36 -11.31 -8.19 -23.22
CA THR A 36 -12.71 -8.27 -23.11
C THR A 36 -13.02 -9.65 -22.52
N PRO A 37 -14.29 -9.88 -22.15
CA PRO A 37 -14.73 -11.09 -21.54
C PRO A 37 -14.46 -12.38 -22.30
N ASP A 38 -14.27 -12.33 -23.58
CA ASP A 38 -13.94 -13.54 -24.30
C ASP A 38 -12.45 -13.82 -24.33
N ASP A 39 -11.62 -12.87 -23.93
CA ASP A 39 -10.16 -13.05 -23.93
C ASP A 39 -9.82 -13.97 -22.78
N PRO A 40 -8.91 -14.91 -22.99
CA PRO A 40 -8.60 -15.82 -21.91
C PRO A 40 -7.93 -15.15 -20.68
N ARG A 41 -7.29 -13.98 -20.84
CA ARG A 41 -6.78 -13.23 -19.69
C ARG A 41 -7.85 -12.59 -18.80
N TYR A 42 -9.08 -12.49 -19.30
CA TYR A 42 -10.07 -11.62 -18.57
C TYR A 42 -10.34 -11.99 -17.14
N LEU A 43 -10.66 -13.26 -16.88
CA LEU A 43 -10.94 -13.70 -15.51
C LEU A 43 -9.75 -13.50 -14.53
N ASN A 44 -8.52 -13.80 -14.94
CA ASN A 44 -7.36 -13.52 -14.12
C ASN A 44 -7.37 -12.06 -13.71
N LEU A 45 -7.56 -11.19 -14.68
CA LEU A 45 -7.44 -9.78 -14.40
C LEU A 45 -8.59 -9.24 -13.57
N LYS A 46 -9.78 -9.81 -13.77
CA LYS A 46 -11.01 -9.40 -13.08
C LYS A 46 -10.87 -9.84 -11.64
N LEU A 47 -10.11 -10.89 -11.43
CA LEU A 47 -10.08 -11.54 -10.09
C LEU A 47 -8.82 -11.27 -9.35
N ARG A 48 -8.04 -10.31 -9.78
CA ARG A 48 -6.77 -10.19 -9.03
C ARG A 48 -6.77 -9.23 -7.86
N GLY A 49 -7.92 -8.69 -7.50
CA GLY A 49 -8.07 -8.05 -6.20
C GLY A 49 -7.79 -9.02 -5.07
N ALA A 50 -7.20 -8.49 -3.99
CA ALA A 50 -6.91 -9.23 -2.78
C ALA A 50 -8.12 -9.65 -1.95
N ASN A 51 -9.11 -8.78 -1.83
CA ASN A 51 -10.19 -9.04 -0.97
C ASN A 51 -11.35 -9.65 -1.75
N SER A 52 -11.59 -10.94 -1.52
CA SER A 52 -12.66 -11.67 -2.23
C SER A 52 -14.09 -11.31 -1.86
N ARG A 53 -14.33 -10.38 -0.97
CA ARG A 53 -15.64 -9.77 -0.81
C ARG A 53 -16.14 -8.99 -2.03
N PHE A 54 -15.26 -8.47 -2.86
CA PHE A 54 -15.64 -7.58 -3.95
C PHE A 54 -15.48 -8.20 -5.34
N ASN A 55 -16.48 -7.96 -6.20
CA ASN A 55 -16.48 -8.46 -7.56
C ASN A 55 -17.11 -7.47 -8.45
N GLY A 56 -16.60 -7.41 -9.64
CA GLY A 56 -17.14 -6.59 -10.70
C GLY A 56 -17.17 -7.38 -11.97
N GLU A 57 -17.69 -6.75 -13.02
CA GLU A 57 -17.83 -7.37 -14.33
C GLU A 57 -17.58 -6.24 -15.36
N PRO A 58 -16.32 -5.84 -15.53
CA PRO A 58 -16.11 -4.74 -16.43
C PRO A 58 -16.34 -5.12 -17.91
N ASP A 59 -16.65 -4.12 -18.72
CA ASP A 59 -16.71 -4.31 -20.18
C ASP A 59 -15.36 -4.77 -20.74
N TYR A 60 -14.27 -4.15 -20.25
CA TYR A 60 -12.97 -4.65 -20.62
C TYR A 60 -12.00 -4.26 -19.55
N ILE A 61 -10.84 -4.91 -19.56
CA ILE A 61 -9.69 -4.47 -18.76
C ILE A 61 -8.55 -4.04 -19.72
N HIS A 62 -8.04 -2.83 -19.56
CA HIS A 62 -7.06 -2.25 -20.44
C HIS A 62 -5.70 -2.33 -19.80
N LEU A 63 -4.87 -3.20 -20.37
CA LEU A 63 -3.46 -3.28 -19.99
C LEU A 63 -2.67 -2.26 -20.70
N VAL A 64 -1.90 -1.47 -19.93
CA VAL A 64 -1.19 -0.39 -20.48
C VAL A 64 0.32 -0.47 -20.09
N GLY A 65 1.19 -0.24 -21.05
CA GLY A 65 2.65 -0.32 -20.91
C GLY A 65 3.40 0.96 -21.03
N SER A 66 2.68 2.10 -21.11
CA SER A 66 3.30 3.40 -21.13
C SER A 66 2.39 4.52 -20.73
N THR A 67 2.96 5.68 -20.44
CA THR A 67 2.17 6.89 -20.03
C THR A 67 1.23 7.26 -21.18
N GLN A 68 1.72 7.21 -22.43
CA GLN A 68 0.85 7.53 -23.58
C GLN A 68 -0.32 6.58 -23.69
N GLN A 69 -0.08 5.30 -23.53
CA GLN A 69 -1.14 4.39 -23.52
C GLN A 69 -2.16 4.63 -22.40
N VAL A 70 -1.68 5.03 -21.21
CA VAL A 70 -2.64 5.40 -20.15
C VAL A 70 -3.51 6.58 -20.64
N ALA A 71 -2.85 7.63 -21.09
CA ALA A 71 -3.58 8.81 -21.60
C ALA A 71 -4.63 8.43 -22.63
N ASP A 72 -4.29 7.56 -23.58
CA ASP A 72 -5.31 7.05 -24.56
C ASP A 72 -6.44 6.26 -23.92
N ALA A 73 -6.09 5.43 -22.94
CA ALA A 73 -7.09 4.59 -22.29
C ALA A 73 -8.04 5.47 -21.45
N VAL A 74 -7.51 6.46 -20.75
CA VAL A 74 -8.32 7.42 -20.01
C VAL A 74 -9.29 8.16 -20.97
N GLU A 75 -8.73 8.72 -22.05
CA GLU A 75 -9.53 9.47 -23.06
C GLU A 75 -10.65 8.64 -23.65
N GLU A 76 -10.36 7.39 -23.95
CA GLU A 76 -11.39 6.49 -24.37
C GLU A 76 -12.59 6.31 -23.42
N THR A 77 -12.33 6.23 -22.11
CA THR A 77 -13.40 6.10 -21.17
C THR A 77 -14.14 7.47 -21.10
N VAL A 78 -13.45 8.58 -21.26
CA VAL A 78 -14.14 9.88 -21.21
C VAL A 78 -15.11 9.99 -22.41
N ARG A 79 -14.63 9.58 -23.56
CA ARG A 79 -15.34 9.67 -24.83
C ARG A 79 -16.56 8.72 -24.83
N THR A 80 -16.44 7.49 -24.34
CA THR A 80 -17.59 6.56 -24.23
C THR A 80 -18.43 6.74 -22.98
N GLY A 81 -18.01 7.65 -22.08
CA GLY A 81 -18.68 7.78 -20.79
C GLY A 81 -18.73 6.48 -19.98
N LYS A 82 -17.64 5.72 -20.01
CA LYS A 82 -17.57 4.47 -19.22
C LYS A 82 -16.89 4.74 -17.84
N ARG A 83 -17.50 4.28 -16.76
CA ARG A 83 -16.94 4.47 -15.42
C ARG A 83 -15.61 3.67 -15.26
N VAL A 84 -14.55 4.35 -14.88
CA VAL A 84 -13.21 3.75 -14.93
C VAL A 84 -12.67 3.59 -13.49
N ALA A 85 -11.80 2.58 -13.28
CA ALA A 85 -11.00 2.49 -12.06
C ALA A 85 -9.62 1.91 -12.44
N VAL A 86 -8.57 2.37 -11.78
CA VAL A 86 -7.19 1.92 -12.03
C VAL A 86 -6.94 0.79 -11.03
N ARG A 87 -6.27 -0.28 -11.48
CA ARG A 87 -5.74 -1.26 -10.56
C ARG A 87 -4.24 -1.36 -10.68
N SER A 88 -3.55 -1.24 -9.56
CA SER A 88 -2.11 -1.44 -9.54
C SER A 88 -1.87 -2.76 -8.80
N GLY A 89 -1.84 -2.75 -7.47
CA GLY A 89 -1.62 -4.03 -6.76
C GLY A 89 -2.86 -4.79 -6.37
N GLY A 90 -4.05 -4.18 -6.40
CA GLY A 90 -5.25 -4.90 -6.08
C GLY A 90 -5.56 -5.01 -4.59
N HIS A 91 -4.83 -4.32 -3.72
CA HIS A 91 -5.04 -4.45 -2.31
C HIS A 91 -6.08 -3.59 -1.66
N CYS A 92 -6.83 -2.81 -2.44
CA CYS A 92 -7.88 -1.98 -1.85
C CYS A 92 -8.73 -2.69 -0.80
N PHE A 93 -8.93 -2.05 0.35
CA PHE A 93 -9.75 -2.57 1.48
C PHE A 93 -11.24 -2.45 1.16
N GLU A 94 -11.54 -1.68 0.13
CA GLU A 94 -12.92 -1.36 -0.27
C GLU A 94 -13.16 -1.73 -1.73
N ASP A 95 -14.41 -1.57 -2.17
CA ASP A 95 -14.86 -1.89 -3.54
C ASP A 95 -14.58 -0.79 -4.57
N PHE A 96 -13.47 -0.09 -4.45
CA PHE A 96 -13.23 1.05 -5.32
C PHE A 96 -12.95 0.60 -6.75
N VAL A 97 -12.40 -0.60 -6.92
CA VAL A 97 -12.11 -1.12 -8.23
C VAL A 97 -13.10 -2.19 -8.62
N ASP A 98 -13.41 -3.13 -7.71
CA ASP A 98 -14.22 -4.28 -8.02
C ASP A 98 -15.63 -4.02 -7.46
N ASN A 99 -16.49 -3.49 -8.33
CA ASN A 99 -17.93 -3.24 -7.98
C ASN A 99 -18.71 -3.38 -9.28
N PRO A 100 -20.03 -3.59 -9.18
CA PRO A 100 -20.82 -3.71 -10.40
C PRO A 100 -20.83 -2.47 -11.33
N ASP A 101 -20.58 -1.27 -10.83
CA ASP A 101 -20.61 -0.08 -11.67
C ASP A 101 -19.39 0.27 -12.50
N VAL A 102 -18.24 -0.34 -12.22
CA VAL A 102 -17.03 -0.04 -12.94
C VAL A 102 -17.10 -0.76 -14.26
N LYS A 103 -16.91 -0.01 -15.33
CA LYS A 103 -16.96 -0.65 -16.62
C LYS A 103 -15.64 -0.85 -17.29
N VAL A 104 -14.66 -0.06 -16.96
CA VAL A 104 -13.33 -0.32 -17.45
C VAL A 104 -12.35 -0.32 -16.30
N ILE A 105 -11.47 -1.31 -16.26
CA ILE A 105 -10.30 -1.26 -15.37
C ILE A 105 -9.06 -0.95 -16.17
N ILE A 106 -8.35 0.13 -15.83
CA ILE A 106 -7.03 0.31 -16.33
C ILE A 106 -6.04 -0.41 -15.36
N ASP A 107 -5.42 -1.46 -15.87
CA ASP A 107 -4.60 -2.35 -15.09
C ASP A 107 -3.15 -2.01 -15.36
N MET A 108 -2.40 -1.70 -14.30
CA MET A 108 -1.02 -1.21 -14.42
C MET A 108 0.08 -2.24 -14.33
N SER A 109 -0.30 -3.49 -14.42
CA SER A 109 0.58 -4.68 -14.26
C SER A 109 1.87 -4.59 -15.09
N LEU A 110 1.77 -4.06 -16.31
CA LEU A 110 2.95 -3.94 -17.18
C LEU A 110 3.88 -2.81 -16.80
N LEU A 111 3.47 -1.85 -15.94
CA LEU A 111 4.34 -0.71 -15.59
C LEU A 111 5.17 -0.93 -14.39
N THR A 112 6.37 -1.49 -14.55
CA THR A 112 7.14 -2.01 -13.43
C THR A 112 8.62 -1.51 -13.39
N GLU A 113 8.94 -0.40 -14.01
CA GLU A 113 10.33 0.09 -13.91
C GLU A 113 10.72 0.57 -12.48
N ILE A 114 11.96 0.31 -12.08
CA ILE A 114 12.53 0.84 -10.88
C ILE A 114 13.94 1.20 -11.26
N ALA A 115 14.27 2.47 -11.20
CA ALA A 115 15.59 2.93 -11.66
C ALA A 115 15.95 4.25 -11.14
N TYR A 116 17.24 4.45 -11.04
CA TYR A 116 17.76 5.77 -10.75
C TYR A 116 17.59 6.65 -12.00
N ASP A 117 16.99 7.82 -11.82
CA ASP A 117 16.69 8.74 -12.91
C ASP A 117 17.55 9.96 -12.81
N PRO A 118 18.67 10.06 -13.58
CA PRO A 118 19.53 11.26 -13.36
C PRO A 118 18.87 12.58 -13.64
N SER A 119 17.81 12.66 -14.42
CA SER A 119 17.29 14.02 -14.75
C SER A 119 16.35 14.52 -13.64
N MET A 120 15.85 13.62 -12.79
CA MET A 120 15.19 14.00 -11.54
C MET A 120 16.07 13.90 -10.31
N ASN A 121 17.25 13.26 -10.45
CA ASN A 121 18.14 12.92 -9.33
C ASN A 121 17.26 12.28 -8.21
N ALA A 122 16.55 11.23 -8.63
CA ALA A 122 15.62 10.50 -7.75
C ALA A 122 15.40 9.13 -8.35
N PHE A 123 14.86 8.24 -7.53
CA PHE A 123 14.39 6.93 -7.99
C PHE A 123 13.03 6.95 -8.57
N LEU A 124 12.92 6.53 -9.80
CA LEU A 124 11.68 6.35 -10.52
C LEU A 124 11.15 4.95 -10.11
N ILE A 125 9.91 4.92 -9.63
CA ILE A 125 9.20 3.65 -9.30
C ILE A 125 7.85 3.75 -9.92
N GLU A 126 7.59 2.80 -10.82
CA GLU A 126 6.32 2.72 -11.50
C GLU A 126 5.25 1.99 -10.67
N PRO A 127 3.97 2.39 -10.84
CA PRO A 127 2.80 1.94 -10.04
C PRO A 127 2.45 0.46 -10.11
N GLY A 128 2.84 -0.24 -11.12
CA GLY A 128 2.55 -1.66 -11.17
C GLY A 128 3.49 -2.56 -10.40
N ASN A 129 4.59 -2.03 -9.90
CA ASN A 129 5.44 -2.79 -9.02
C ASN A 129 4.74 -3.17 -7.69
N THR A 130 5.09 -4.32 -7.15
CA THR A 130 4.75 -4.64 -5.75
C THR A 130 5.81 -4.11 -4.82
N LEU A 131 5.45 -3.94 -3.53
CA LEU A 131 6.41 -3.62 -2.50
C LEU A 131 7.56 -4.59 -2.41
N SER A 132 7.30 -5.86 -2.53
CA SER A 132 8.35 -6.85 -2.54
C SER A 132 9.40 -6.60 -3.65
N GLU A 133 8.91 -6.30 -4.86
CA GLU A 133 9.83 -6.01 -5.98
C GLU A 133 10.64 -4.76 -5.71
N VAL A 134 9.99 -3.73 -5.16
CA VAL A 134 10.66 -2.52 -4.87
C VAL A 134 11.74 -2.76 -3.84
N TYR A 135 11.40 -3.40 -2.75
CA TYR A 135 12.40 -3.56 -1.71
C TYR A 135 13.64 -4.31 -2.17
N GLU A 136 13.42 -5.41 -2.86
CA GLU A 136 14.50 -6.20 -3.35
C GLU A 136 15.42 -5.43 -4.31
N LYS A 137 14.84 -4.77 -5.33
CA LYS A 137 15.64 -4.04 -6.26
C LYS A 137 16.36 -2.83 -5.70
N LEU A 138 15.67 -2.06 -4.88
CA LEU A 138 16.32 -0.92 -4.21
C LEU A 138 17.50 -1.40 -3.33
N TYR A 139 17.31 -2.51 -2.64
CA TYR A 139 18.36 -3.06 -1.80
C TYR A 139 19.57 -3.62 -2.57
N LEU A 140 19.28 -4.45 -3.57
CA LEU A 140 20.35 -5.00 -4.44
C LEU A 140 21.16 -3.94 -5.21
N GLY A 141 20.45 -3.01 -5.82
CA GLY A 141 21.01 -2.02 -6.64
C GLY A 141 21.79 -0.99 -5.94
N TRP A 142 21.26 -0.50 -4.80
CA TRP A 142 21.82 0.71 -4.17
C TRP A 142 21.90 0.66 -2.61
N ASN A 143 21.54 -0.47 -2.01
CA ASN A 143 21.43 -0.59 -0.55
C ASN A 143 20.58 0.52 0.07
N VAL A 144 19.41 0.73 -0.53
CA VAL A 144 18.42 1.70 -0.03
C VAL A 144 17.08 0.98 0.15
N THR A 145 16.11 1.68 0.71
CA THR A 145 14.77 1.23 0.84
C THR A 145 13.80 2.39 0.94
N ILE A 146 12.51 2.08 0.98
CA ILE A 146 11.55 3.08 1.44
C ILE A 146 10.75 2.53 2.62
N PRO A 147 10.24 3.40 3.51
CA PRO A 147 9.60 2.93 4.73
C PRO A 147 8.13 2.64 4.54
N GLY A 148 7.87 1.63 3.77
CA GLY A 148 6.54 1.28 3.36
C GLY A 148 6.04 0.05 4.04
N GLY A 149 4.98 -0.55 3.48
CA GLY A 149 4.27 -1.58 4.11
C GLY A 149 4.97 -2.92 4.12
N VAL A 150 4.45 -3.83 4.94
CA VAL A 150 5.05 -5.19 5.05
C VAL A 150 4.53 -6.12 3.99
N CYS A 151 3.24 -6.01 3.62
CA CYS A 151 2.68 -7.02 2.76
C CYS A 151 3.31 -6.88 1.36
N GLY A 152 4.05 -7.91 0.95
CA GLY A 152 4.80 -7.92 -0.29
C GLY A 152 4.00 -7.68 -1.55
N GLY A 153 2.71 -8.08 -1.55
CA GLY A 153 1.87 -7.95 -2.78
C GLY A 153 1.14 -6.58 -2.99
N VAL A 154 1.21 -5.71 -2.02
CA VAL A 154 0.66 -4.38 -2.11
C VAL A 154 1.29 -3.63 -3.29
N GLY A 155 0.47 -2.97 -4.09
CA GLY A 155 0.99 -2.17 -5.20
C GLY A 155 1.50 -0.79 -4.85
N VAL A 156 2.52 -0.39 -5.58
CA VAL A 156 3.01 0.97 -5.44
C VAL A 156 1.87 2.03 -5.73
N GLY A 157 1.06 1.75 -6.74
CA GLY A 157 0.12 2.73 -7.21
C GLY A 157 -0.78 3.29 -6.16
N GLY A 158 -1.47 2.41 -5.43
CA GLY A 158 -2.31 2.87 -4.31
C GLY A 158 -1.55 3.21 -3.06
N HIS A 159 -0.47 2.49 -2.83
CA HIS A 159 0.24 2.54 -1.56
C HIS A 159 0.89 3.92 -1.28
N ILE A 160 1.62 4.43 -2.28
CA ILE A 160 2.37 5.65 -2.10
C ILE A 160 1.41 6.86 -1.93
N CYS A 161 0.49 7.07 -2.84
CA CYS A 161 -0.34 8.23 -2.76
C CYS A 161 -1.31 8.23 -1.60
N GLY A 162 -1.55 7.07 -1.04
CA GLY A 162 -2.34 6.99 0.17
C GLY A 162 -1.62 7.06 1.49
N GLY A 163 -0.33 7.27 1.51
CA GLY A 163 0.39 7.51 2.75
C GLY A 163 1.07 6.32 3.37
N GLY A 164 1.47 5.36 2.53
CA GLY A 164 2.19 4.16 2.92
C GLY A 164 3.14 4.29 4.09
N TYR A 165 3.04 3.29 4.97
CA TYR A 165 3.93 3.20 6.16
C TYR A 165 4.18 1.74 6.51
N GLY A 166 5.09 1.50 7.46
CA GLY A 166 5.44 0.17 7.90
C GLY A 166 6.38 0.19 9.07
N PRO A 167 7.04 -0.95 9.32
CA PRO A 167 7.95 -1.07 10.50
C PRO A 167 9.07 -0.10 10.55
N LEU A 168 9.56 0.45 9.44
CA LEU A 168 10.59 1.42 9.48
C LEU A 168 10.13 2.89 9.58
N SER A 169 8.85 3.12 9.62
CA SER A 169 8.30 4.48 9.67
C SER A 169 8.69 5.27 10.94
N ARG A 170 8.85 4.60 12.08
CA ARG A 170 9.32 5.31 13.26
C ARG A 170 10.74 5.86 13.11
N GLN A 171 11.54 5.17 12.30
CA GLN A 171 12.92 5.57 12.06
C GLN A 171 12.97 6.55 10.92
N PHE A 172 12.13 6.34 9.88
CA PHE A 172 12.29 7.12 8.65
C PHE A 172 11.11 7.97 8.17
N GLY A 173 9.94 7.89 8.80
CA GLY A 173 8.72 8.51 8.32
C GLY A 173 7.87 7.68 7.37
N SER A 174 6.87 8.33 6.82
CA SER A 174 5.98 7.73 5.78
C SER A 174 6.70 7.71 4.47
N VAL A 175 6.33 6.77 3.59
CA VAL A 175 6.84 6.82 2.23
C VAL A 175 6.62 8.21 1.58
N VAL A 176 5.55 8.91 1.98
CA VAL A 176 5.29 10.23 1.36
C VAL A 176 6.30 11.27 1.71
N ASP A 177 7.07 11.07 2.77
CA ASP A 177 8.08 12.02 3.16
C ASP A 177 9.31 11.91 2.22
N TYR A 178 9.30 10.89 1.34
CA TYR A 178 10.28 10.71 0.26
C TYR A 178 9.71 10.97 -1.14
N LEU A 179 8.47 11.42 -1.25
CA LEU A 179 7.84 11.63 -2.57
C LEU A 179 8.31 12.94 -3.16
N TYR A 180 9.15 12.83 -4.18
CA TYR A 180 9.76 14.06 -4.80
C TYR A 180 8.86 14.54 -5.89
N ALA A 181 8.31 13.61 -6.67
CA ALA A 181 7.48 13.98 -7.82
C ALA A 181 6.56 12.91 -8.26
N VAL A 182 5.53 13.30 -8.97
CA VAL A 182 4.63 12.39 -9.59
C VAL A 182 4.38 12.79 -11.04
N GLU A 183 4.10 11.82 -11.88
CA GLU A 183 3.57 11.97 -13.22
C GLU A 183 2.19 11.42 -13.23
N VAL A 184 1.22 12.26 -13.60
CA VAL A 184 -0.19 11.91 -13.50
C VAL A 184 -0.86 12.25 -14.82
N VAL A 185 -1.76 11.36 -15.24
CA VAL A 185 -2.63 11.59 -16.38
C VAL A 185 -3.98 12.09 -15.80
N VAL A 186 -4.30 13.33 -16.11
CA VAL A 186 -5.51 14.00 -15.68
C VAL A 186 -6.43 14.34 -16.86
N VAL A 187 -7.68 14.66 -16.56
CA VAL A 187 -8.69 14.95 -17.59
C VAL A 187 -9.17 16.36 -17.38
N ASN A 188 -9.06 17.21 -18.42
CA ASN A 188 -9.46 18.65 -18.24
C ASN A 188 -10.96 18.84 -18.43
N LYS A 189 -11.45 20.08 -18.31
CA LYS A 189 -12.90 20.30 -18.46
C LYS A 189 -13.40 19.95 -19.83
N GLN A 190 -12.58 20.09 -20.88
CA GLN A 190 -13.03 19.67 -22.24
C GLN A 190 -12.95 18.17 -22.46
N GLY A 191 -12.47 17.40 -21.50
CA GLY A 191 -12.53 15.93 -21.63
C GLY A 191 -11.30 15.33 -22.24
N LYS A 192 -10.22 16.09 -22.33
CA LYS A 192 -8.96 15.63 -22.87
C LYS A 192 -8.02 15.16 -21.74
N ALA A 193 -7.30 14.09 -22.03
CA ALA A 193 -6.27 13.61 -21.13
C ALA A 193 -4.98 14.34 -21.33
N ARG A 194 -4.35 14.81 -20.25
CA ARG A 194 -3.10 15.47 -20.26
C ARG A 194 -2.14 14.83 -19.25
N VAL A 195 -0.84 15.01 -19.45
CA VAL A 195 0.16 14.48 -18.57
C VAL A 195 0.82 15.62 -17.86
N ILE A 196 0.97 15.51 -16.54
CA ILE A 196 1.60 16.49 -15.73
C ILE A 196 2.68 15.85 -14.88
N VAL A 197 3.88 16.43 -14.89
CA VAL A 197 4.88 16.07 -13.92
C VAL A 197 4.91 17.19 -12.85
N ALA A 198 4.62 16.83 -11.60
CA ALA A 198 4.56 17.78 -10.45
C ALA A 198 5.55 17.41 -9.39
N THR A 199 6.36 18.34 -8.90
CA THR A 199 7.38 18.05 -7.99
C THR A 199 7.20 18.77 -6.65
N ARG A 200 8.02 18.41 -5.68
CA ARG A 200 7.97 19.14 -4.45
C ARG A 200 8.73 20.47 -4.38
N GLU A 201 9.44 20.87 -5.44
CA GLU A 201 10.26 22.08 -5.41
C GLU A 201 9.41 23.30 -5.19
N ARG A 202 10.07 24.31 -4.62
CA ARG A 202 9.49 25.64 -4.62
C ARG A 202 9.42 26.18 -6.07
N ASP A 203 8.37 26.94 -6.29
CA ASP A 203 8.04 27.54 -7.57
C ASP A 203 7.65 26.44 -8.59
N ASP A 204 7.11 25.31 -8.14
CA ASP A 204 6.67 24.29 -9.10
C ASP A 204 5.26 24.66 -9.41
N PRO A 205 4.92 24.83 -10.67
CA PRO A 205 3.65 25.37 -10.98
C PRO A 205 2.50 24.40 -10.77
N HIS A 206 2.81 23.11 -10.50
CA HIS A 206 1.78 22.14 -10.10
C HIS A 206 2.10 21.50 -8.76
N HIS A 207 2.67 22.31 -7.90
CA HIS A 207 3.03 21.92 -6.52
C HIS A 207 1.81 21.35 -5.78
N ASP A 208 0.63 21.95 -6.00
CA ASP A 208 -0.64 21.47 -5.49
C ASP A 208 -0.98 19.99 -5.82
N LEU A 209 -0.79 19.59 -7.09
CA LEU A 209 -0.93 18.21 -7.50
C LEU A 209 0.03 17.22 -6.80
N TRP A 210 1.29 17.59 -6.69
CA TRP A 210 2.35 16.82 -6.01
C TRP A 210 1.81 16.67 -4.55
N TRP A 211 1.49 17.80 -3.91
CA TRP A 211 1.01 17.77 -2.52
C TRP A 211 -0.22 16.80 -2.32
N ALA A 212 -1.16 16.77 -3.23
CA ALA A 212 -2.30 15.97 -3.04
C ALA A 212 -1.95 14.45 -3.05
N HIS A 213 -0.86 14.10 -3.71
CA HIS A 213 -0.42 12.72 -3.77
C HIS A 213 0.45 12.31 -2.62
N THR A 214 0.68 13.17 -1.64
CA THR A 214 1.36 12.85 -0.38
C THR A 214 0.32 12.41 0.72
N GLY A 215 -0.63 11.61 0.34
CA GLY A 215 -1.64 11.09 1.26
C GLY A 215 -3.08 11.30 0.84
N GLY A 216 -3.33 11.85 -0.36
CA GLY A 216 -4.74 12.01 -0.79
C GLY A 216 -5.51 10.76 -1.11
N GLY A 217 -4.76 9.70 -1.44
CA GLY A 217 -5.36 8.42 -1.78
C GLY A 217 -5.60 8.28 -3.26
N GLY A 218 -5.67 7.02 -3.71
CA GLY A 218 -5.89 6.65 -5.06
C GLY A 218 -7.28 6.85 -5.54
N GLY A 219 -7.39 6.88 -6.89
CA GLY A 219 -8.65 6.96 -7.56
C GLY A 219 -9.34 8.35 -7.49
N ASN A 220 -8.63 9.39 -7.09
CA ASN A 220 -9.23 10.75 -6.94
C ASN A 220 -8.83 11.76 -8.06
N PHE A 221 -7.54 11.88 -8.36
CA PHE A 221 -7.05 13.00 -9.16
C PHE A 221 -6.82 12.64 -10.63
N GLY A 222 -6.63 11.36 -10.93
CA GLY A 222 -6.04 10.98 -12.21
C GLY A 222 -5.22 9.71 -12.00
N VAL A 223 -4.54 9.28 -13.05
CA VAL A 223 -3.77 8.04 -13.02
C VAL A 223 -2.30 8.37 -12.79
N VAL A 224 -1.74 7.96 -11.66
CA VAL A 224 -0.33 8.12 -11.46
C VAL A 224 0.35 7.10 -12.35
N THR A 225 1.29 7.55 -13.19
CA THR A 225 2.05 6.65 -14.05
C THR A 225 3.49 6.52 -13.64
N LYS A 226 4.01 7.45 -12.85
CA LYS A 226 5.35 7.37 -12.26
C LYS A 226 5.38 8.09 -10.88
N TYR A 227 6.16 7.55 -9.97
CA TYR A 227 6.56 8.21 -8.71
C TYR A 227 8.06 8.37 -8.71
N TRP A 228 8.56 9.53 -8.26
CA TRP A 228 9.97 9.72 -8.02
C TRP A 228 10.20 9.97 -6.56
N MET A 229 11.13 9.21 -6.02
CA MET A 229 11.35 9.14 -4.53
C MET A 229 12.79 9.54 -4.23
N ARG A 230 12.97 10.40 -3.23
CA ARG A 230 14.25 10.74 -2.72
C ARG A 230 14.14 11.50 -1.38
N VAL A 231 15.22 11.45 -0.60
CA VAL A 231 15.35 12.24 0.62
C VAL A 231 15.21 13.74 0.31
N PRO A 232 14.61 14.50 1.25
CA PRO A 232 14.52 15.95 0.95
C PRO A 232 15.87 16.69 1.16
N GLU A 233 16.85 16.11 1.82
CA GLU A 233 18.13 16.80 1.99
C GLU A 233 18.95 16.82 0.71
N ASP A 234 19.88 17.79 0.64
CA ASP A 234 20.96 17.86 -0.37
C ASP A 234 22.01 16.85 0.04
N VAL A 235 22.16 15.81 -0.75
CA VAL A 235 23.12 14.74 -0.47
C VAL A 235 23.93 14.43 -1.70
N GLY A 236 23.90 15.35 -2.67
CA GLY A 236 24.54 15.12 -3.95
C GLY A 236 23.73 14.26 -4.88
N ARG A 237 24.45 13.53 -5.69
CA ARG A 237 23.89 12.72 -6.76
C ARG A 237 24.27 11.24 -6.64
N ASN A 238 24.83 10.83 -5.52
CA ASN A 238 25.19 9.47 -5.30
C ASN A 238 23.85 8.68 -4.98
N PRO A 239 23.39 7.83 -5.88
CA PRO A 239 22.04 7.21 -5.66
C PRO A 239 21.96 6.45 -4.33
N GLU A 240 23.11 5.94 -3.86
CA GLU A 240 23.13 5.28 -2.55
C GLU A 240 22.76 6.13 -1.37
N ARG A 241 22.79 7.46 -1.50
CA ARG A 241 22.38 8.40 -0.43
C ARG A 241 20.97 8.98 -0.63
N LEU A 242 20.30 8.64 -1.72
CA LEU A 242 19.09 9.35 -2.10
C LEU A 242 17.85 8.74 -1.45
N LEU A 243 17.97 7.57 -0.81
CA LEU A 243 16.86 6.98 0.01
C LEU A 243 17.44 6.41 1.29
N PRO A 244 16.60 6.15 2.29
CA PRO A 244 17.09 5.56 3.58
C PRO A 244 17.83 4.24 3.39
N LYS A 245 18.89 4.07 4.16
CA LYS A 245 19.65 2.87 4.12
C LYS A 245 19.01 1.89 5.10
N PRO A 246 18.58 0.69 4.63
CA PRO A 246 17.98 -0.22 5.65
C PRO A 246 19.04 -0.71 6.68
N PRO A 247 18.58 -1.15 7.84
CA PRO A 247 19.49 -1.76 8.76
C PRO A 247 20.06 -3.06 8.14
N ALA A 248 21.34 -3.34 8.36
CA ALA A 248 21.92 -4.60 7.95
C ALA A 248 21.22 -5.80 8.59
N THR A 249 20.86 -5.63 9.88
CA THR A 249 20.22 -6.67 10.66
C THR A 249 19.23 -6.12 11.65
N LEU A 250 18.23 -6.95 11.96
CA LEU A 250 17.19 -6.68 12.93
C LEU A 250 17.28 -7.70 14.06
N LEU A 251 17.08 -7.23 15.27
CA LEU A 251 16.74 -8.13 16.35
C LEU A 251 15.23 -8.27 16.46
N THR A 252 14.76 -9.49 16.43
CA THR A 252 13.34 -9.79 16.43
C THR A 252 12.90 -10.74 17.57
N SER A 253 11.68 -10.56 18.02
CA SER A 253 11.07 -11.47 18.94
C SER A 253 9.58 -11.37 18.80
N THR A 254 8.84 -12.45 19.05
CA THR A 254 7.37 -12.37 19.19
C THR A 254 6.98 -12.88 20.57
N VAL A 255 6.35 -12.04 21.40
CA VAL A 255 5.82 -12.43 22.68
C VAL A 255 4.43 -13.04 22.38
N THR A 256 4.13 -14.23 22.92
CA THR A 256 2.82 -14.86 22.73
C THR A 256 2.00 -14.76 24.00
N PHE A 257 0.71 -14.55 23.91
CA PHE A 257 -0.15 -14.52 25.05
C PHE A 257 -1.14 -15.62 24.91
N ASP A 258 -1.70 -16.06 26.02
CA ASP A 258 -2.61 -17.19 25.97
C ASP A 258 -3.92 -16.69 26.49
N TRP A 259 -4.95 -16.82 25.70
CA TRP A 259 -6.29 -16.38 26.14
C TRP A 259 -6.79 -17.16 27.35
N ALA A 260 -6.51 -18.47 27.40
CA ALA A 260 -7.02 -19.34 28.50
C ALA A 260 -6.61 -18.79 29.86
N GLY A 261 -5.39 -18.35 29.99
CA GLY A 261 -4.98 -17.73 31.21
C GLY A 261 -5.28 -16.27 31.41
N MET A 262 -5.92 -15.59 30.46
CA MET A 262 -6.05 -14.10 30.53
C MET A 262 -7.36 -13.61 31.23
N THR A 263 -7.30 -13.08 32.46
CA THR A 263 -8.47 -12.49 33.09
C THR A 263 -8.78 -11.13 32.48
N GLU A 264 -9.96 -10.63 32.79
CA GLU A 264 -10.36 -9.27 32.49
C GLU A 264 -9.37 -8.25 33.02
N ALA A 265 -8.88 -8.47 34.23
CA ALA A 265 -7.85 -7.63 34.78
C ALA A 265 -6.45 -7.64 34.13
N ALA A 266 -5.96 -8.81 33.82
CA ALA A 266 -4.71 -8.99 33.19
C ALA A 266 -4.75 -8.39 31.74
N PHE A 267 -5.84 -8.61 31.04
CA PHE A 267 -6.06 -8.03 29.72
C PHE A 267 -6.00 -6.53 29.78
N SER A 268 -6.78 -5.93 30.65
CA SER A 268 -6.67 -4.51 30.88
C SER A 268 -5.27 -4.00 31.25
N ARG A 269 -4.59 -4.66 32.18
CA ARG A 269 -3.22 -4.30 32.48
C ARG A 269 -2.29 -4.30 31.23
N LEU A 270 -2.38 -5.32 30.44
CA LEU A 270 -1.60 -5.44 29.20
C LEU A 270 -1.80 -4.21 28.24
N LEU A 271 -3.04 -3.93 27.91
CA LEU A 271 -3.35 -2.79 27.02
C LEU A 271 -2.97 -1.47 27.61
N ARG A 272 -3.03 -1.30 28.97
CA ARG A 272 -2.53 -0.09 29.58
C ARG A 272 -1.04 0.00 29.50
N ASN A 273 -0.36 -1.06 29.86
CA ASN A 273 1.11 -1.13 29.78
C ASN A 273 1.63 -0.69 28.37
N HIS A 274 1.10 -1.37 27.38
CA HIS A 274 1.46 -1.22 25.99
C HIS A 274 1.19 0.19 25.52
N GLY A 275 -0.01 0.69 25.76
CA GLY A 275 -0.39 2.02 25.32
C GLY A 275 0.40 3.12 25.96
N GLU A 276 0.60 3.02 27.30
CA GLU A 276 1.42 3.98 28.01
C GLU A 276 2.88 3.99 27.59
N TRP A 277 3.43 2.80 27.30
CA TRP A 277 4.78 2.73 26.79
C TRP A 277 4.88 3.55 25.44
N TYR A 278 3.98 3.30 24.52
CA TYR A 278 3.91 4.08 23.26
C TYR A 278 3.69 5.58 23.50
N GLU A 279 2.95 6.00 24.54
CA GLU A 279 2.82 7.45 24.82
C GLU A 279 4.12 8.06 25.19
N ARG A 280 4.96 7.31 25.93
CA ARG A 280 6.23 7.81 26.42
C ARG A 280 7.36 7.71 25.43
N ASN A 281 7.27 6.77 24.50
CA ASN A 281 8.44 6.40 23.68
C ASN A 281 8.25 6.49 22.11
N SER A 282 7.48 7.51 21.68
CA SER A 282 7.20 7.67 20.26
C SER A 282 7.65 9.02 19.75
N GLY A 283 8.43 9.75 20.53
CA GLY A 283 8.98 11.04 20.09
C GLY A 283 10.03 10.84 19.01
N PRO A 284 10.17 11.80 18.08
CA PRO A 284 11.16 11.74 17.01
C PRO A 284 12.62 11.61 17.51
N ASP A 285 12.89 12.08 18.74
CA ASP A 285 14.22 11.95 19.31
C ASP A 285 14.46 10.76 20.26
N SER A 286 13.46 9.94 20.47
CA SER A 286 13.64 8.69 21.24
C SER A 286 14.65 7.73 20.64
N PRO A 287 15.45 7.08 21.49
CA PRO A 287 16.21 5.90 21.01
C PRO A 287 15.30 4.79 20.51
N TYR A 288 14.01 4.81 20.85
CA TYR A 288 13.10 3.77 20.38
C TYR A 288 12.50 4.04 18.97
N THR A 289 12.96 5.09 18.25
CA THR A 289 12.60 5.25 16.85
C THR A 289 13.05 4.02 16.01
N GLY A 290 14.10 3.34 16.47
CA GLY A 290 14.59 2.08 15.85
C GLY A 290 13.84 0.77 16.23
N LEU A 291 12.75 0.90 16.98
CA LEU A 291 11.92 -0.23 17.39
C LEU A 291 10.50 -0.08 16.86
N TRP A 292 9.96 -1.20 16.51
CA TRP A 292 8.59 -1.30 16.14
C TRP A 292 7.98 -2.61 16.62
N SER A 293 6.73 -2.55 16.95
CA SER A 293 5.98 -3.72 17.35
C SER A 293 4.55 -3.59 16.99
N GLN A 294 3.88 -4.71 16.94
CA GLN A 294 2.44 -4.64 16.92
C GLN A 294 1.75 -5.65 17.78
N LEU A 295 0.78 -5.19 18.52
CA LEU A 295 0.02 -6.01 19.43
C LEU A 295 -1.19 -6.54 18.74
N MET A 296 -1.22 -7.84 18.51
CA MET A 296 -2.24 -8.46 17.73
C MET A 296 -3.14 -9.26 18.69
N ILE A 297 -4.36 -8.79 18.86
CA ILE A 297 -5.29 -9.30 19.83
C ILE A 297 -6.33 -10.03 18.99
N GLY A 298 -6.02 -11.28 18.67
CA GLY A 298 -6.81 -12.09 17.77
C GLY A 298 -7.19 -13.43 18.38
N ASN A 299 -8.24 -14.06 17.82
CA ASN A 299 -8.45 -15.51 18.09
C ASN A 299 -7.46 -16.36 17.29
N GLU A 300 -7.27 -17.57 17.81
CA GLU A 300 -6.34 -18.58 17.19
C GLU A 300 -7.07 -19.31 16.07
N VAL A 301 -6.45 -19.34 14.90
CA VAL A 301 -6.99 -20.01 13.74
C VAL A 301 -5.95 -21.04 13.23
N PRO A 302 -6.25 -22.37 13.34
CA PRO A 302 -5.43 -23.52 12.91
C PRO A 302 -4.22 -23.31 12.01
N GLY A 303 -4.39 -23.06 10.72
CA GLY A 303 -3.23 -23.02 9.81
C GLY A 303 -2.86 -21.60 9.44
N MET A 304 -3.28 -20.63 10.25
CA MET A 304 -3.10 -19.22 9.91
C MET A 304 -2.02 -18.69 10.88
N GLY A 305 -0.79 -18.56 10.38
CA GLY A 305 0.31 -18.17 11.24
C GLY A 305 0.18 -16.77 11.89
N GLU A 306 -0.58 -15.88 11.27
CA GLU A 306 -0.66 -14.50 11.75
C GLU A 306 -1.84 -14.35 12.71
N SER A 307 -2.51 -15.44 13.03
CA SER A 307 -3.64 -15.39 13.93
C SER A 307 -3.15 -15.47 15.35
N GLY A 308 -4.06 -15.35 16.29
CA GLY A 308 -3.72 -15.45 17.69
C GLY A 308 -3.44 -14.12 18.35
N PHE A 309 -2.94 -14.26 19.57
CA PHE A 309 -2.75 -13.21 20.52
C PHE A 309 -1.26 -13.12 20.73
N MET A 310 -0.60 -12.14 20.06
CA MET A 310 0.83 -12.09 20.02
C MET A 310 1.33 -10.67 19.69
N MET A 311 2.63 -10.45 19.87
CA MET A 311 3.24 -9.13 19.69
C MET A 311 4.58 -9.31 19.06
N PRO A 312 4.62 -9.31 17.73
CA PRO A 312 5.95 -9.29 17.11
C PRO A 312 6.64 -7.95 17.39
N ILE A 313 7.95 -8.01 17.54
CA ILE A 313 8.78 -6.84 17.77
C ILE A 313 10.02 -6.94 16.89
N GLN A 314 10.48 -5.80 16.40
CA GLN A 314 11.79 -5.74 15.81
C GLN A 314 12.51 -4.51 16.14
N VAL A 315 13.82 -4.60 16.22
CA VAL A 315 14.65 -3.44 16.47
C VAL A 315 15.83 -3.47 15.54
N ASP A 316 16.19 -2.30 15.03
CA ASP A 316 17.43 -2.08 14.31
C ASP A 316 18.59 -2.53 15.19
N ALA A 317 19.27 -3.57 14.75
CA ALA A 317 20.40 -4.16 15.43
C ALA A 317 21.77 -3.52 15.19
N THR A 318 21.84 -2.38 14.54
CA THR A 318 23.08 -1.68 14.25
C THR A 318 23.80 -1.21 15.54
N ARG A 319 23.06 -0.54 16.44
CA ARG A 319 23.69 0.03 17.66
C ARG A 319 23.74 -1.02 18.78
N PRO A 320 24.78 -0.91 19.61
CA PRO A 320 24.97 -1.89 20.71
C PRO A 320 23.90 -1.87 21.79
N ASP A 321 23.08 -0.83 21.91
CA ASP A 321 21.91 -0.85 22.85
C ASP A 321 20.65 -1.63 22.37
N ALA A 322 20.68 -2.21 21.17
CA ALA A 322 19.47 -2.73 20.56
C ALA A 322 18.84 -3.79 21.46
N ARG A 323 19.67 -4.71 21.96
CA ARG A 323 19.11 -5.79 22.84
C ARG A 323 18.48 -5.20 24.11
N ARG A 324 19.12 -4.19 24.67
CA ARG A 324 18.51 -3.49 25.83
C ARG A 324 17.22 -2.86 25.49
N LEU A 325 17.13 -2.21 24.32
CA LEU A 325 15.88 -1.56 24.00
C LEU A 325 14.76 -2.52 23.85
N LEU A 326 15.09 -3.66 23.22
CA LEU A 326 14.12 -4.72 22.94
C LEU A 326 13.59 -5.29 24.26
N ASP A 327 14.54 -5.50 25.18
CA ASP A 327 14.20 -6.11 26.52
C ASP A 327 13.38 -5.21 27.32
N ALA A 328 13.75 -3.95 27.37
CA ALA A 328 12.98 -2.96 28.08
C ALA A 328 11.57 -2.75 27.57
N HIS A 329 11.38 -2.75 26.23
CA HIS A 329 10.03 -2.72 25.70
C HIS A 329 9.19 -3.94 26.14
N ILE A 330 9.77 -5.13 26.04
CA ILE A 330 9.01 -6.29 26.36
C ILE A 330 8.62 -6.27 27.85
N GLU A 331 9.57 -5.94 28.71
CA GLU A 331 9.21 -5.93 30.17
C GLU A 331 8.18 -4.91 30.53
N ALA A 332 8.21 -3.73 29.91
CA ALA A 332 7.19 -2.74 30.11
C ALA A 332 5.86 -3.32 29.73
N VAL A 333 5.80 -4.00 28.60
CA VAL A 333 4.51 -4.44 28.09
C VAL A 333 3.91 -5.57 28.97
N ILE A 334 4.76 -6.53 29.36
CA ILE A 334 4.28 -7.75 30.06
C ILE A 334 4.28 -7.62 31.59
N ASP A 335 4.59 -6.47 32.13
CA ASP A 335 4.62 -6.26 33.59
C ASP A 335 3.23 -6.52 34.20
N GLY A 336 3.14 -7.51 35.11
CA GLY A 336 1.87 -7.92 35.73
C GLY A 336 0.89 -8.66 34.85
N VAL A 337 1.38 -9.27 33.77
CA VAL A 337 0.55 -9.95 32.78
C VAL A 337 1.00 -11.43 32.74
N PRO A 338 0.33 -12.29 33.52
CA PRO A 338 0.94 -13.61 33.71
C PRO A 338 1.00 -14.48 32.48
N PRO A 339 -0.05 -14.44 31.62
CA PRO A 339 -0.06 -15.42 30.51
C PRO A 339 0.74 -15.03 29.25
N ALA A 340 1.94 -14.43 29.42
CA ALA A 340 2.87 -14.02 28.34
C ALA A 340 4.09 -15.00 28.23
N GLU A 341 4.44 -15.46 27.04
CA GLU A 341 5.61 -16.28 26.74
C GLU A 341 6.63 -15.50 25.83
N VAL A 342 7.89 -15.42 26.25
CA VAL A 342 8.93 -14.61 25.62
C VAL A 342 10.10 -15.49 25.19
N PRO A 343 10.27 -15.69 23.89
CA PRO A 343 11.38 -16.45 23.36
C PRO A 343 12.67 -15.63 23.33
N GLU A 344 13.78 -16.31 23.11
CA GLU A 344 15.04 -15.67 22.95
C GLU A 344 14.94 -14.84 21.68
N PRO A 345 15.46 -13.62 21.66
CA PRO A 345 15.48 -12.90 20.37
C PRO A 345 16.42 -13.55 19.29
N ILE A 346 16.10 -13.31 18.03
CA ILE A 346 16.84 -13.79 16.89
C ILE A 346 17.34 -12.58 16.09
N GLU A 347 18.58 -12.60 15.65
CA GLU A 347 19.10 -11.55 14.76
C GLU A 347 18.87 -11.98 13.32
N GLN A 348 18.16 -11.17 12.54
CA GLN A 348 17.87 -11.52 11.11
C GLN A 348 18.44 -10.47 10.16
N ARG A 349 18.94 -10.90 9.01
CA ARG A 349 19.44 -10.00 8.03
C ARG A 349 18.26 -9.34 7.28
N TRP A 350 18.47 -8.15 6.80
CA TRP A 350 17.50 -7.49 5.97
C TRP A 350 17.17 -8.32 4.74
N LEU A 351 15.87 -8.49 4.52
CA LEU A 351 15.29 -9.24 3.47
C LEU A 351 15.85 -10.65 3.34
N ALA A 352 16.20 -11.25 4.45
CA ALA A 352 16.64 -12.65 4.40
C ALA A 352 15.61 -13.61 3.84
N SER A 353 14.32 -13.38 3.96
CA SER A 353 13.31 -14.15 3.14
C SER A 353 12.54 -13.14 2.35
N THR A 354 12.05 -13.50 1.16
CA THR A 354 11.33 -12.50 0.30
C THR A 354 9.91 -12.34 0.81
N PRO A 355 9.41 -11.06 0.92
CA PRO A 355 7.97 -10.88 1.25
C PRO A 355 7.12 -11.83 0.36
N GLY A 356 6.27 -12.66 0.97
CA GLY A 356 5.70 -13.83 0.29
C GLY A 356 4.33 -13.76 -0.39
N ARG A 357 3.95 -12.61 -0.97
CA ARG A 357 2.60 -12.46 -1.56
C ARG A 357 2.57 -12.29 -3.07
N GLY A 358 1.58 -12.87 -3.76
CA GLY A 358 0.53 -13.76 -3.21
C GLY A 358 -0.79 -13.84 -3.97
N GLY A 359 -1.67 -12.87 -3.74
CA GLY A 359 -2.87 -12.69 -4.55
C GLY A 359 -4.19 -12.70 -3.79
N ARG A 360 -5.18 -13.47 -4.28
CA ARG A 360 -6.56 -13.34 -3.80
C ARG A 360 -6.79 -14.08 -2.50
N GLY A 361 -7.33 -13.37 -1.51
CA GLY A 361 -7.45 -13.89 -0.16
C GLY A 361 -8.87 -14.11 0.26
N PRO A 362 -9.10 -14.51 1.51
CA PRO A 362 -10.46 -14.64 2.02
C PRO A 362 -11.13 -13.27 2.19
N ALA A 363 -12.41 -13.30 2.42
CA ALA A 363 -13.19 -12.12 2.50
C ALA A 363 -12.91 -11.47 3.91
N SER A 364 -12.74 -10.16 3.98
CA SER A 364 -12.46 -9.51 5.25
C SER A 364 -13.01 -8.10 5.28
N LYS A 365 -13.13 -7.55 6.47
CA LYS A 365 -13.48 -6.15 6.69
C LYS A 365 -12.58 -5.62 7.78
N THR A 366 -11.91 -4.50 7.51
CA THR A 366 -11.07 -3.86 8.44
C THR A 366 -11.58 -2.45 8.63
N LYS A 367 -11.69 -2.03 9.86
CA LYS A 367 -12.07 -0.68 10.25
C LYS A 367 -10.88 -0.12 10.98
N ALA A 368 -10.72 1.18 11.05
CA ALA A 368 -9.42 1.76 11.56
C ALA A 368 -9.57 3.09 12.28
N GLY A 369 -8.59 3.40 13.11
CA GLY A 369 -8.47 4.65 13.85
C GLY A 369 -7.02 4.93 14.14
N TYR A 370 -6.68 6.21 14.34
CA TYR A 370 -5.42 6.61 14.87
C TYR A 370 -5.55 6.85 16.38
N LEU A 371 -4.52 6.53 17.13
CA LEU A 371 -4.37 6.93 18.52
C LEU A 371 -3.26 7.92 18.74
N ARG A 372 -3.56 8.99 19.50
CA ARG A 372 -2.57 9.92 20.07
C ARG A 372 -2.18 9.59 21.50
N LYS A 373 -3.04 8.88 22.20
CA LYS A 373 -2.86 8.43 23.59
C LYS A 373 -3.39 7.01 23.60
N ARG A 374 -3.16 6.26 24.68
CA ARG A 374 -3.77 4.95 24.76
C ARG A 374 -5.26 4.99 24.76
N LEU A 375 -5.79 3.87 24.32
CA LEU A 375 -7.20 3.58 24.57
C LEU A 375 -7.55 3.80 26.04
N THR A 376 -8.70 4.38 26.30
CA THR A 376 -9.11 4.72 27.66
C THR A 376 -9.56 3.43 28.31
N ASP A 377 -9.75 3.52 29.62
CA ASP A 377 -10.18 2.36 30.36
C ASP A 377 -11.51 1.80 29.87
N ARG A 378 -12.42 2.67 29.47
CA ARG A 378 -13.73 2.29 28.95
C ARG A 378 -13.65 1.68 27.57
N GLN A 379 -12.69 2.14 26.80
CA GLN A 379 -12.41 1.56 25.50
C GLN A 379 -11.78 0.21 25.62
N ILE A 380 -10.87 0.05 26.57
CA ILE A 380 -10.29 -1.26 26.74
C ILE A 380 -11.40 -2.28 27.17
N GLN A 381 -12.29 -1.84 28.04
CA GLN A 381 -13.44 -2.66 28.45
C GLN A 381 -14.21 -3.15 27.22
N ALA A 382 -14.49 -2.22 26.30
CA ALA A 382 -15.22 -2.54 25.07
C ALA A 382 -14.49 -3.52 24.19
N VAL A 383 -13.15 -3.36 24.07
CA VAL A 383 -12.40 -4.34 23.33
C VAL A 383 -12.52 -5.77 23.96
N TYR A 384 -12.27 -5.84 25.28
CA TYR A 384 -12.34 -7.16 25.99
C TYR A 384 -13.67 -7.78 25.76
N GLU A 385 -14.74 -7.03 25.96
CA GLU A 385 -16.08 -7.52 25.84
C GLU A 385 -16.37 -8.11 24.47
N ASN A 386 -16.06 -7.38 23.38
CA ASN A 386 -16.31 -7.93 22.08
C ASN A 386 -15.37 -9.06 21.70
N MET A 387 -14.11 -9.00 22.15
CA MET A 387 -13.17 -10.07 21.80
C MET A 387 -13.46 -11.41 22.53
N THR A 388 -14.18 -11.36 23.65
CA THR A 388 -14.56 -12.55 24.38
C THR A 388 -15.93 -13.06 24.03
N HIS A 389 -16.63 -12.39 23.11
CA HIS A 389 -17.97 -12.75 22.62
C HIS A 389 -18.03 -12.75 21.10
N MET A 390 -17.35 -13.75 20.57
CA MET A 390 -17.18 -13.89 19.13
C MET A 390 -17.56 -15.29 18.66
N ASP A 391 -18.69 -15.77 19.15
CA ASP A 391 -19.20 -17.04 18.70
C ASP A 391 -19.64 -16.91 17.25
N GLY A 392 -19.19 -17.83 16.43
CA GLY A 392 -19.48 -17.84 15.00
C GLY A 392 -18.51 -17.02 14.17
N ILE A 393 -17.56 -16.35 14.81
CA ILE A 393 -16.63 -15.48 14.09
C ILE A 393 -15.42 -16.27 13.78
N ASP A 394 -15.13 -16.46 12.49
CA ASP A 394 -13.97 -17.17 12.04
C ASP A 394 -12.64 -16.54 12.48
N TYR A 395 -12.46 -15.25 12.20
CA TYR A 395 -11.30 -14.49 12.71
C TYR A 395 -11.75 -13.13 13.04
N GLY A 396 -11.39 -12.68 14.25
CA GLY A 396 -11.66 -11.36 14.68
C GLY A 396 -10.46 -10.91 15.48
N ALA A 397 -10.07 -9.62 15.29
CA ALA A 397 -8.89 -9.13 15.99
C ALA A 397 -8.87 -7.60 16.13
N VAL A 398 -8.15 -7.13 17.15
CA VAL A 398 -7.71 -5.73 17.26
C VAL A 398 -6.21 -5.73 17.19
N TRP A 399 -5.64 -4.98 16.24
CA TRP A 399 -4.19 -4.82 16.12
C TRP A 399 -3.83 -3.36 16.47
N LEU A 400 -2.82 -3.20 17.32
CA LEU A 400 -2.37 -1.91 17.76
C LEU A 400 -0.95 -1.81 17.21
N ILE A 401 -0.78 -0.98 16.16
CA ILE A 401 0.43 -0.99 15.32
C ILE A 401 1.26 0.21 15.67
N GLY A 402 2.51 -0.03 16.05
CA GLY A 402 3.49 1.02 16.38
C GLY A 402 3.61 2.07 15.27
N TYR A 403 3.55 3.33 15.64
CA TYR A 403 3.63 4.47 14.71
C TYR A 403 4.35 5.65 15.37
N GLY A 404 4.34 6.82 14.77
CA GLY A 404 5.02 7.98 15.31
C GLY A 404 6.47 8.07 15.01
N GLY A 405 7.26 8.43 16.00
CA GLY A 405 8.71 8.63 15.86
C GLY A 405 8.92 9.71 14.77
N LYS A 406 9.67 9.38 13.75
CA LYS A 406 10.06 10.38 12.70
C LYS A 406 8.95 10.84 11.79
N VAL A 407 7.89 10.06 11.72
CA VAL A 407 6.67 10.50 11.14
C VAL A 407 6.26 11.85 11.69
N ASN A 408 6.47 12.07 12.99
CA ASN A 408 5.90 13.20 13.65
C ASN A 408 6.80 14.41 13.67
N THR A 409 7.83 14.42 12.86
CA THR A 409 8.62 15.67 12.63
C THR A 409 7.92 16.60 11.58
N VAL A 410 6.98 16.07 10.82
CA VAL A 410 6.38 16.77 9.69
C VAL A 410 5.14 17.56 10.14
N ASP A 411 4.96 18.77 9.66
CA ASP A 411 3.80 19.55 9.97
C ASP A 411 2.55 18.89 9.35
N PRO A 412 1.43 18.87 10.04
CA PRO A 412 0.21 18.29 9.54
C PRO A 412 -0.26 18.74 8.16
N ALA A 413 0.07 19.98 7.74
CA ALA A 413 -0.32 20.50 6.43
C ALA A 413 0.75 20.33 5.33
N ALA A 414 1.96 19.92 5.69
CA ALA A 414 3.09 19.75 4.77
C ALA A 414 2.95 18.63 3.86
N THR A 415 2.09 17.67 4.23
CA THR A 415 1.65 16.63 3.33
C THR A 415 0.19 16.49 3.49
N ALA A 416 -0.42 15.63 2.69
CA ALA A 416 -1.87 15.40 2.76
C ALA A 416 -2.25 14.48 3.99
N LEU A 417 -1.27 13.89 4.64
CA LEU A 417 -1.53 13.13 5.90
C LEU A 417 -1.58 14.10 7.09
N PRO A 418 -2.75 14.29 7.70
CA PRO A 418 -2.84 15.30 8.78
C PRO A 418 -2.36 14.78 10.17
N GLN A 419 -2.28 13.46 10.34
CA GLN A 419 -1.99 12.86 11.65
C GLN A 419 -0.50 12.76 11.84
N ARG A 420 0.05 13.76 12.49
CA ARG A 420 1.48 13.90 12.66
C ARG A 420 1.86 14.01 14.14
N ASP A 421 1.00 13.49 15.00
CA ASP A 421 1.42 13.26 16.40
C ASP A 421 0.84 12.01 17.01
N ALA A 422 0.45 11.05 16.16
CA ALA A 422 -0.06 9.78 16.61
C ALA A 422 1.06 8.87 17.09
N ILE A 423 0.68 7.92 17.94
CA ILE A 423 1.60 6.92 18.49
C ILE A 423 1.27 5.50 17.98
N LEU A 424 0.00 5.26 17.61
CA LEU A 424 -0.44 3.91 17.16
C LEU A 424 -1.45 4.05 16.06
N LYS A 425 -1.50 3.06 15.18
CA LYS A 425 -2.62 2.93 14.35
C LYS A 425 -3.38 1.75 14.92
N VAL A 426 -4.66 1.84 14.94
CA VAL A 426 -5.45 0.67 15.46
C VAL A 426 -6.37 0.13 14.40
N ASN A 427 -6.32 -1.18 14.18
CA ASN A 427 -7.18 -1.84 13.27
C ASN A 427 -8.12 -2.82 13.97
N TYR A 428 -9.31 -2.87 13.45
CA TYR A 428 -10.43 -3.72 13.89
C TYR A 428 -10.83 -4.58 12.73
N ILE A 429 -10.52 -5.88 12.82
CA ILE A 429 -10.44 -6.80 11.71
C ILE A 429 -11.36 -8.00 11.88
N THR A 430 -12.08 -8.36 10.84
CA THR A 430 -12.71 -9.70 10.81
C THR A 430 -12.61 -10.26 9.42
N GLY A 431 -12.54 -11.57 9.32
CA GLY A 431 -12.43 -12.30 8.06
C GLY A 431 -13.32 -13.57 8.13
N TRP A 432 -13.86 -13.99 6.99
CA TRP A 432 -14.76 -15.14 6.99
C TRP A 432 -14.51 -16.01 5.77
N ALA A 433 -14.62 -17.33 5.97
CA ALA A 433 -14.30 -18.31 4.89
C ALA A 433 -15.49 -18.51 3.96
N ASN A 434 -16.71 -18.44 4.48
CA ASN A 434 -17.89 -18.64 3.71
C ASN A 434 -18.76 -17.42 3.45
N PRO A 435 -19.02 -17.08 2.19
CA PRO A 435 -19.85 -15.89 1.90
C PRO A 435 -21.21 -15.79 2.58
N GLY A 436 -21.84 -16.93 2.84
CA GLY A 436 -23.06 -17.01 3.70
C GLY A 436 -22.99 -16.40 5.10
N ASN A 437 -21.79 -16.38 5.66
CA ASN A 437 -21.54 -15.81 6.98
C ASN A 437 -21.09 -14.34 7.01
N GLU A 438 -21.02 -13.65 5.87
CA GLU A 438 -20.64 -12.22 5.86
C GLU A 438 -21.41 -11.34 6.86
N ALA A 439 -22.74 -11.44 6.90
CA ALA A 439 -23.52 -10.49 7.67
C ALA A 439 -23.20 -10.58 9.17
N LYS A 440 -22.98 -11.80 9.64
CA LYS A 440 -22.67 -12.03 11.07
C LYS A 440 -21.27 -11.42 11.47
N HIS A 441 -20.31 -11.54 10.57
CA HIS A 441 -18.97 -10.95 10.79
C HIS A 441 -18.99 -9.41 10.69
N LEU A 442 -19.68 -8.85 9.70
CA LEU A 442 -19.86 -7.42 9.63
C LEU A 442 -20.48 -6.92 10.90
N THR A 443 -21.51 -7.61 11.38
CA THR A 443 -22.16 -7.21 12.60
C THR A 443 -21.22 -7.10 13.80
N TRP A 444 -20.40 -8.12 13.95
CA TRP A 444 -19.47 -8.25 15.05
C TRP A 444 -18.42 -7.11 15.02
N VAL A 445 -17.79 -6.90 13.86
CA VAL A 445 -16.71 -5.86 13.81
C VAL A 445 -17.29 -4.46 13.97
N ARG A 446 -18.50 -4.22 13.42
CA ARG A 446 -19.17 -2.97 13.56
C ARG A 446 -19.58 -2.71 14.99
N LYS A 447 -19.97 -3.76 15.72
CA LYS A 447 -20.33 -3.54 17.14
C LYS A 447 -19.04 -3.20 17.90
N LEU A 448 -17.97 -3.98 17.69
CA LEU A 448 -16.67 -3.72 18.30
C LEU A 448 -16.24 -2.25 18.13
N TYR A 449 -16.38 -1.76 16.88
CA TYR A 449 -15.93 -0.42 16.56
C TYR A 449 -16.78 0.60 17.19
N ALA A 450 -18.12 0.46 17.04
CA ALA A 450 -19.09 1.38 17.62
C ALA A 450 -18.99 1.41 19.15
N ASP A 451 -18.68 0.27 19.78
CA ASP A 451 -18.59 0.25 21.28
C ASP A 451 -17.34 1.01 21.70
N VAL A 452 -16.25 0.70 21.01
CA VAL A 452 -15.01 1.43 21.32
C VAL A 452 -15.19 2.93 21.19
N TYR A 453 -15.84 3.36 20.10
CA TYR A 453 -15.99 4.77 19.79
C TYR A 453 -17.37 5.32 20.20
N ALA A 454 -17.97 4.72 21.25
CA ALA A 454 -19.37 5.05 21.62
C ALA A 454 -19.58 6.48 22.08
N GLU A 455 -18.58 7.04 22.70
CA GLU A 455 -18.69 8.41 23.19
C GLU A 455 -18.62 9.47 22.06
N THR A 456 -18.14 9.13 20.87
CA THR A 456 -18.09 10.11 19.74
C THR A 456 -18.74 9.54 18.50
N GLY A 457 -19.96 9.08 18.69
CA GLY A 457 -20.81 8.69 17.58
C GLY A 457 -20.39 7.43 16.81
N GLY A 458 -19.64 6.53 17.45
CA GLY A 458 -19.26 5.29 16.76
C GLY A 458 -18.02 5.37 15.87
N VAL A 459 -17.30 6.52 15.88
CA VAL A 459 -16.16 6.69 15.03
C VAL A 459 -15.11 7.44 15.71
N PRO A 460 -13.85 7.33 15.18
CA PRO A 460 -12.70 7.96 15.89
C PRO A 460 -12.57 9.45 15.58
N VAL A 461 -13.54 10.26 16.05
CA VAL A 461 -13.50 11.67 15.91
C VAL A 461 -12.22 12.16 16.55
N PRO A 462 -11.47 13.02 15.82
CA PRO A 462 -10.33 13.63 16.44
C PRO A 462 -10.57 14.31 17.76
N ASN A 463 -9.89 13.82 18.77
CA ASN A 463 -10.01 14.46 20.11
C ASN A 463 -8.72 14.29 20.85
N ASP A 464 -8.71 14.29 22.17
CA ASP A 464 -7.46 14.10 22.92
C ASP A 464 -6.87 12.76 22.66
N VAL A 465 -7.71 11.74 22.45
CA VAL A 465 -7.25 10.39 22.37
C VAL A 465 -7.14 9.92 20.95
N SER A 466 -8.18 10.12 20.19
CA SER A 466 -8.18 9.65 18.77
C SER A 466 -7.82 10.75 17.74
N ASP A 467 -7.44 10.30 16.52
CA ASP A 467 -7.14 11.24 15.47
C ASP A 467 -7.61 10.88 14.06
N GLY A 468 -8.84 10.41 13.97
CA GLY A 468 -9.44 10.01 12.74
C GLY A 468 -8.91 8.69 12.18
N ALA A 469 -8.78 8.61 10.85
CA ALA A 469 -8.48 7.40 10.15
C ALA A 469 -7.56 7.62 8.98
N TYR A 470 -6.98 6.51 8.51
CA TYR A 470 -5.92 6.45 7.56
C TYR A 470 -6.56 6.01 6.20
N ILE A 471 -6.43 6.84 5.18
CA ILE A 471 -7.09 6.59 3.84
C ILE A 471 -6.62 5.37 3.10
N ASN A 472 -5.45 4.82 3.43
CA ASN A 472 -5.07 3.50 2.87
C ASN A 472 -5.74 2.31 3.49
N TYR A 473 -6.44 2.57 4.60
CA TYR A 473 -7.41 1.62 5.17
C TYR A 473 -8.85 2.10 5.03
N PRO A 474 -9.26 2.35 3.80
CA PRO A 474 -10.59 2.93 3.61
C PRO A 474 -11.73 2.02 4.15
N ASP A 475 -12.72 2.68 4.67
CA ASP A 475 -13.91 2.04 5.27
C ASP A 475 -15.18 2.90 4.95
N SER A 476 -15.98 2.45 3.98
CA SER A 476 -17.25 3.06 3.58
C SER A 476 -18.25 3.26 4.70
N ASP A 477 -18.08 2.54 5.83
CA ASP A 477 -18.94 2.70 6.96
C ASP A 477 -18.80 4.06 7.55
N LEU A 478 -17.66 4.72 7.33
CA LEU A 478 -17.44 6.02 7.89
C LEU A 478 -18.28 7.10 7.19
N ALA A 479 -18.69 6.83 5.97
CA ALA A 479 -19.67 7.66 5.23
C ALA A 479 -21.11 7.14 5.35
N ASP A 480 -21.39 6.19 6.24
CA ASP A 480 -22.74 5.65 6.32
C ASP A 480 -23.32 6.29 7.56
N PRO A 481 -24.27 7.25 7.41
CA PRO A 481 -24.81 7.95 8.62
C PRO A 481 -25.58 7.03 9.62
N GLY A 482 -25.96 5.83 9.21
CA GLY A 482 -26.40 4.80 10.16
C GLY A 482 -25.33 4.27 11.12
N LEU A 483 -24.06 4.31 10.73
CA LEU A 483 -22.95 3.74 11.49
C LEU A 483 -22.13 4.85 12.09
N ASN A 484 -21.96 5.94 11.32
CA ASN A 484 -21.36 7.13 11.81
C ASN A 484 -22.42 8.08 12.28
N THR A 485 -22.57 8.23 13.60
CA THR A 485 -23.53 9.14 14.15
C THR A 485 -22.90 10.33 14.81
N SER A 486 -21.65 10.67 14.49
CA SER A 486 -20.97 11.77 15.15
C SER A 486 -21.33 13.14 14.62
N GLY A 487 -21.95 13.22 13.43
CA GLY A 487 -21.99 14.46 12.70
C GLY A 487 -20.67 14.88 12.07
N VAL A 488 -19.64 14.04 12.09
CA VAL A 488 -18.36 14.40 11.45
C VAL A 488 -18.29 13.62 10.14
N PRO A 489 -18.23 14.32 9.01
CA PRO A 489 -18.14 13.63 7.78
C PRO A 489 -16.86 12.78 7.59
N TRP A 490 -17.01 11.72 6.82
CA TRP A 490 -15.89 10.77 6.52
C TRP A 490 -14.62 11.51 6.16
N HIS A 491 -14.76 12.53 5.29
CA HIS A 491 -13.57 13.24 4.81
C HIS A 491 -12.82 14.01 5.86
N ASP A 492 -13.51 14.43 6.91
CA ASP A 492 -12.84 15.04 8.04
C ASP A 492 -12.13 14.08 8.96
N LEU A 493 -12.61 12.86 9.07
CA LEU A 493 -11.92 11.85 9.82
C LEU A 493 -10.61 11.43 9.06
N TYR A 494 -10.65 11.31 7.73
CA TYR A 494 -9.45 10.91 6.96
C TYR A 494 -8.44 12.05 6.78
N TYR A 495 -8.97 13.23 6.52
CA TYR A 495 -8.09 14.35 6.09
C TYR A 495 -7.99 15.57 6.98
N LYS A 496 -8.82 15.65 8.00
CA LYS A 496 -8.89 16.74 8.93
C LYS A 496 -8.84 18.08 8.21
N GLY A 497 -7.92 18.93 8.63
CA GLY A 497 -7.74 20.30 8.12
C GLY A 497 -7.13 20.32 6.72
N ASN A 498 -6.72 19.16 6.12
CA ASN A 498 -6.28 19.10 4.74
C ASN A 498 -7.42 18.94 3.73
N HIS A 499 -8.66 18.67 4.18
CA HIS A 499 -9.67 18.40 3.27
C HIS A 499 -9.95 19.63 2.29
N PRO A 500 -9.93 20.85 2.84
CA PRO A 500 -10.23 22.00 1.97
C PRO A 500 -9.24 22.13 0.83
N ARG A 501 -7.95 22.03 1.11
CA ARG A 501 -6.96 22.04 0.04
C ARG A 501 -7.09 20.87 -0.92
N LEU A 502 -7.36 19.67 -0.40
CA LEU A 502 -7.59 18.55 -1.31
C LEU A 502 -8.80 18.76 -2.22
N ARG A 503 -9.86 19.40 -1.67
CA ARG A 503 -10.99 19.72 -2.55
C ARG A 503 -10.63 20.74 -3.70
N LYS A 504 -9.81 21.71 -3.41
CA LYS A 504 -9.33 22.65 -4.44
C LYS A 504 -8.51 21.94 -5.51
N VAL A 505 -7.66 20.98 -5.12
CA VAL A 505 -6.91 20.17 -6.08
C VAL A 505 -7.77 19.35 -6.99
N LYS A 506 -8.80 18.73 -6.41
CA LYS A 506 -9.74 17.93 -7.10
C LYS A 506 -10.50 18.80 -8.20
N ALA A 507 -11.06 19.95 -7.78
CA ALA A 507 -11.69 20.89 -8.69
C ALA A 507 -10.73 21.36 -9.80
N ALA A 508 -9.47 21.61 -9.50
CA ALA A 508 -8.52 22.09 -10.49
C ALA A 508 -8.05 21.02 -11.52
N TYR A 509 -7.87 19.78 -11.08
CA TYR A 509 -7.34 18.76 -11.95
C TYR A 509 -8.28 17.71 -12.37
N ASP A 510 -9.41 17.51 -11.71
CA ASP A 510 -10.44 16.56 -12.22
C ASP A 510 -11.83 17.25 -12.17
N PRO A 511 -11.97 18.38 -12.89
CA PRO A 511 -13.24 19.15 -12.84
C PRO A 511 -14.45 18.36 -13.27
N ARG A 512 -14.29 17.32 -14.05
CA ARG A 512 -15.45 16.52 -14.42
C ARG A 512 -15.77 15.38 -13.48
N ASN A 513 -14.97 15.20 -12.43
CA ASN A 513 -15.21 14.11 -11.53
C ASN A 513 -15.23 12.76 -12.26
N HIS A 514 -14.28 12.58 -13.16
CA HIS A 514 -14.19 11.30 -13.87
C HIS A 514 -13.53 10.23 -13.00
N PHE A 515 -12.72 10.63 -12.03
CA PHE A 515 -12.09 9.68 -11.08
C PHE A 515 -12.85 9.72 -9.77
N HIS A 516 -13.62 8.67 -9.51
CA HIS A 516 -14.45 8.63 -8.34
C HIS A 516 -14.77 7.20 -7.85
N HIS A 517 -15.18 7.13 -6.57
CA HIS A 517 -15.53 5.92 -5.85
C HIS A 517 -16.14 6.30 -4.53
N ALA A 518 -16.52 5.32 -3.67
CA ALA A 518 -17.25 5.59 -2.39
C ALA A 518 -16.79 6.69 -1.36
N LEU A 519 -15.51 6.95 -1.32
CA LEU A 519 -14.85 7.84 -0.41
C LEU A 519 -13.86 8.70 -1.27
N SER A 520 -14.30 9.13 -2.46
CA SER A 520 -13.53 10.09 -3.30
C SER A 520 -13.85 11.52 -2.96
N ILE A 521 -12.82 12.33 -3.00
CA ILE A 521 -12.88 13.76 -2.73
C ILE A 521 -13.85 14.35 -3.80
N ARG A 522 -14.79 15.15 -3.33
CA ARG A 522 -15.76 15.82 -4.20
C ARG A 522 -15.21 17.19 -4.56
N PRO A 523 -15.39 17.64 -5.85
CA PRO A 523 -14.86 18.99 -6.21
C PRO A 523 -15.61 20.10 -5.44
N CYS B 26 14.84 5.60 -21.92
CA CYS B 26 15.75 4.59 -21.34
C CYS B 26 16.68 5.19 -20.30
N LEU B 27 16.52 4.75 -19.07
CA LEU B 27 17.35 5.18 -17.99
C LEU B 27 18.58 4.29 -17.91
N PRO B 28 19.68 4.82 -17.39
CA PRO B 28 20.85 3.97 -17.28
C PRO B 28 20.61 2.77 -16.39
N PRO B 29 21.35 1.70 -16.69
CA PRO B 29 21.15 0.49 -15.94
C PRO B 29 21.60 0.67 -14.49
N ALA B 30 21.11 -0.17 -13.61
CA ALA B 30 21.69 -0.32 -12.29
C ALA B 30 23.03 -1.06 -12.35
N GLY B 31 23.77 -1.01 -11.27
CA GLY B 31 25.07 -1.68 -11.20
C GLY B 31 26.18 -0.82 -11.78
N PRO B 32 27.44 -1.27 -11.71
CA PRO B 32 27.84 -2.58 -11.11
C PRO B 32 28.01 -2.44 -9.63
N VAL B 33 27.87 -3.52 -8.89
CA VAL B 33 28.16 -3.55 -7.46
C VAL B 33 29.04 -4.75 -7.17
N LYS B 34 30.19 -4.49 -6.57
CA LYS B 34 31.09 -5.57 -6.07
C LYS B 34 30.78 -5.75 -4.63
N VAL B 35 30.05 -6.82 -4.33
CA VAL B 35 29.62 -7.12 -2.97
C VAL B 35 30.69 -7.99 -2.31
N THR B 36 31.39 -7.40 -1.36
CA THR B 36 32.40 -8.12 -0.58
C THR B 36 31.82 -8.57 0.74
N PRO B 37 32.54 -9.44 1.45
CA PRO B 37 31.99 -9.99 2.69
C PRO B 37 31.58 -9.04 3.79
N ASP B 38 32.07 -7.83 3.80
CA ASP B 38 31.58 -6.89 4.78
C ASP B 38 30.36 -6.08 4.33
N ASP B 39 29.79 -6.40 3.18
CA ASP B 39 28.68 -5.62 2.65
C ASP B 39 27.47 -6.35 3.17
N PRO B 40 26.44 -5.59 3.56
CA PRO B 40 25.30 -6.27 4.12
C PRO B 40 24.55 -7.21 3.17
N ARG B 41 24.65 -6.99 1.86
CA ARG B 41 24.06 -7.88 0.83
C ARG B 41 24.79 -9.19 0.65
N TYR B 42 26.01 -9.34 1.22
CA TYR B 42 26.84 -10.47 0.92
C TYR B 42 26.18 -11.83 1.24
N LEU B 43 25.69 -12.02 2.45
CA LEU B 43 25.15 -13.33 2.83
C LEU B 43 23.89 -13.71 2.02
N ASN B 44 23.00 -12.75 1.82
CA ASN B 44 21.84 -12.95 0.98
C ASN B 44 22.23 -13.53 -0.41
N LEU B 45 23.23 -12.92 -1.03
CA LEU B 45 23.66 -13.31 -2.37
C LEU B 45 24.45 -14.61 -2.32
N LYS B 46 25.29 -14.76 -1.29
CA LYS B 46 26.03 -16.07 -1.10
C LYS B 46 25.09 -17.25 -0.88
N LEU B 47 23.95 -17.00 -0.25
CA LEU B 47 23.02 -18.03 0.13
C LEU B 47 21.80 -18.14 -0.77
N ARG B 48 21.84 -17.58 -1.99
CA ARG B 48 20.62 -17.67 -2.70
C ARG B 48 20.44 -18.88 -3.59
N GLY B 49 21.39 -19.81 -3.55
CA GLY B 49 21.24 -21.10 -4.17
C GLY B 49 20.10 -21.90 -3.55
N ALA B 50 19.41 -22.69 -4.36
CA ALA B 50 18.26 -23.47 -3.94
C ALA B 50 18.61 -24.67 -3.05
N ASN B 51 19.69 -25.34 -3.38
CA ASN B 51 20.10 -26.53 -2.74
C ASN B 51 21.05 -26.23 -1.65
N SER B 52 20.59 -26.42 -0.41
CA SER B 52 21.42 -26.14 0.72
C SER B 52 22.49 -27.18 0.99
N ARG B 53 22.61 -28.24 0.21
CA ARG B 53 23.85 -28.99 0.26
C ARG B 53 25.14 -28.19 -0.06
N PHE B 54 25.09 -27.13 -0.88
CA PHE B 54 26.27 -26.53 -1.41
C PHE B 54 26.51 -25.16 -0.78
N ASN B 55 27.77 -24.90 -0.43
CA ASN B 55 28.22 -23.60 0.01
C ASN B 55 29.56 -23.29 -0.52
N GLY B 56 29.81 -22.01 -0.58
CA GLY B 56 31.08 -21.44 -1.01
C GLY B 56 31.32 -20.11 -0.30
N GLU B 57 32.46 -19.49 -0.55
CA GLU B 57 32.86 -18.26 0.17
C GLU B 57 33.57 -17.46 -0.82
N PRO B 58 32.84 -16.90 -1.77
CA PRO B 58 33.56 -16.11 -2.76
C PRO B 58 34.17 -14.80 -2.18
N ASP B 59 35.29 -14.37 -2.77
CA ASP B 59 35.93 -13.13 -2.39
C ASP B 59 34.92 -11.96 -2.58
N TYR B 60 34.16 -12.01 -3.68
CA TYR B 60 33.10 -11.04 -3.88
C TYR B 60 32.05 -11.58 -4.85
N ILE B 61 30.88 -10.97 -4.77
CA ILE B 61 29.79 -11.21 -5.68
C ILE B 61 29.54 -9.94 -6.49
N HIS B 62 29.52 -10.09 -7.83
CA HIS B 62 29.48 -8.99 -8.74
C HIS B 62 28.06 -8.90 -9.30
N LEU B 63 27.27 -7.89 -8.87
CA LEU B 63 25.97 -7.62 -9.48
C LEU B 63 26.18 -6.78 -10.72
N VAL B 64 25.51 -7.16 -11.78
CA VAL B 64 25.68 -6.56 -13.10
C VAL B 64 24.37 -6.22 -13.72
N GLY B 65 24.26 -5.00 -14.24
CA GLY B 65 22.99 -4.50 -14.75
C GLY B 65 22.94 -4.32 -16.27
N SER B 66 24.05 -4.65 -16.95
CA SER B 66 24.09 -4.60 -18.40
C SER B 66 25.14 -5.57 -18.97
N THR B 67 25.08 -5.80 -20.26
CA THR B 67 26.10 -6.57 -20.98
C THR B 67 27.51 -6.03 -20.79
N GLN B 68 27.70 -4.70 -20.95
CA GLN B 68 29.02 -4.08 -20.75
C GLN B 68 29.54 -4.35 -19.33
N GLN B 69 28.67 -4.23 -18.31
CA GLN B 69 29.16 -4.57 -16.98
C GLN B 69 29.48 -6.08 -16.88
N VAL B 70 28.77 -6.94 -17.59
CA VAL B 70 29.16 -8.39 -17.58
C VAL B 70 30.52 -8.58 -18.20
N ALA B 71 30.72 -7.96 -19.36
CA ALA B 71 32.11 -7.93 -19.99
C ALA B 71 33.18 -7.42 -19.04
N ASP B 72 32.97 -6.32 -18.33
CA ASP B 72 33.99 -5.83 -17.39
C ASP B 72 34.29 -6.77 -16.21
N ALA B 73 33.19 -7.37 -15.66
CA ALA B 73 33.26 -8.31 -14.54
C ALA B 73 34.07 -9.56 -14.98
N VAL B 74 33.77 -10.05 -16.16
CA VAL B 74 34.49 -11.24 -16.73
C VAL B 74 35.98 -10.91 -16.90
N GLU B 75 36.25 -9.76 -17.49
CA GLU B 75 37.63 -9.36 -17.74
C GLU B 75 38.42 -9.22 -16.46
N GLU B 76 37.80 -8.67 -15.44
CA GLU B 76 38.41 -8.60 -14.14
C GLU B 76 38.85 -9.97 -13.64
N THR B 77 38.01 -11.02 -13.79
CA THR B 77 38.36 -12.35 -13.26
C THR B 77 39.51 -12.95 -14.10
N VAL B 78 39.51 -12.62 -15.37
CA VAL B 78 40.63 -13.09 -16.26
C VAL B 78 41.95 -12.45 -15.82
N ARG B 79 41.95 -11.16 -15.62
CA ARG B 79 43.14 -10.41 -15.16
C ARG B 79 43.62 -10.83 -13.81
N THR B 80 42.73 -11.05 -12.86
CA THR B 80 43.16 -11.48 -11.52
C THR B 80 43.35 -12.97 -11.41
N GLY B 81 42.93 -13.69 -12.43
CA GLY B 81 42.94 -15.15 -12.39
C GLY B 81 42.07 -15.79 -11.29
N LYS B 82 40.93 -15.18 -10.97
CA LYS B 82 40.06 -15.73 -9.96
C LYS B 82 38.98 -16.60 -10.59
N ARG B 83 38.79 -17.79 -10.07
CA ARG B 83 37.80 -18.69 -10.63
C ARG B 83 36.36 -18.05 -10.54
N VAL B 84 35.63 -18.02 -11.62
CA VAL B 84 34.30 -17.34 -11.69
C VAL B 84 33.18 -18.38 -11.87
N ALA B 85 31.96 -18.08 -11.38
CA ALA B 85 30.79 -18.75 -11.88
C ALA B 85 29.61 -17.72 -11.93
N VAL B 86 28.68 -17.95 -12.84
CA VAL B 86 27.49 -17.13 -12.98
C VAL B 86 26.39 -17.72 -12.18
N ARG B 87 25.63 -16.85 -11.51
CA ARG B 87 24.40 -17.29 -10.91
C ARG B 87 23.22 -16.51 -11.51
N SER B 88 22.23 -17.23 -12.05
CA SER B 88 20.98 -16.61 -12.47
C SER B 88 19.89 -16.90 -11.46
N GLY B 89 19.22 -18.04 -11.60
CA GLY B 89 18.13 -18.46 -10.70
C GLY B 89 18.63 -19.20 -9.45
N GLY B 90 19.85 -19.75 -9.49
CA GLY B 90 20.36 -20.51 -8.37
C GLY B 90 19.92 -21.97 -8.19
N HIS B 91 19.18 -22.50 -9.13
CA HIS B 91 18.63 -23.82 -8.98
C HIS B 91 19.54 -24.99 -9.36
N CYS B 92 20.84 -24.76 -9.62
CA CYS B 92 21.72 -25.87 -9.98
C CYS B 92 21.59 -27.04 -9.08
N PHE B 93 21.45 -28.24 -9.70
CA PHE B 93 21.43 -29.45 -8.92
C PHE B 93 22.81 -29.84 -8.32
N GLU B 94 23.89 -29.26 -8.82
CA GLU B 94 25.21 -29.59 -8.45
C GLU B 94 25.94 -28.35 -7.94
N ASP B 95 27.17 -28.57 -7.52
CA ASP B 95 27.99 -27.54 -6.86
C ASP B 95 28.71 -26.59 -7.79
N PHE B 96 28.07 -26.31 -8.95
CA PHE B 96 28.74 -25.57 -10.01
C PHE B 96 29.04 -24.10 -9.61
N VAL B 97 28.18 -23.50 -8.83
CA VAL B 97 28.30 -22.12 -8.39
C VAL B 97 28.75 -22.02 -6.93
N ASP B 98 28.15 -22.81 -6.03
CA ASP B 98 28.46 -22.75 -4.62
C ASP B 98 29.47 -23.88 -4.21
N ASN B 99 30.73 -23.55 -4.21
CA ASN B 99 31.74 -24.51 -3.88
C ASN B 99 32.97 -23.76 -3.44
N PRO B 100 33.86 -24.42 -2.63
CA PRO B 100 34.92 -23.63 -2.00
C PRO B 100 35.95 -23.01 -2.95
N ASP B 101 36.03 -23.50 -4.17
CA ASP B 101 36.95 -22.96 -5.19
C ASP B 101 36.50 -21.77 -6.00
N VAL B 102 35.21 -21.47 -6.03
CA VAL B 102 34.70 -20.29 -6.76
C VAL B 102 35.05 -19.07 -6.00
N LYS B 103 35.77 -18.15 -6.65
CA LYS B 103 36.20 -16.94 -5.98
C LYS B 103 35.37 -15.71 -6.31
N VAL B 104 34.73 -15.69 -7.48
CA VAL B 104 33.83 -14.68 -7.88
C VAL B 104 32.54 -15.23 -8.44
N ILE B 105 31.42 -14.69 -8.00
CA ILE B 105 30.18 -15.02 -8.56
C ILE B 105 29.73 -13.80 -9.32
N ILE B 106 29.34 -13.98 -10.57
CA ILE B 106 28.69 -12.92 -11.33
C ILE B 106 27.17 -13.22 -11.20
N ASP B 107 26.50 -12.36 -10.44
CA ASP B 107 25.06 -12.53 -10.10
C ASP B 107 24.22 -11.72 -11.07
N MET B 108 23.32 -12.40 -11.78
CA MET B 108 22.50 -11.84 -12.87
C MET B 108 21.16 -11.26 -12.43
N SER B 109 20.99 -11.04 -11.16
CA SER B 109 19.70 -10.66 -10.55
C SER B 109 19.09 -9.35 -11.08
N LEU B 110 19.90 -8.38 -11.45
CA LEU B 110 19.44 -7.12 -12.02
C LEU B 110 19.10 -7.18 -13.55
N LEU B 111 19.33 -8.31 -14.24
CA LEU B 111 19.06 -8.38 -15.68
C LEU B 111 17.81 -9.05 -15.91
N THR B 112 16.72 -8.30 -15.93
CA THR B 112 15.40 -8.92 -15.95
C THR B 112 14.44 -8.40 -17.03
N GLU B 113 14.97 -7.83 -18.07
CA GLU B 113 14.09 -7.41 -19.20
C GLU B 113 13.35 -8.59 -19.88
N ILE B 114 12.06 -8.36 -20.13
CA ILE B 114 11.26 -9.23 -21.00
C ILE B 114 10.51 -8.30 -21.99
N ALA B 115 10.78 -8.41 -23.31
CA ALA B 115 10.17 -7.52 -24.25
C ALA B 115 10.19 -8.07 -25.64
N TYR B 116 9.24 -7.60 -26.43
CA TYR B 116 9.32 -7.79 -27.90
C TYR B 116 10.43 -6.95 -28.43
N ASP B 117 11.36 -7.58 -29.16
CA ASP B 117 12.46 -6.84 -29.79
C ASP B 117 12.17 -6.73 -31.31
N PRO B 118 11.81 -5.53 -31.81
CA PRO B 118 11.56 -5.46 -33.24
C PRO B 118 12.78 -5.63 -34.11
N SER B 119 13.95 -5.31 -33.66
CA SER B 119 15.11 -5.55 -34.51
C SER B 119 15.42 -7.05 -34.71
N MET B 120 15.06 -7.91 -33.77
CA MET B 120 15.24 -9.34 -33.92
C MET B 120 13.98 -10.01 -34.33
N ASN B 121 12.83 -9.29 -34.32
CA ASN B 121 11.47 -9.87 -34.48
C ASN B 121 11.36 -11.15 -33.63
N ALA B 122 11.67 -10.96 -32.33
CA ALA B 122 11.69 -12.06 -31.37
C ALA B 122 11.52 -11.50 -29.96
N PHE B 123 11.18 -12.37 -28.98
CA PHE B 123 11.13 -11.94 -27.57
C PHE B 123 12.47 -12.00 -26.88
N LEU B 124 12.92 -10.86 -26.35
CA LEU B 124 14.12 -10.76 -25.59
C LEU B 124 13.73 -11.10 -24.14
N ILE B 125 14.45 -12.09 -23.58
CA ILE B 125 14.31 -12.55 -22.25
C ILE B 125 15.70 -12.61 -21.60
N GLU B 126 15.90 -11.85 -20.55
CA GLU B 126 17.19 -11.72 -19.89
C GLU B 126 17.34 -12.79 -18.79
N PRO B 127 18.58 -13.23 -18.54
CA PRO B 127 18.88 -14.43 -17.68
C PRO B 127 18.51 -14.33 -16.22
N GLY B 128 18.38 -13.10 -15.70
CA GLY B 128 18.04 -12.92 -14.33
C GLY B 128 16.56 -13.08 -14.03
N ASN B 129 15.72 -13.16 -15.04
CA ASN B 129 14.33 -13.51 -14.84
C ASN B 129 14.17 -14.92 -14.26
N THR B 130 13.19 -15.07 -13.41
CA THR B 130 12.66 -16.40 -13.10
C THR B 130 11.56 -16.86 -14.11
N LEU B 131 11.31 -18.16 -14.22
CA LEU B 131 10.27 -18.68 -15.09
C LEU B 131 8.93 -18.09 -14.76
N SER B 132 8.62 -17.94 -13.51
CA SER B 132 7.33 -17.42 -13.18
C SER B 132 7.15 -15.97 -13.66
N GLU B 133 8.20 -15.11 -13.65
CA GLU B 133 8.15 -13.76 -14.24
C GLU B 133 7.97 -13.80 -15.74
N VAL B 134 8.58 -14.80 -16.40
CA VAL B 134 8.49 -14.94 -17.83
C VAL B 134 7.09 -15.33 -18.20
N TYR B 135 6.55 -16.36 -17.55
CA TYR B 135 5.22 -16.85 -17.90
C TYR B 135 4.18 -15.73 -17.71
N GLU B 136 4.27 -14.99 -16.65
CA GLU B 136 3.28 -13.89 -16.41
C GLU B 136 3.32 -12.79 -17.43
N LYS B 137 4.53 -12.31 -17.72
CA LYS B 137 4.72 -11.18 -18.61
C LYS B 137 4.38 -11.56 -20.06
N LEU B 138 4.83 -12.73 -20.50
CA LEU B 138 4.47 -13.21 -21.85
C LEU B 138 2.98 -13.43 -22.01
N TYR B 139 2.33 -13.90 -20.97
CA TYR B 139 0.94 -14.13 -21.00
C TYR B 139 0.15 -12.83 -21.02
N LEU B 140 0.40 -11.95 -20.09
CA LEU B 140 -0.32 -10.65 -20.07
C LEU B 140 -0.07 -9.81 -21.30
N GLY B 141 1.17 -9.71 -21.74
CA GLY B 141 1.51 -8.85 -22.80
C GLY B 141 0.97 -9.31 -24.15
N TRP B 142 1.05 -10.63 -24.41
CA TRP B 142 0.92 -11.17 -25.75
C TRP B 142 0.15 -12.45 -25.89
N ASN B 143 -0.35 -13.00 -24.80
CA ASN B 143 -1.04 -14.28 -24.75
C ASN B 143 -0.17 -15.35 -25.38
N VAL B 144 1.10 -15.33 -24.96
CA VAL B 144 2.05 -16.39 -25.40
C VAL B 144 2.76 -16.98 -24.17
N THR B 145 3.50 -18.06 -24.38
CA THR B 145 4.28 -18.71 -23.32
C THR B 145 5.52 -19.42 -23.97
N ILE B 146 6.37 -20.00 -23.13
CA ILE B 146 7.40 -20.94 -23.64
C ILE B 146 7.22 -22.20 -22.84
N PRO B 147 7.49 -23.37 -23.45
CA PRO B 147 7.21 -24.64 -22.83
C PRO B 147 8.34 -25.11 -21.92
N GLY B 148 8.48 -24.40 -20.81
CA GLY B 148 9.59 -24.53 -19.87
C GLY B 148 9.10 -25.18 -18.60
N GLY B 149 9.93 -25.06 -17.58
CA GLY B 149 9.72 -25.79 -16.37
C GLY B 149 8.58 -25.28 -15.52
N VAL B 150 8.23 -26.07 -14.53
CA VAL B 150 7.14 -25.77 -13.60
C VAL B 150 7.57 -24.92 -12.44
N CYS B 151 8.74 -25.18 -11.86
CA CYS B 151 9.15 -24.53 -10.60
C CYS B 151 9.42 -23.04 -10.84
N GLY B 152 8.67 -22.17 -10.19
CA GLY B 152 8.67 -20.78 -10.53
C GLY B 152 10.02 -20.07 -10.38
N GLY B 153 10.83 -20.51 -9.40
CA GLY B 153 12.04 -19.80 -9.01
C GLY B 153 13.23 -20.09 -9.94
N VAL B 154 13.07 -21.07 -10.81
CA VAL B 154 14.13 -21.45 -11.79
C VAL B 154 14.47 -20.26 -12.68
N GLY B 155 15.77 -20.04 -12.85
CA GLY B 155 16.29 -18.92 -13.61
C GLY B 155 16.35 -19.21 -15.07
N VAL B 156 16.05 -18.19 -15.86
CA VAL B 156 16.18 -18.27 -17.29
C VAL B 156 17.64 -18.67 -17.68
N GLY B 157 18.62 -18.07 -17.00
CA GLY B 157 20.00 -18.15 -17.38
C GLY B 157 20.44 -19.62 -17.53
N GLY B 158 20.29 -20.43 -16.48
CA GLY B 158 20.65 -21.84 -16.61
C GLY B 158 19.61 -22.68 -17.37
N HIS B 159 18.35 -22.35 -17.23
CA HIS B 159 17.29 -23.20 -17.73
C HIS B 159 17.28 -23.29 -19.29
N ILE B 160 17.33 -22.16 -19.96
CA ILE B 160 17.18 -22.22 -21.39
C ILE B 160 18.36 -22.98 -22.06
N CYS B 161 19.59 -22.62 -21.76
CA CYS B 161 20.72 -23.21 -22.50
C CYS B 161 20.89 -24.69 -22.19
N GLY B 162 20.31 -25.13 -21.09
CA GLY B 162 20.30 -26.49 -20.67
C GLY B 162 19.19 -27.35 -21.22
N GLY B 163 18.27 -26.80 -21.98
CA GLY B 163 17.22 -27.62 -22.62
C GLY B 163 15.90 -27.70 -21.88
N GLY B 164 15.49 -26.62 -21.21
CA GLY B 164 14.37 -26.64 -20.34
C GLY B 164 13.11 -27.22 -20.97
N TYR B 165 12.30 -27.90 -20.17
CA TYR B 165 11.06 -28.48 -20.67
C TYR B 165 10.08 -28.48 -19.51
N GLY B 166 8.83 -28.82 -19.78
CA GLY B 166 7.87 -28.98 -18.71
C GLY B 166 6.55 -29.51 -19.20
N PRO B 167 5.48 -29.19 -18.51
CA PRO B 167 4.18 -29.78 -18.89
C PRO B 167 3.65 -29.50 -20.29
N LEU B 168 4.00 -28.39 -20.90
CA LEU B 168 3.64 -28.10 -22.28
C LEU B 168 4.55 -28.70 -23.35
N SER B 169 5.59 -29.46 -22.95
CA SER B 169 6.60 -29.92 -23.93
C SER B 169 6.07 -31.00 -24.88
N ARG B 170 5.12 -31.81 -24.42
CA ARG B 170 4.48 -32.78 -25.36
C ARG B 170 3.70 -32.06 -26.44
N GLN B 171 3.19 -30.86 -26.09
CA GLN B 171 2.44 -30.08 -27.02
C GLN B 171 3.31 -29.21 -27.88
N PHE B 172 4.34 -28.55 -27.32
CA PHE B 172 5.14 -27.57 -28.10
C PHE B 172 6.65 -27.76 -28.25
N GLY B 173 7.21 -28.74 -27.59
CA GLY B 173 8.64 -29.07 -27.69
C GLY B 173 9.40 -28.56 -26.44
N SER B 174 10.73 -28.53 -26.55
CA SER B 174 11.61 -27.96 -25.52
C SER B 174 11.63 -26.47 -25.69
N VAL B 175 11.91 -25.73 -24.62
CA VAL B 175 12.24 -24.27 -24.86
C VAL B 175 13.31 -24.00 -25.89
N VAL B 176 14.25 -24.94 -26.04
CA VAL B 176 15.25 -24.70 -27.05
C VAL B 176 14.79 -24.75 -28.50
N ASP B 177 13.64 -25.33 -28.73
CA ASP B 177 13.07 -25.33 -30.05
C ASP B 177 12.48 -23.97 -30.39
N TYR B 178 12.51 -22.99 -29.43
CA TYR B 178 12.13 -21.62 -29.65
C TYR B 178 13.27 -20.68 -29.50
N LEU B 179 14.49 -21.21 -29.45
CA LEU B 179 15.64 -20.34 -29.24
C LEU B 179 16.14 -19.85 -30.63
N TYR B 180 16.05 -18.55 -30.81
CA TYR B 180 16.49 -17.83 -31.99
C TYR B 180 17.90 -17.29 -31.90
N ALA B 181 18.23 -16.69 -30.79
CA ALA B 181 19.54 -16.10 -30.63
C ALA B 181 19.95 -16.00 -29.16
N VAL B 182 21.21 -15.77 -28.94
CA VAL B 182 21.79 -15.55 -27.65
C VAL B 182 22.82 -14.45 -27.80
N GLU B 183 22.93 -13.59 -26.81
CA GLU B 183 24.05 -12.72 -26.69
C GLU B 183 24.91 -13.29 -25.60
N VAL B 184 26.22 -13.37 -25.87
CA VAL B 184 27.14 -14.08 -24.97
C VAL B 184 28.42 -13.31 -24.79
N VAL B 185 28.87 -13.18 -23.54
CA VAL B 185 30.17 -12.64 -23.27
C VAL B 185 31.18 -13.80 -23.20
N VAL B 186 32.16 -13.80 -24.11
CA VAL B 186 33.15 -14.89 -24.24
C VAL B 186 34.53 -14.27 -24.04
N VAL B 187 35.53 -15.11 -23.74
CA VAL B 187 36.88 -14.72 -23.54
C VAL B 187 37.71 -15.37 -24.60
N ASN B 188 38.49 -14.56 -25.34
CA ASN B 188 39.36 -15.08 -26.39
C ASN B 188 40.72 -15.56 -25.89
N LYS B 189 41.57 -16.12 -26.76
CA LYS B 189 42.90 -16.64 -26.37
C LYS B 189 43.74 -15.60 -25.69
N GLN B 190 43.57 -14.34 -26.10
CA GLN B 190 44.37 -13.25 -25.55
C GLN B 190 43.85 -12.78 -24.19
N GLY B 191 42.75 -13.34 -23.72
CA GLY B 191 42.24 -12.96 -22.41
C GLY B 191 41.28 -11.78 -22.45
N LYS B 192 40.84 -11.34 -23.61
CA LYS B 192 39.85 -10.23 -23.72
C LYS B 192 38.39 -10.73 -23.80
N ALA B 193 37.51 -9.98 -23.20
CA ALA B 193 36.11 -10.27 -23.19
C ALA B 193 35.51 -9.69 -24.41
N ARG B 194 34.76 -10.45 -25.19
CA ARG B 194 34.04 -9.96 -26.34
C ARG B 194 32.55 -10.31 -26.22
N VAL B 195 31.70 -9.53 -26.86
CA VAL B 195 30.33 -9.80 -26.95
C VAL B 195 29.95 -10.30 -28.30
N ILE B 196 29.26 -11.44 -28.34
CA ILE B 196 28.79 -12.01 -29.58
C ILE B 196 27.28 -12.20 -29.52
N VAL B 197 26.60 -11.77 -30.58
CA VAL B 197 25.23 -12.07 -30.77
C VAL B 197 25.21 -13.19 -31.81
N ALA B 198 24.66 -14.34 -31.43
CA ALA B 198 24.66 -15.51 -32.26
C ALA B 198 23.29 -16.02 -32.51
N THR B 199 22.92 -16.10 -33.80
CA THR B 199 21.63 -16.51 -34.22
C THR B 199 21.63 -17.83 -34.90
N ARG B 200 20.45 -18.37 -35.02
CA ARG B 200 20.25 -19.60 -35.73
C ARG B 200 20.21 -19.49 -37.30
N GLU B 201 20.43 -18.30 -37.85
CA GLU B 201 20.40 -18.10 -39.31
C GLU B 201 21.54 -18.89 -39.89
N ARG B 202 21.23 -19.64 -40.95
CA ARG B 202 22.17 -20.64 -41.47
C ARG B 202 23.49 -20.01 -41.85
N ASP B 203 23.40 -18.75 -42.27
CA ASP B 203 24.50 -17.90 -42.68
C ASP B 203 25.18 -17.04 -41.59
N ASP B 204 24.76 -17.19 -40.33
CA ASP B 204 25.37 -16.42 -39.22
C ASP B 204 26.72 -17.05 -38.97
N PRO B 205 27.77 -16.26 -38.90
CA PRO B 205 29.08 -16.85 -38.71
C PRO B 205 29.30 -17.44 -37.30
N HIS B 206 28.37 -17.25 -36.35
CA HIS B 206 28.51 -17.76 -34.99
C HIS B 206 27.34 -18.64 -34.69
N HIS B 207 26.77 -19.16 -35.74
CA HIS B 207 25.63 -20.08 -35.70
C HIS B 207 25.96 -21.31 -34.83
N ASP B 208 27.25 -21.65 -34.74
CA ASP B 208 27.72 -22.78 -33.92
C ASP B 208 27.53 -22.50 -32.41
N LEU B 209 27.80 -21.26 -32.01
CA LEU B 209 27.57 -20.75 -30.66
C LEU B 209 26.13 -20.80 -30.27
N TRP B 210 25.23 -20.36 -31.15
CA TRP B 210 23.78 -20.50 -31.00
C TRP B 210 23.46 -22.00 -30.76
N TRP B 211 23.99 -22.88 -31.64
CA TRP B 211 23.62 -24.30 -31.55
C TRP B 211 23.98 -24.89 -30.15
N ALA B 212 25.13 -24.50 -29.65
CA ALA B 212 25.63 -25.05 -28.41
C ALA B 212 24.73 -24.62 -27.24
N HIS B 213 24.03 -23.49 -27.37
CA HIS B 213 23.08 -23.01 -26.36
C HIS B 213 21.68 -23.62 -26.47
N THR B 214 21.50 -24.58 -27.36
CA THR B 214 20.24 -25.30 -27.47
C THR B 214 20.36 -26.65 -26.73
N GLY B 215 20.91 -26.60 -25.49
CA GLY B 215 21.07 -27.82 -24.73
C GLY B 215 22.47 -28.08 -24.23
N GLY B 216 23.47 -27.24 -24.58
CA GLY B 216 24.81 -27.55 -24.08
C GLY B 216 24.98 -27.40 -22.56
N GLY B 217 24.11 -26.59 -21.93
CA GLY B 217 24.19 -26.33 -20.50
C GLY B 217 24.99 -25.12 -20.14
N GLY B 218 24.67 -24.60 -18.95
CA GLY B 218 25.29 -23.40 -18.41
C GLY B 218 26.69 -23.61 -17.92
N GLY B 219 27.41 -22.48 -17.83
CA GLY B 219 28.74 -22.39 -17.25
C GLY B 219 29.86 -22.99 -18.10
N ASN B 220 29.59 -23.14 -19.42
CA ASN B 220 30.52 -23.78 -20.38
C ASN B 220 31.16 -22.79 -21.35
N PHE B 221 30.35 -21.94 -21.98
CA PHE B 221 30.89 -21.17 -23.13
C PHE B 221 31.21 -19.75 -22.84
N GLY B 222 30.59 -19.19 -21.82
CA GLY B 222 30.63 -17.73 -21.63
C GLY B 222 29.36 -17.34 -20.85
N VAL B 223 29.19 -16.05 -20.63
CA VAL B 223 28.04 -15.52 -19.89
C VAL B 223 26.92 -15.13 -20.89
N VAL B 224 25.80 -15.85 -20.83
CA VAL B 224 24.67 -15.48 -21.58
C VAL B 224 24.06 -14.24 -20.94
N THR B 225 23.92 -13.18 -21.76
CA THR B 225 23.34 -11.92 -21.33
C THR B 225 21.97 -11.69 -21.84
N LYS B 226 21.57 -12.30 -22.93
CA LYS B 226 20.27 -12.18 -23.50
C LYS B 226 19.92 -13.48 -24.25
N TYR B 227 18.67 -13.87 -24.17
CA TYR B 227 18.13 -14.87 -24.99
C TYR B 227 17.04 -14.22 -25.83
N TRP B 228 16.92 -14.68 -27.07
CA TRP B 228 15.78 -14.27 -27.94
C TRP B 228 15.01 -15.47 -28.41
N MET B 229 13.71 -15.42 -28.21
CA MET B 229 12.84 -16.59 -28.33
C MET B 229 11.77 -16.29 -29.40
N ARG B 230 11.54 -17.25 -30.26
CA ARG B 230 10.50 -17.21 -31.26
C ARG B 230 10.34 -18.55 -32.01
N VAL B 231 9.16 -18.71 -32.61
CA VAL B 231 8.88 -19.85 -33.49
C VAL B 231 9.83 -19.82 -34.70
N PRO B 232 10.25 -21.00 -35.17
CA PRO B 232 11.14 -21.00 -36.38
C PRO B 232 10.42 -20.56 -37.73
N GLU B 233 9.12 -20.87 -37.86
CA GLU B 233 8.31 -20.49 -39.03
C GLU B 233 8.15 -18.97 -39.19
N ASP B 234 8.06 -18.54 -40.44
CA ASP B 234 7.73 -17.15 -40.77
C ASP B 234 6.26 -16.90 -40.47
N VAL B 235 5.95 -15.96 -39.60
CA VAL B 235 4.54 -15.70 -39.23
C VAL B 235 4.29 -14.23 -39.19
N GLY B 236 5.13 -13.51 -39.90
CA GLY B 236 5.10 -12.09 -39.88
C GLY B 236 5.76 -11.51 -38.67
N ARG B 237 5.33 -10.28 -38.35
CA ARG B 237 5.90 -9.48 -37.28
C ARG B 237 4.89 -9.30 -36.14
N ASN B 238 3.86 -10.13 -36.13
CA ASN B 238 2.87 -10.09 -35.10
C ASN B 238 3.38 -10.82 -33.78
N PRO B 239 3.68 -10.07 -32.70
CA PRO B 239 4.28 -10.71 -31.51
C PRO B 239 3.42 -11.80 -30.93
N GLU B 240 2.10 -11.66 -31.10
CA GLU B 240 1.20 -12.67 -30.66
C GLU B 240 1.24 -14.00 -31.39
N ARG B 241 1.92 -14.07 -32.53
CA ARG B 241 2.09 -15.34 -33.24
C ARG B 241 3.49 -15.88 -33.08
N LEU B 242 4.34 -15.15 -32.39
CA LEU B 242 5.77 -15.48 -32.35
C LEU B 242 6.18 -16.51 -31.30
N LEU B 243 5.23 -16.95 -30.48
CA LEU B 243 5.48 -17.96 -29.48
C LEU B 243 4.24 -18.71 -29.29
N PRO B 244 4.31 -19.95 -28.76
CA PRO B 244 3.04 -20.67 -28.61
C PRO B 244 2.01 -20.00 -27.69
N LYS B 245 0.74 -20.26 -28.02
CA LYS B 245 -0.35 -19.77 -27.24
C LYS B 245 -0.58 -20.78 -26.16
N PRO B 246 -0.59 -20.35 -24.87
CA PRO B 246 -0.89 -21.36 -23.87
C PRO B 246 -2.39 -21.77 -23.88
N PRO B 247 -2.72 -22.91 -23.32
CA PRO B 247 -4.13 -23.33 -23.18
C PRO B 247 -4.88 -22.37 -22.31
N ALA B 248 -6.07 -21.96 -22.71
CA ALA B 248 -6.84 -21.05 -21.86
C ALA B 248 -7.14 -21.66 -20.49
N THR B 249 -7.43 -22.94 -20.50
CA THR B 249 -7.71 -23.68 -19.28
C THR B 249 -7.14 -25.10 -19.34
N LEU B 250 -6.99 -25.70 -18.16
CA LEU B 250 -6.44 -27.03 -17.95
C LEU B 250 -7.42 -27.83 -17.15
N LEU B 251 -7.63 -29.07 -17.58
CA LEU B 251 -8.29 -30.05 -16.77
C LEU B 251 -7.25 -30.86 -16.00
N THR B 252 -7.37 -30.88 -14.70
CA THR B 252 -6.36 -31.41 -13.81
C THR B 252 -6.98 -32.36 -12.88
N SER B 253 -6.16 -33.34 -12.48
CA SER B 253 -6.56 -34.29 -11.50
C SER B 253 -5.33 -34.90 -10.84
N THR B 254 -5.33 -35.18 -9.55
CA THR B 254 -4.23 -35.92 -8.92
C THR B 254 -4.67 -37.31 -8.38
N VAL B 255 -4.25 -38.39 -9.07
CA VAL B 255 -4.51 -39.75 -8.57
C VAL B 255 -3.61 -40.07 -7.41
N THR B 256 -4.16 -40.53 -6.30
CA THR B 256 -3.37 -40.82 -5.09
C THR B 256 -3.28 -42.31 -4.81
N PHE B 257 -2.16 -42.75 -4.24
CA PHE B 257 -1.94 -44.18 -4.03
C PHE B 257 -1.59 -44.43 -2.59
N ASP B 258 -2.20 -45.47 -2.00
CA ASP B 258 -1.94 -45.75 -0.60
C ASP B 258 -0.85 -46.84 -0.44
N TRP B 259 0.23 -46.50 0.25
CA TRP B 259 1.36 -47.44 0.36
C TRP B 259 0.94 -48.69 1.13
N ALA B 260 0.02 -48.57 2.07
CA ALA B 260 -0.44 -49.74 2.87
C ALA B 260 -1.06 -50.89 2.05
N GLY B 261 -1.67 -50.61 0.91
CA GLY B 261 -2.18 -51.68 0.03
C GLY B 261 -1.30 -52.00 -1.15
N MET B 262 -0.17 -51.33 -1.25
CA MET B 262 0.62 -51.38 -2.45
C MET B 262 1.60 -52.53 -2.34
N THR B 263 1.09 -53.70 -2.58
CA THR B 263 1.94 -54.89 -2.65
C THR B 263 2.87 -54.84 -3.86
N GLU B 264 3.86 -55.72 -3.90
CA GLU B 264 4.74 -55.77 -5.05
C GLU B 264 3.98 -56.01 -6.32
N ALA B 265 2.98 -56.91 -6.31
CA ALA B 265 2.23 -57.16 -7.53
C ALA B 265 1.44 -55.95 -7.93
N ALA B 266 0.85 -55.23 -6.96
CA ALA B 266 0.05 -54.01 -7.28
C ALA B 266 0.99 -52.89 -7.88
N PHE B 267 2.07 -52.64 -7.14
CA PHE B 267 3.16 -51.71 -7.57
C PHE B 267 3.61 -51.99 -8.95
N SER B 268 3.91 -53.24 -9.20
CA SER B 268 4.43 -53.57 -10.50
C SER B 268 3.42 -53.50 -11.67
N ARG B 269 2.17 -53.86 -11.40
CA ARG B 269 1.16 -53.63 -12.38
C ARG B 269 1.06 -52.10 -12.70
N LEU B 270 1.07 -51.29 -11.67
CA LEU B 270 0.98 -49.77 -11.90
C LEU B 270 2.09 -49.26 -12.86
N LEU B 271 3.32 -49.64 -12.53
CA LEU B 271 4.44 -49.20 -13.40
C LEU B 271 4.40 -49.75 -14.78
N ARG B 272 3.98 -51.02 -14.94
CA ARG B 272 3.85 -51.55 -16.27
C ARG B 272 2.73 -50.85 -17.05
N ASN B 273 1.56 -50.69 -16.40
CA ASN B 273 0.48 -49.94 -17.01
C ASN B 273 0.94 -48.55 -17.49
N HIS B 274 1.47 -47.81 -16.54
CA HIS B 274 1.95 -46.40 -16.81
C HIS B 274 2.97 -46.41 -17.95
N GLY B 275 3.91 -47.36 -17.94
CA GLY B 275 4.97 -47.33 -18.96
C GLY B 275 4.48 -47.71 -20.32
N GLU B 276 3.64 -48.75 -20.38
CA GLU B 276 3.06 -49.14 -21.67
C GLU B 276 2.22 -47.96 -22.20
N TRP B 277 1.49 -47.30 -21.31
CA TRP B 277 0.68 -46.15 -21.77
C TRP B 277 1.57 -45.13 -22.45
N TYR B 278 2.70 -44.75 -21.80
CA TYR B 278 3.61 -43.82 -22.44
C TYR B 278 4.27 -44.33 -23.68
N GLU B 279 4.53 -45.65 -23.78
CA GLU B 279 5.11 -46.14 -25.01
C GLU B 279 4.13 -45.98 -26.15
N ARG B 280 2.83 -46.07 -25.87
CA ARG B 280 1.89 -46.06 -26.96
C ARG B 280 1.46 -44.66 -27.30
N ASN B 281 1.45 -43.76 -26.31
CA ASN B 281 0.82 -42.46 -26.53
C ASN B 281 1.73 -41.22 -26.46
N SER B 282 2.95 -41.33 -26.99
CA SER B 282 3.94 -40.23 -26.98
C SER B 282 4.42 -39.84 -28.31
N GLY B 283 3.70 -40.23 -29.35
CA GLY B 283 4.00 -39.74 -30.69
C GLY B 283 3.53 -38.28 -30.87
N PRO B 284 4.22 -37.56 -31.75
CA PRO B 284 3.84 -36.18 -32.05
C PRO B 284 2.49 -35.96 -32.72
N ASP B 285 1.86 -36.99 -33.28
CA ASP B 285 0.47 -36.87 -33.82
C ASP B 285 -0.58 -37.47 -32.90
N SER B 286 -0.20 -37.85 -31.70
CA SER B 286 -1.16 -38.36 -30.76
C SER B 286 -2.07 -37.21 -30.29
N PRO B 287 -3.37 -37.51 -30.03
CA PRO B 287 -4.26 -36.57 -29.32
C PRO B 287 -3.76 -36.27 -27.90
N TYR B 288 -2.88 -37.15 -27.40
CA TYR B 288 -2.31 -37.04 -26.09
C TYR B 288 -1.08 -36.08 -25.94
N THR B 289 -0.65 -35.48 -27.00
CA THR B 289 0.35 -34.42 -26.93
C THR B 289 -0.17 -33.26 -26.04
N GLY B 290 -1.50 -33.10 -25.94
CA GLY B 290 -2.06 -32.17 -24.98
C GLY B 290 -2.23 -32.63 -23.55
N LEU B 291 -1.74 -33.81 -23.17
CA LEU B 291 -1.78 -34.28 -21.80
C LEU B 291 -0.34 -34.44 -21.25
N TRP B 292 -0.23 -34.26 -19.94
CA TRP B 292 0.97 -34.54 -19.23
C TRP B 292 0.64 -35.03 -17.89
N SER B 293 1.48 -35.95 -17.39
CA SER B 293 1.44 -36.41 -16.04
C SER B 293 2.82 -36.67 -15.54
N GLN B 294 2.92 -36.76 -14.22
CA GLN B 294 4.03 -37.34 -13.56
C GLN B 294 3.69 -38.31 -12.48
N LEU B 295 4.21 -39.53 -12.59
CA LEU B 295 4.04 -40.51 -11.50
C LEU B 295 5.12 -40.32 -10.42
N MET B 296 4.70 -39.95 -9.22
CA MET B 296 5.58 -39.61 -8.16
C MET B 296 5.49 -40.70 -7.13
N ILE B 297 6.57 -41.48 -7.05
CA ILE B 297 6.68 -42.58 -6.12
C ILE B 297 7.58 -42.25 -4.95
N GLY B 298 7.02 -41.62 -3.90
CA GLY B 298 7.71 -41.06 -2.79
C GLY B 298 7.16 -41.52 -1.46
N ASN B 299 7.95 -41.49 -0.40
CA ASN B 299 7.36 -41.66 0.94
C ASN B 299 6.61 -40.36 1.32
N GLU B 300 5.56 -40.46 2.14
CA GLU B 300 4.76 -39.26 2.55
C GLU B 300 5.49 -38.60 3.67
N VAL B 301 5.68 -37.30 3.57
CA VAL B 301 6.41 -36.53 4.55
C VAL B 301 5.41 -35.49 5.09
N PRO B 302 5.15 -35.50 6.42
CA PRO B 302 4.21 -34.50 7.00
C PRO B 302 4.21 -33.08 6.39
N GLY B 303 5.31 -32.34 6.41
CA GLY B 303 5.27 -30.91 6.02
C GLY B 303 5.10 -30.52 4.54
N MET B 304 5.00 -31.50 3.62
CA MET B 304 5.40 -31.30 2.23
C MET B 304 4.33 -31.89 1.25
N GLY B 305 3.51 -31.01 0.67
CA GLY B 305 2.40 -31.44 -0.17
C GLY B 305 2.77 -32.23 -1.45
N GLU B 306 4.01 -32.06 -1.92
CA GLU B 306 4.48 -32.71 -3.16
C GLU B 306 5.10 -34.10 -2.86
N SER B 307 5.13 -34.49 -1.59
CA SER B 307 5.56 -35.85 -1.21
C SER B 307 4.47 -36.92 -1.41
N GLY B 308 4.84 -38.16 -1.09
CA GLY B 308 3.93 -39.28 -1.15
C GLY B 308 3.85 -39.85 -2.54
N PHE B 309 2.85 -40.70 -2.69
CA PHE B 309 2.70 -41.56 -3.83
C PHE B 309 1.45 -41.05 -4.55
N MET B 310 1.66 -40.37 -5.66
CA MET B 310 0.62 -39.74 -6.43
C MET B 310 1.02 -39.47 -7.85
N MET B 311 0.01 -39.20 -8.67
CA MET B 311 0.19 -38.82 -10.07
C MET B 311 -0.69 -37.63 -10.52
N PRO B 312 -0.10 -36.42 -10.50
CA PRO B 312 -0.78 -35.27 -11.04
C PRO B 312 -0.90 -35.37 -12.56
N ILE B 313 -2.02 -34.93 -13.11
CA ILE B 313 -2.24 -35.01 -14.52
C ILE B 313 -2.79 -33.67 -14.97
N GLN B 314 -2.46 -33.21 -16.17
CA GLN B 314 -3.18 -32.08 -16.76
C GLN B 314 -3.40 -32.27 -18.20
N VAL B 315 -4.50 -31.72 -18.72
CA VAL B 315 -4.72 -31.73 -20.15
C VAL B 315 -5.29 -30.39 -20.59
N ASP B 316 -4.89 -30.03 -21.78
CA ASP B 316 -5.36 -28.86 -22.43
C ASP B 316 -6.90 -28.94 -22.52
N ALA B 317 -7.61 -28.10 -21.76
CA ALA B 317 -9.08 -28.10 -21.77
C ALA B 317 -9.73 -27.30 -22.91
N THR B 318 -8.94 -26.78 -23.85
CA THR B 318 -9.44 -26.23 -25.13
C THR B 318 -10.19 -27.24 -25.97
N ARG B 319 -9.75 -28.49 -25.89
CA ARG B 319 -10.10 -29.54 -26.80
C ARG B 319 -11.44 -30.17 -26.32
N PRO B 320 -12.35 -30.40 -27.25
CA PRO B 320 -13.64 -30.97 -26.83
C PRO B 320 -13.48 -32.37 -26.16
N ASP B 321 -12.47 -33.12 -26.60
CA ASP B 321 -12.11 -34.43 -26.05
C ASP B 321 -11.37 -34.42 -24.69
N ALA B 322 -11.15 -33.25 -24.06
CA ALA B 322 -10.21 -33.18 -22.93
C ALA B 322 -10.53 -34.13 -21.83
N ARG B 323 -11.79 -34.08 -21.38
CA ARG B 323 -12.27 -35.01 -20.36
C ARG B 323 -12.08 -36.54 -20.66
N ARG B 324 -12.29 -36.88 -21.90
CA ARG B 324 -12.15 -38.27 -22.33
C ARG B 324 -10.68 -38.66 -22.19
N LEU B 325 -9.79 -37.83 -22.76
CA LEU B 325 -8.32 -38.06 -22.71
C LEU B 325 -7.84 -38.30 -21.30
N LEU B 326 -8.32 -37.47 -20.39
CA LEU B 326 -7.95 -37.59 -19.01
C LEU B 326 -8.39 -38.90 -18.38
N ASP B 327 -9.66 -39.27 -18.62
CA ASP B 327 -10.22 -40.49 -18.03
C ASP B 327 -9.53 -41.68 -18.67
N ALA B 328 -9.28 -41.62 -19.96
CA ALA B 328 -8.65 -42.75 -20.63
C ALA B 328 -7.26 -43.02 -20.03
N HIS B 329 -6.46 -41.93 -19.87
CA HIS B 329 -5.14 -42.00 -19.20
C HIS B 329 -5.20 -42.59 -17.83
N ILE B 330 -6.09 -42.08 -17.00
CA ILE B 330 -6.18 -42.55 -15.62
C ILE B 330 -6.54 -44.06 -15.57
N GLU B 331 -7.46 -44.47 -16.45
CA GLU B 331 -7.97 -45.88 -16.38
C GLU B 331 -6.84 -46.82 -16.83
N ALA B 332 -6.19 -46.46 -17.94
CA ALA B 332 -5.02 -47.22 -18.40
C ALA B 332 -3.99 -47.36 -17.28
N VAL B 333 -3.72 -46.25 -16.56
CA VAL B 333 -2.75 -46.32 -15.47
C VAL B 333 -3.17 -47.18 -14.30
N ILE B 334 -4.43 -47.04 -13.86
CA ILE B 334 -4.79 -47.66 -12.57
C ILE B 334 -5.51 -49.03 -12.72
N ASP B 335 -5.79 -49.47 -13.94
CA ASP B 335 -6.35 -50.85 -14.18
C ASP B 335 -5.58 -51.93 -13.41
N GLY B 336 -6.29 -52.65 -12.55
CA GLY B 336 -5.69 -53.60 -11.67
C GLY B 336 -4.96 -53.09 -10.47
N VAL B 337 -5.08 -51.82 -10.12
CA VAL B 337 -4.32 -51.32 -8.99
C VAL B 337 -5.31 -50.89 -7.89
N PRO B 338 -5.60 -51.78 -6.91
CA PRO B 338 -6.61 -51.44 -5.92
C PRO B 338 -6.36 -50.17 -5.12
N PRO B 339 -5.13 -49.90 -4.69
CA PRO B 339 -5.01 -48.74 -3.79
C PRO B 339 -5.05 -47.32 -4.43
N ALA B 340 -5.44 -47.19 -5.70
CA ALA B 340 -5.60 -45.89 -6.38
C ALA B 340 -6.84 -45.18 -5.93
N GLU B 341 -6.76 -43.87 -5.65
CA GLU B 341 -7.93 -42.99 -5.34
C GLU B 341 -7.99 -41.90 -6.39
N VAL B 342 -9.13 -41.78 -7.06
CA VAL B 342 -9.27 -40.85 -8.18
C VAL B 342 -10.30 -39.76 -7.82
N PRO B 343 -9.88 -38.49 -7.70
CA PRO B 343 -10.87 -37.47 -7.32
C PRO B 343 -11.61 -36.95 -8.53
N GLU B 344 -12.56 -36.04 -8.33
CA GLU B 344 -13.21 -35.41 -9.49
C GLU B 344 -12.21 -34.44 -10.15
N PRO B 345 -12.16 -34.38 -11.46
CA PRO B 345 -11.24 -33.45 -12.13
C PRO B 345 -11.67 -32.01 -11.85
N ILE B 346 -10.74 -31.08 -12.01
CA ILE B 346 -10.98 -29.66 -11.78
C ILE B 346 -10.43 -28.92 -12.94
N GLU B 347 -11.23 -28.00 -13.49
CA GLU B 347 -10.82 -27.14 -14.55
C GLU B 347 -10.17 -25.92 -13.96
N GLN B 348 -9.02 -25.49 -14.51
CA GLN B 348 -8.31 -24.29 -13.98
C GLN B 348 -7.80 -23.46 -15.06
N ARG B 349 -7.83 -22.16 -14.84
CA ARG B 349 -7.34 -21.20 -15.84
C ARG B 349 -5.82 -21.19 -15.85
N TRP B 350 -5.26 -20.88 -17.02
CA TRP B 350 -3.82 -20.70 -17.16
C TRP B 350 -3.35 -19.64 -16.19
N LEU B 351 -2.28 -19.95 -15.49
CA LEU B 351 -1.72 -19.06 -14.49
C LEU B 351 -2.72 -18.46 -13.48
N ALA B 352 -3.78 -19.20 -13.12
CA ALA B 352 -4.76 -18.69 -12.16
C ALA B 352 -4.16 -18.52 -10.77
N SER B 353 -3.29 -19.43 -10.30
CA SER B 353 -2.55 -19.16 -9.04
C SER B 353 -1.12 -18.78 -9.42
N THR B 354 -0.62 -17.67 -8.87
CA THR B 354 0.71 -17.17 -9.25
C THR B 354 1.78 -18.27 -9.02
N PRO B 355 2.63 -18.54 -10.04
CA PRO B 355 3.49 -19.72 -9.90
C PRO B 355 4.51 -19.50 -8.76
N GLY B 356 4.52 -20.42 -7.80
CA GLY B 356 5.58 -20.56 -6.78
C GLY B 356 6.15 -19.28 -6.19
N ARG B 357 7.44 -19.32 -5.88
CA ARG B 357 8.23 -18.17 -5.36
C ARG B 357 9.74 -18.46 -5.59
N GLY B 358 10.23 -19.49 -4.91
CA GLY B 358 11.66 -19.80 -4.81
C GLY B 358 12.19 -19.61 -3.40
N GLY B 359 13.46 -19.98 -3.19
CA GLY B 359 14.17 -19.78 -1.93
C GLY B 359 15.13 -20.94 -1.64
N ARG B 360 15.88 -20.83 -0.55
CA ARG B 360 16.83 -21.89 -0.20
C ARG B 360 16.06 -23.04 0.44
N GLY B 361 16.19 -24.21 -0.16
CA GLY B 361 15.53 -25.42 0.30
C GLY B 361 16.41 -26.35 1.13
N PRO B 362 15.88 -27.52 1.53
CA PRO B 362 16.68 -28.52 2.21
C PRO B 362 17.68 -29.13 1.23
N ALA B 363 18.71 -29.76 1.75
CA ALA B 363 19.70 -30.46 0.99
C ALA B 363 19.06 -31.62 0.24
N SER B 364 19.42 -31.79 -1.01
CA SER B 364 18.95 -32.95 -1.75
C SER B 364 19.99 -33.43 -2.77
N LYS B 365 19.71 -34.60 -3.31
CA LYS B 365 20.46 -35.19 -4.43
C LYS B 365 19.45 -35.86 -5.43
N THR B 366 19.54 -35.46 -6.69
CA THR B 366 18.72 -36.00 -7.74
C THR B 366 19.62 -36.64 -8.76
N LYS B 367 19.29 -37.86 -9.16
CA LYS B 367 19.94 -38.57 -10.27
C LYS B 367 18.93 -38.75 -11.33
N ALA B 368 19.32 -38.98 -12.58
CA ALA B 368 18.35 -38.87 -13.68
C ALA B 368 18.65 -39.85 -14.80
N GLY B 369 17.60 -40.20 -15.57
CA GLY B 369 17.77 -40.84 -16.91
C GLY B 369 16.60 -40.63 -17.85
N TYR B 370 16.84 -40.87 -19.13
CA TYR B 370 15.83 -40.86 -20.15
C TYR B 370 15.35 -42.28 -20.43
N LEU B 371 14.04 -42.39 -20.67
CA LEU B 371 13.41 -43.66 -21.12
C LEU B 371 12.80 -43.53 -22.49
N ARG B 372 13.16 -44.48 -23.35
CA ARG B 372 12.56 -44.65 -24.71
C ARG B 372 11.45 -45.70 -24.74
N LYS B 373 11.47 -46.59 -23.79
CA LYS B 373 10.50 -47.68 -23.56
C LYS B 373 10.38 -47.74 -22.07
N ARG B 374 9.37 -48.46 -21.55
CA ARG B 374 9.18 -48.56 -20.14
C ARG B 374 10.30 -49.21 -19.42
N LEU B 375 10.42 -48.87 -18.13
CA LEU B 375 11.30 -49.61 -17.27
C LEU B 375 10.98 -51.16 -17.41
N THR B 376 11.99 -52.01 -17.34
CA THR B 376 11.79 -53.45 -17.51
C THR B 376 11.22 -53.97 -16.21
N ASP B 377 10.71 -55.20 -16.25
CA ASP B 377 10.24 -55.83 -15.01
C ASP B 377 11.31 -55.92 -13.90
N ARG B 378 12.55 -56.15 -14.29
CA ARG B 378 13.62 -56.19 -13.32
C ARG B 378 13.89 -54.81 -12.69
N GLN B 379 13.85 -53.77 -13.51
CA GLN B 379 14.01 -52.38 -13.05
C GLN B 379 12.87 -51.96 -12.16
N ILE B 380 11.64 -52.28 -12.61
CA ILE B 380 10.50 -51.99 -11.77
C ILE B 380 10.70 -52.63 -10.40
N GLN B 381 11.15 -53.88 -10.36
CA GLN B 381 11.37 -54.54 -9.09
C GLN B 381 12.47 -53.99 -8.25
N ALA B 382 13.53 -53.48 -8.87
CA ALA B 382 14.57 -52.78 -8.14
C ALA B 382 13.99 -51.44 -7.53
N VAL B 383 13.15 -50.75 -8.27
CA VAL B 383 12.54 -49.53 -7.65
C VAL B 383 11.76 -49.93 -6.36
N TYR B 384 10.94 -50.96 -6.51
CA TYR B 384 10.15 -51.53 -5.38
C TYR B 384 11.01 -51.91 -4.20
N GLU B 385 12.06 -52.65 -4.44
CA GLU B 385 12.96 -53.07 -3.37
C GLU B 385 13.57 -51.92 -2.62
N ASN B 386 14.15 -50.96 -3.34
CA ASN B 386 14.74 -49.83 -2.66
C ASN B 386 13.71 -48.91 -1.98
N MET B 387 12.57 -48.68 -2.60
CA MET B 387 11.48 -47.83 -1.94
C MET B 387 10.88 -48.49 -0.69
N THR B 388 11.02 -49.81 -0.55
CA THR B 388 10.59 -50.52 0.67
C THR B 388 11.72 -50.79 1.61
N HIS B 389 12.93 -50.32 1.31
CA HIS B 389 14.00 -50.35 2.24
C HIS B 389 14.58 -48.98 2.33
N MET B 390 13.87 -48.12 3.02
CA MET B 390 14.35 -46.74 3.18
C MET B 390 14.30 -46.27 4.60
N ASP B 391 14.67 -47.17 5.53
CA ASP B 391 14.81 -46.80 6.94
C ASP B 391 15.77 -45.63 7.16
N GLY B 392 15.26 -44.61 7.80
CA GLY B 392 16.01 -43.43 8.15
C GLY B 392 16.22 -42.45 7.01
N ILE B 393 15.47 -42.58 5.95
CA ILE B 393 15.57 -41.68 4.82
C ILE B 393 14.41 -40.70 5.00
N ASP B 394 14.68 -39.40 5.20
CA ASP B 394 13.60 -38.37 5.21
C ASP B 394 12.69 -38.33 4.02
N TYR B 395 13.23 -38.16 2.80
CA TYR B 395 12.46 -38.16 1.55
C TYR B 395 13.32 -38.94 0.52
N GLY B 396 12.68 -39.88 -0.14
CA GLY B 396 13.24 -40.63 -1.27
C GLY B 396 12.13 -40.94 -2.23
N ALA B 397 12.41 -40.88 -3.54
CA ALA B 397 11.36 -41.04 -4.52
C ALA B 397 11.90 -41.33 -5.86
N VAL B 398 11.03 -41.85 -6.68
CA VAL B 398 11.26 -41.99 -8.10
C VAL B 398 10.12 -41.27 -8.79
N TRP B 399 10.44 -40.35 -9.70
CA TRP B 399 9.43 -39.65 -10.53
C TRP B 399 9.57 -40.01 -11.96
N LEU B 400 8.46 -40.45 -12.54
CA LEU B 400 8.37 -40.71 -13.94
C LEU B 400 7.57 -39.59 -14.64
N ILE B 401 8.29 -38.81 -15.45
CA ILE B 401 7.85 -37.51 -15.94
C ILE B 401 7.53 -37.61 -17.37
N GLY B 402 6.25 -37.31 -17.76
CA GLY B 402 5.85 -37.36 -19.16
C GLY B 402 6.71 -36.50 -20.04
N TYR B 403 7.11 -37.04 -21.20
CA TYR B 403 7.90 -36.33 -22.21
C TYR B 403 7.53 -36.82 -23.62
N GLY B 404 8.33 -36.50 -24.62
CA GLY B 404 8.09 -36.83 -26.02
C GLY B 404 7.09 -35.88 -26.62
N GLY B 405 6.13 -36.44 -27.36
CA GLY B 405 5.24 -35.67 -28.13
C GLY B 405 5.95 -34.89 -29.16
N LYS B 406 5.61 -33.61 -29.24
CA LYS B 406 6.25 -32.70 -30.16
C LYS B 406 7.75 -32.49 -29.99
N VAL B 407 8.31 -32.81 -28.84
CA VAL B 407 9.76 -32.78 -28.70
C VAL B 407 10.37 -33.69 -29.80
N ASN B 408 9.68 -34.78 -30.07
CA ASN B 408 10.23 -35.80 -30.98
C ASN B 408 10.10 -35.57 -32.48
N THR B 409 9.89 -34.34 -32.89
CA THR B 409 9.83 -34.03 -34.29
C THR B 409 11.12 -33.47 -34.70
N VAL B 410 12.04 -33.32 -33.76
CA VAL B 410 13.30 -32.68 -34.09
C VAL B 410 14.39 -33.73 -34.25
N ASP B 411 15.27 -33.51 -35.19
CA ASP B 411 16.43 -34.40 -35.43
C ASP B 411 17.46 -34.31 -34.26
N PRO B 412 18.04 -35.44 -33.90
CA PRO B 412 19.02 -35.45 -32.78
C PRO B 412 20.14 -34.46 -32.88
N ALA B 413 20.58 -34.16 -34.09
CA ALA B 413 21.72 -33.28 -34.32
C ALA B 413 21.32 -31.80 -34.50
N ALA B 414 20.02 -31.51 -34.61
CA ALA B 414 19.52 -30.14 -34.92
C ALA B 414 19.58 -29.18 -33.73
N THR B 415 19.69 -29.73 -32.54
CA THR B 415 19.97 -28.94 -31.33
C THR B 415 20.97 -29.70 -30.57
N ALA B 416 21.46 -29.13 -29.46
CA ALA B 416 22.42 -29.83 -28.64
C ALA B 416 21.79 -30.99 -27.76
N LEU B 417 20.44 -31.10 -27.64
CA LEU B 417 19.73 -32.17 -26.99
C LEU B 417 19.68 -33.38 -27.91
N PRO B 418 20.41 -34.48 -27.58
CA PRO B 418 20.36 -35.65 -28.50
C PRO B 418 19.15 -36.56 -28.39
N GLN B 419 18.40 -36.51 -27.29
CA GLN B 419 17.32 -37.44 -27.00
C GLN B 419 16.00 -36.95 -27.61
N ARG B 420 15.69 -37.46 -28.80
CA ARG B 420 14.54 -37.00 -29.54
C ARG B 420 13.57 -38.13 -29.82
N ASP B 421 13.62 -39.20 -29.03
CA ASP B 421 12.56 -40.22 -29.11
C ASP B 421 12.21 -40.81 -27.79
N ALA B 422 12.39 -40.04 -26.71
CA ALA B 422 12.11 -40.52 -25.40
C ALA B 422 10.64 -40.27 -25.09
N ILE B 423 10.15 -41.02 -24.18
CA ILE B 423 8.76 -40.95 -23.73
C ILE B 423 8.65 -40.42 -22.33
N LEU B 424 9.69 -40.63 -21.50
CA LEU B 424 9.71 -40.25 -20.11
C LEU B 424 11.11 -39.73 -19.66
N LYS B 425 11.14 -38.84 -18.67
CA LYS B 425 12.34 -38.63 -17.90
C LYS B 425 12.14 -39.18 -16.50
N VAL B 426 13.12 -39.90 -15.98
CA VAL B 426 13.02 -40.48 -14.67
C VAL B 426 14.00 -39.85 -13.72
N ASN B 427 13.52 -39.41 -12.57
CA ASN B 427 14.36 -38.83 -11.54
C ASN B 427 14.39 -39.74 -10.35
N TYR B 428 15.54 -39.85 -9.76
CA TYR B 428 15.82 -40.60 -8.51
C TYR B 428 16.25 -39.61 -7.50
N ILE B 429 15.41 -39.39 -6.47
CA ILE B 429 15.51 -38.22 -5.61
C ILE B 429 15.66 -38.65 -4.16
N THR B 430 16.45 -37.93 -3.40
CA THR B 430 16.45 -38.00 -1.96
C THR B 430 16.74 -36.60 -1.40
N GLY B 431 16.22 -36.34 -0.19
CA GLY B 431 16.37 -35.07 0.48
C GLY B 431 16.48 -35.37 1.96
N TRP B 432 17.23 -34.55 2.70
CA TRP B 432 17.51 -34.73 4.13
C TRP B 432 17.45 -33.39 4.84
N ALA B 433 17.05 -33.42 6.11
CA ALA B 433 16.84 -32.20 6.95
C ALA B 433 18.08 -31.83 7.72
N ASN B 434 18.82 -32.80 8.19
CA ASN B 434 20.02 -32.52 8.97
C ASN B 434 21.28 -32.95 8.18
N PRO B 435 22.23 -32.03 7.94
CA PRO B 435 23.52 -32.28 7.27
C PRO B 435 24.28 -33.51 7.78
N GLY B 436 24.14 -33.82 9.06
CA GLY B 436 24.69 -35.03 9.58
C GLY B 436 24.23 -36.33 8.94
N ASN B 437 23.07 -36.36 8.35
CA ASN B 437 22.54 -37.54 7.68
C ASN B 437 22.77 -37.58 6.16
N GLU B 438 23.57 -36.69 5.66
CA GLU B 438 23.91 -36.67 4.21
C GLU B 438 24.41 -38.03 3.69
N ALA B 439 25.38 -38.64 4.37
CA ALA B 439 26.05 -39.82 3.79
C ALA B 439 25.07 -40.95 3.57
N LYS B 440 24.15 -41.12 4.52
CA LYS B 440 23.15 -42.21 4.43
C LYS B 440 22.20 -42.04 3.30
N HIS B 441 21.82 -40.78 3.05
CA HIS B 441 20.87 -40.45 1.98
C HIS B 441 21.53 -40.59 0.60
N LEU B 442 22.75 -40.13 0.44
CA LEU B 442 23.54 -40.33 -0.80
C LEU B 442 23.73 -41.81 -1.08
N THR B 443 24.07 -42.55 -0.05
CA THR B 443 24.13 -44.03 -0.17
C THR B 443 22.85 -44.72 -0.63
N TRP B 444 21.73 -44.28 -0.11
CA TRP B 444 20.44 -44.81 -0.48
C TRP B 444 20.09 -44.57 -1.99
N VAL B 445 20.24 -43.33 -2.43
CA VAL B 445 19.82 -42.96 -3.79
C VAL B 445 20.84 -43.53 -4.78
N ARG B 446 22.10 -43.58 -4.38
CA ARG B 446 23.13 -44.24 -5.22
C ARG B 446 22.89 -45.74 -5.45
N LYS B 447 22.46 -46.44 -4.39
CA LYS B 447 22.07 -47.88 -4.49
C LYS B 447 20.86 -48.04 -5.37
N LEU B 448 19.83 -47.23 -5.16
CA LEU B 448 18.63 -47.28 -6.02
C LEU B 448 18.97 -47.17 -7.52
N TYR B 449 19.76 -46.13 -7.84
CA TYR B 449 20.11 -45.87 -9.22
C TYR B 449 20.95 -47.01 -9.80
N ALA B 450 21.95 -47.43 -9.06
CA ALA B 450 22.88 -48.46 -9.49
C ALA B 450 22.17 -49.80 -9.64
N ASP B 451 21.17 -50.06 -8.81
CA ASP B 451 20.31 -51.31 -8.96
C ASP B 451 19.47 -51.23 -10.19
N VAL B 452 18.83 -50.07 -10.42
CA VAL B 452 18.04 -49.93 -11.58
C VAL B 452 18.85 -50.11 -12.89
N TYR B 453 20.04 -49.53 -12.95
CA TYR B 453 20.91 -49.59 -14.12
C TYR B 453 22.04 -50.64 -13.93
N ALA B 454 21.81 -51.69 -13.12
CA ALA B 454 22.92 -52.66 -12.81
C ALA B 454 23.42 -53.40 -14.04
N GLU B 455 22.58 -53.57 -15.05
CA GLU B 455 22.95 -54.28 -16.24
C GLU B 455 23.80 -53.45 -17.21
N THR B 456 23.92 -52.16 -16.94
CA THR B 456 24.77 -51.30 -17.77
C THR B 456 25.65 -50.43 -16.88
N GLY B 457 26.36 -51.09 -15.97
CA GLY B 457 27.34 -50.42 -15.15
C GLY B 457 26.86 -49.27 -14.30
N GLY B 458 25.60 -49.34 -13.86
CA GLY B 458 25.13 -48.45 -12.83
C GLY B 458 24.63 -47.14 -13.39
N VAL B 459 24.52 -47.00 -14.73
CA VAL B 459 24.15 -45.76 -15.30
C VAL B 459 23.28 -45.99 -16.53
N PRO B 460 22.50 -44.97 -16.98
CA PRO B 460 21.58 -45.17 -18.09
C PRO B 460 22.22 -45.07 -19.51
N VAL B 461 23.14 -46.00 -19.77
CA VAL B 461 23.73 -46.13 -21.05
C VAL B 461 22.65 -46.17 -22.13
N PRO B 462 22.81 -45.37 -23.16
CA PRO B 462 21.82 -45.45 -24.23
C PRO B 462 21.69 -46.84 -24.84
N ASN B 463 20.48 -47.36 -24.89
CA ASN B 463 20.22 -48.68 -25.49
C ASN B 463 18.76 -48.73 -25.93
N ASP B 464 18.14 -49.88 -25.92
CA ASP B 464 16.78 -49.93 -26.39
C ASP B 464 15.80 -49.23 -25.47
N VAL B 465 16.14 -49.23 -24.20
CA VAL B 465 15.29 -48.75 -23.17
C VAL B 465 15.71 -47.35 -22.71
N SER B 466 16.98 -47.17 -22.37
CA SER B 466 17.46 -45.91 -21.77
C SER B 466 18.10 -45.02 -22.82
N ASP B 467 18.17 -43.70 -22.54
CA ASP B 467 18.83 -42.85 -23.46
C ASP B 467 19.68 -41.78 -22.81
N GLY B 468 20.46 -42.17 -21.80
CA GLY B 468 21.35 -41.27 -21.16
C GLY B 468 20.59 -40.34 -20.21
N ALA B 469 21.06 -39.10 -20.09
CA ALA B 469 20.64 -38.17 -19.07
C ALA B 469 20.61 -36.72 -19.56
N TYR B 470 19.93 -35.89 -18.77
CA TYR B 470 19.56 -34.51 -19.11
C TYR B 470 20.45 -33.56 -18.36
N ILE B 471 21.14 -32.67 -19.10
CA ILE B 471 22.18 -31.82 -18.48
C ILE B 471 21.65 -30.80 -17.50
N ASN B 472 20.34 -30.44 -17.56
CA ASN B 472 19.76 -29.59 -16.51
C ASN B 472 19.50 -30.29 -15.19
N TYR B 473 19.62 -31.63 -15.19
CA TYR B 473 19.67 -32.42 -13.94
C TYR B 473 21.12 -33.03 -13.79
N PRO B 474 22.14 -32.16 -13.67
CA PRO B 474 23.51 -32.70 -13.64
C PRO B 474 23.78 -33.52 -12.37
N ASP B 475 24.65 -34.49 -12.52
CA ASP B 475 25.03 -35.40 -11.49
C ASP B 475 26.46 -35.85 -11.65
N SER B 476 27.34 -35.35 -10.78
CA SER B 476 28.75 -35.61 -10.81
C SER B 476 29.13 -37.05 -10.58
N ASP B 477 28.21 -37.82 -9.96
CA ASP B 477 28.34 -39.27 -9.86
C ASP B 477 28.54 -39.97 -11.19
N LEU B 478 28.06 -39.38 -12.29
CA LEU B 478 28.23 -39.97 -13.58
C LEU B 478 29.65 -39.96 -14.10
N ALA B 479 30.49 -39.16 -13.43
CA ALA B 479 31.93 -39.02 -13.76
C ALA B 479 32.80 -39.78 -12.77
N ASP B 480 32.19 -40.46 -11.82
CA ASP B 480 32.93 -41.14 -10.71
C ASP B 480 32.99 -42.63 -11.13
N PRO B 481 34.20 -43.18 -11.34
CA PRO B 481 34.25 -44.56 -11.88
C PRO B 481 34.01 -45.66 -10.84
N GLY B 482 33.98 -45.35 -9.58
CA GLY B 482 33.38 -46.22 -8.62
C GLY B 482 31.86 -46.37 -8.77
N LEU B 483 31.20 -45.39 -9.34
CA LEU B 483 29.73 -45.38 -9.42
C LEU B 483 29.26 -45.69 -10.82
N ASN B 484 30.03 -45.28 -11.80
CA ASN B 484 29.77 -45.57 -13.23
C ASN B 484 30.85 -46.53 -13.67
N THR B 485 30.48 -47.79 -13.81
CA THR B 485 31.45 -48.79 -14.27
C THR B 485 31.12 -49.21 -15.67
N SER B 486 30.39 -48.40 -16.44
CA SER B 486 30.00 -48.81 -17.79
C SER B 486 31.05 -48.63 -18.87
N GLY B 487 32.07 -47.83 -18.61
CA GLY B 487 33.00 -47.34 -19.62
C GLY B 487 32.49 -46.21 -20.50
N VAL B 488 31.27 -45.71 -20.26
CA VAL B 488 30.67 -44.72 -21.10
C VAL B 488 30.89 -43.46 -20.27
N PRO B 489 31.61 -42.47 -20.82
CA PRO B 489 31.88 -41.25 -20.01
C PRO B 489 30.60 -40.41 -19.77
N TRP B 490 30.63 -39.61 -18.73
CA TRP B 490 29.54 -38.72 -18.39
C TRP B 490 29.03 -37.89 -19.60
N HIS B 491 29.96 -37.39 -20.42
CA HIS B 491 29.58 -36.50 -21.48
C HIS B 491 28.86 -37.21 -22.61
N ASP B 492 29.13 -38.51 -22.81
CA ASP B 492 28.33 -39.27 -23.78
C ASP B 492 26.89 -39.61 -23.27
N LEU B 493 26.71 -39.72 -21.99
CA LEU B 493 25.35 -39.93 -21.42
C LEU B 493 24.47 -38.70 -21.63
N TYR B 494 25.06 -37.50 -21.48
CA TYR B 494 24.29 -36.25 -21.59
C TYR B 494 24.08 -35.82 -23.04
N TYR B 495 25.15 -35.93 -23.81
CA TYR B 495 25.22 -35.36 -25.13
C TYR B 495 25.30 -36.33 -26.31
N LYS B 496 25.54 -37.60 -26.05
CA LYS B 496 25.61 -38.63 -27.11
C LYS B 496 26.42 -38.14 -28.31
N GLY B 497 25.87 -38.24 -29.53
CA GLY B 497 26.65 -37.95 -30.72
C GLY B 497 26.82 -36.44 -30.87
N ASN B 498 26.18 -35.60 -30.00
CA ASN B 498 26.44 -34.19 -30.07
C ASN B 498 27.70 -33.74 -29.40
N HIS B 499 28.37 -34.61 -28.65
CA HIS B 499 29.51 -34.17 -27.86
C HIS B 499 30.67 -33.59 -28.66
N PRO B 500 31.05 -34.27 -29.79
CA PRO B 500 32.19 -33.77 -30.54
C PRO B 500 32.04 -32.33 -31.04
N ARG B 501 30.86 -31.97 -31.46
CA ARG B 501 30.60 -30.64 -31.90
C ARG B 501 30.59 -29.60 -30.73
N LEU B 502 30.08 -30.05 -29.56
CA LEU B 502 30.13 -29.21 -28.37
C LEU B 502 31.56 -28.90 -27.97
N ARG B 503 32.44 -29.90 -28.05
CA ARG B 503 33.85 -29.74 -27.80
C ARG B 503 34.49 -28.72 -28.73
N LYS B 504 34.13 -28.80 -29.99
CA LYS B 504 34.65 -27.84 -31.01
C LYS B 504 34.21 -26.41 -30.65
N VAL B 505 32.93 -26.24 -30.34
CA VAL B 505 32.44 -24.91 -29.95
C VAL B 505 33.18 -24.37 -28.67
N LYS B 506 33.38 -25.24 -27.67
CA LYS B 506 34.11 -24.92 -26.46
C LYS B 506 35.53 -24.40 -26.81
N ALA B 507 36.21 -25.13 -27.70
CA ALA B 507 37.56 -24.74 -28.06
C ALA B 507 37.58 -23.42 -28.79
N ALA B 508 36.60 -23.22 -29.67
CA ALA B 508 36.52 -22.00 -30.47
C ALA B 508 36.19 -20.78 -29.65
N TYR B 509 35.34 -20.89 -28.61
CA TYR B 509 34.88 -19.71 -27.87
C TYR B 509 35.38 -19.52 -26.48
N ASP B 510 35.79 -20.60 -25.80
CA ASP B 510 36.46 -20.48 -24.52
C ASP B 510 37.80 -21.25 -24.56
N PRO B 511 38.75 -20.77 -25.42
CA PRO B 511 40.02 -21.48 -25.59
C PRO B 511 40.81 -21.61 -24.32
N ARG B 512 40.66 -20.66 -23.40
CA ARG B 512 41.39 -20.74 -22.10
C ARG B 512 40.67 -21.54 -21.03
N ASN B 513 39.47 -22.04 -21.32
CA ASN B 513 38.71 -22.78 -20.31
C ASN B 513 38.43 -21.97 -19.04
N HIS B 514 38.07 -20.72 -19.23
CA HIS B 514 37.82 -19.82 -18.11
C HIS B 514 36.47 -20.18 -17.40
N PHE B 515 35.58 -20.80 -18.13
CA PHE B 515 34.21 -21.21 -17.65
C PHE B 515 34.22 -22.71 -17.52
N HIS B 516 34.24 -23.17 -16.29
CA HIS B 516 34.31 -24.57 -16.04
C HIS B 516 33.73 -24.91 -14.67
N HIS B 517 33.46 -26.19 -14.50
CA HIS B 517 32.88 -26.78 -13.29
C HIS B 517 32.92 -28.30 -13.49
N ALA B 518 32.45 -29.10 -12.51
CA ALA B 518 32.69 -30.60 -12.52
C ALA B 518 32.31 -31.47 -13.82
N LEU B 519 31.31 -31.02 -14.54
CA LEU B 519 30.76 -31.64 -15.70
C LEU B 519 30.70 -30.59 -16.80
N SER B 520 31.73 -29.77 -16.87
CA SER B 520 31.82 -28.82 -17.94
C SER B 520 32.46 -29.46 -19.16
N ILE B 521 31.97 -29.10 -20.35
CA ILE B 521 32.53 -29.55 -21.62
C ILE B 521 34.00 -29.22 -21.62
N ARG B 522 34.83 -30.25 -21.84
CA ARG B 522 36.29 -30.02 -21.83
C ARG B 522 36.74 -29.42 -23.14
N PRO B 523 37.75 -28.54 -23.06
CA PRO B 523 38.40 -27.97 -24.19
C PRO B 523 38.63 -28.98 -25.30
N CYS C 26 54.72 -3.37 20.99
CA CYS C 26 54.18 -1.99 21.23
C CYS C 26 55.10 -1.21 22.19
N LEU C 27 55.66 -0.09 21.74
CA LEU C 27 56.76 0.56 22.48
C LEU C 27 56.28 1.66 23.36
N PRO C 28 57.04 1.96 24.45
CA PRO C 28 56.68 3.11 25.27
C PRO C 28 56.79 4.43 24.51
N PRO C 29 55.98 5.43 24.91
CA PRO C 29 56.05 6.68 24.18
C PRO C 29 57.34 7.40 24.50
N ALA C 30 57.82 8.25 23.60
CA ALA C 30 58.82 9.26 23.95
C ALA C 30 58.27 10.30 24.96
N GLY C 31 59.14 11.13 25.49
CA GLY C 31 58.79 12.11 26.50
C GLY C 31 58.66 11.56 27.91
N PRO C 32 58.37 12.42 28.89
CA PRO C 32 58.23 13.85 28.74
C PRO C 32 59.56 14.56 28.82
N VAL C 33 59.67 15.74 28.27
CA VAL C 33 60.92 16.47 28.36
C VAL C 33 60.56 17.91 28.71
N LYS C 34 61.03 18.41 29.86
CA LYS C 34 60.91 19.85 30.19
C LYS C 34 62.13 20.55 29.68
N VAL C 35 61.96 21.38 28.68
CA VAL C 35 63.05 22.04 28.01
C VAL C 35 63.14 23.42 28.61
N THR C 36 64.17 23.62 29.43
CA THR C 36 64.43 24.93 30.09
C THR C 36 65.35 25.70 29.21
N PRO C 37 65.63 26.99 29.54
CA PRO C 37 66.44 27.82 28.66
C PRO C 37 67.88 27.48 28.42
N ASP C 38 68.47 26.62 29.24
CA ASP C 38 69.84 26.13 29.03
C ASP C 38 69.91 24.93 28.11
N ASP C 39 68.77 24.33 27.80
CA ASP C 39 68.74 23.12 26.97
C ASP C 39 68.97 23.57 25.53
N PRO C 40 69.78 22.81 24.75
CA PRO C 40 70.00 23.26 23.44
C PRO C 40 68.73 23.25 22.52
N ARG C 41 67.63 22.57 22.90
CA ARG C 41 66.39 22.55 22.13
C ARG C 41 65.50 23.72 22.45
N TYR C 42 65.77 24.46 23.57
CA TYR C 42 64.90 25.63 23.92
C TYR C 42 64.59 26.58 22.78
N LEU C 43 65.62 27.06 22.08
CA LEU C 43 65.40 28.13 21.18
C LEU C 43 64.59 27.62 19.97
N ASN C 44 64.94 26.45 19.42
CA ASN C 44 64.17 25.86 18.34
C ASN C 44 62.69 25.82 18.69
N LEU C 45 62.35 25.38 19.90
CA LEU C 45 60.96 25.25 20.31
C LEU C 45 60.28 26.62 20.54
N LYS C 46 61.02 27.56 21.09
CA LYS C 46 60.51 28.92 21.35
C LYS C 46 60.16 29.67 20.08
N LEU C 47 60.89 29.37 19.02
CA LEU C 47 60.86 30.12 17.76
C LEU C 47 60.13 29.34 16.61
N ARG C 48 59.40 28.31 16.96
CA ARG C 48 58.72 27.53 15.91
C ARG C 48 57.33 28.00 15.48
N GLY C 49 56.87 29.12 16.05
CA GLY C 49 55.72 29.86 15.53
C GLY C 49 55.96 30.41 14.13
N ALA C 50 54.92 30.37 13.30
CA ALA C 50 55.07 30.78 11.88
C ALA C 50 55.23 32.28 11.77
N ASN C 51 54.57 33.05 12.65
CA ASN C 51 54.54 34.51 12.50
C ASN C 51 55.57 35.15 13.38
N SER C 52 56.63 35.69 12.80
CA SER C 52 57.71 36.22 13.64
C SER C 52 57.38 37.54 14.31
N ARG C 53 56.22 38.12 14.04
CA ARG C 53 55.75 39.24 14.85
C ARG C 53 55.62 38.91 16.36
N PHE C 54 55.38 37.65 16.72
CA PHE C 54 55.11 37.23 18.11
C PHE C 54 56.27 36.52 18.76
N ASN C 55 56.59 36.93 19.99
CA ASN C 55 57.65 36.26 20.77
C ASN C 55 57.24 36.14 22.23
N GLY C 56 57.78 35.11 22.87
CA GLY C 56 57.65 34.95 24.31
C GLY C 56 58.94 34.40 24.86
N GLU C 57 58.91 34.13 26.16
CA GLU C 57 60.04 33.53 26.91
C GLU C 57 59.44 32.69 27.98
N PRO C 58 58.98 31.46 27.63
CA PRO C 58 58.43 30.61 28.66
C PRO C 58 59.53 30.17 29.64
N ASP C 59 59.12 29.89 30.87
CA ASP C 59 60.01 29.26 31.86
C ASP C 59 60.49 27.93 31.32
N TYR C 60 59.57 27.12 30.76
CA TYR C 60 60.00 25.91 30.06
C TYR C 60 58.96 25.48 29.01
N ILE C 61 59.40 24.61 28.12
CA ILE C 61 58.55 24.11 27.05
C ILE C 61 58.51 22.61 27.29
N HIS C 62 57.30 22.11 27.49
CA HIS C 62 57.10 20.74 27.92
C HIS C 62 56.73 19.87 26.69
N LEU C 63 57.68 19.05 26.25
CA LEU C 63 57.39 18.04 25.19
C LEU C 63 56.72 16.82 25.77
N VAL C 64 55.58 16.42 25.18
CA VAL C 64 54.74 15.35 25.73
C VAL C 64 54.51 14.34 24.61
N GLY C 65 54.59 13.06 24.94
CA GLY C 65 54.46 12.01 23.96
C GLY C 65 53.27 11.11 24.22
N SER C 66 52.42 11.46 25.19
CA SER C 66 51.20 10.67 25.51
C SER C 66 50.15 11.57 26.20
N THR C 67 48.92 11.04 26.27
CA THR C 67 47.77 11.75 26.87
C THR C 67 48.04 11.92 28.37
N GLN C 68 48.57 10.83 28.95
CA GLN C 68 48.93 10.84 30.35
C GLN C 68 50.01 11.92 30.59
N GLN C 69 51.00 12.07 29.70
CA GLN C 69 52.03 13.14 29.87
C GLN C 69 51.46 14.50 29.76
N VAL C 70 50.50 14.68 28.82
CA VAL C 70 49.76 15.91 28.75
C VAL C 70 49.02 16.24 30.05
N ALA C 71 48.26 15.29 30.59
CA ALA C 71 47.56 15.50 31.84
C ALA C 71 48.53 15.89 32.96
N ASP C 72 49.66 15.20 33.07
CA ASP C 72 50.66 15.58 34.09
C ASP C 72 51.15 17.02 33.89
N ALA C 73 51.44 17.38 32.64
CA ALA C 73 51.96 18.73 32.35
C ALA C 73 50.90 19.83 32.65
N VAL C 74 49.64 19.57 32.28
CA VAL C 74 48.56 20.49 32.59
C VAL C 74 48.43 20.69 34.14
N GLU C 75 48.38 19.58 34.90
CA GLU C 75 48.20 19.65 36.36
C GLU C 75 49.33 20.41 37.02
N GLU C 76 50.56 20.15 36.59
CA GLU C 76 51.70 20.96 36.99
C GLU C 76 51.53 22.45 36.83
N THR C 77 50.95 22.91 35.71
CA THR C 77 50.78 24.35 35.52
C THR C 77 49.71 24.94 36.43
N VAL C 78 48.68 24.17 36.74
CA VAL C 78 47.60 24.58 37.65
C VAL C 78 48.20 24.70 39.04
N ARG C 79 49.00 23.70 39.39
CA ARG C 79 49.59 23.53 40.71
C ARG C 79 50.59 24.66 40.95
N THR C 80 51.36 25.08 39.93
CA THR C 80 52.35 26.19 40.07
C THR C 80 51.81 27.55 39.67
N GLY C 81 50.51 27.61 39.49
CA GLY C 81 49.81 28.76 38.96
C GLY C 81 50.44 29.43 37.76
N LYS C 82 51.02 28.63 36.84
CA LYS C 82 51.72 29.18 35.66
C LYS C 82 50.85 29.24 34.36
N ARG C 83 50.80 30.39 33.72
CA ARG C 83 49.98 30.55 32.53
C ARG C 83 50.44 29.60 31.38
N VAL C 84 49.52 28.77 30.89
CA VAL C 84 49.88 27.73 29.91
C VAL C 84 49.35 28.09 28.50
N ALA C 85 50.02 27.56 27.48
CA ALA C 85 49.49 27.58 26.07
C ALA C 85 50.01 26.34 25.37
N VAL C 86 49.14 25.69 24.56
CA VAL C 86 49.53 24.53 23.78
C VAL C 86 50.02 25.03 22.43
N ARG C 87 51.06 24.38 21.93
CA ARG C 87 51.47 24.57 20.58
C ARG C 87 51.43 23.22 19.84
N SER C 88 50.75 23.22 18.70
CA SER C 88 50.73 22.04 17.83
C SER C 88 51.54 22.41 16.58
N GLY C 89 50.93 23.11 15.63
CA GLY C 89 51.65 23.48 14.44
C GLY C 89 52.33 24.86 14.43
N GLY C 90 51.95 25.76 15.34
CA GLY C 90 52.61 27.07 15.43
C GLY C 90 52.05 28.15 14.51
N HIS C 91 50.95 27.85 13.83
CA HIS C 91 50.40 28.81 12.84
C HIS C 91 49.45 29.90 13.27
N CYS C 92 49.25 30.06 14.56
CA CYS C 92 48.33 31.08 15.10
C CYS C 92 48.57 32.46 14.45
N PHE C 93 47.50 33.07 13.94
CA PHE C 93 47.59 34.46 13.42
C PHE C 93 47.78 35.51 14.49
N GLU C 94 47.53 35.13 15.73
CA GLU C 94 47.64 36.05 16.87
C GLU C 94 48.62 35.52 17.87
N ASP C 95 48.82 36.31 18.94
CA ASP C 95 49.84 36.03 19.98
C ASP C 95 49.38 35.05 21.06
N PHE C 96 48.51 34.13 20.75
CA PHE C 96 47.95 33.27 21.79
C PHE C 96 48.96 32.40 22.47
N VAL C 97 50.03 32.06 21.76
CA VAL C 97 51.00 31.12 22.27
C VAL C 97 52.31 31.88 22.60
N ASP C 98 52.77 32.71 21.68
CA ASP C 98 54.04 33.45 21.84
C ASP C 98 53.70 34.86 22.31
N ASN C 99 53.75 35.04 23.60
CA ASN C 99 53.56 36.34 24.22
C ASN C 99 54.27 36.35 25.56
N PRO C 100 54.52 37.55 26.10
CA PRO C 100 55.35 37.61 27.35
C PRO C 100 54.75 37.00 28.61
N ASP C 101 53.43 36.83 28.69
CA ASP C 101 52.78 36.19 29.82
C ASP C 101 52.73 34.68 29.86
N VAL C 102 53.11 34.03 28.76
CA VAL C 102 53.02 32.61 28.70
C VAL C 102 54.23 32.09 29.43
N LYS C 103 54.01 31.31 30.49
CA LYS C 103 55.16 30.71 31.21
C LYS C 103 55.51 29.27 30.83
N VAL C 104 54.52 28.50 30.39
CA VAL C 104 54.76 27.16 29.95
C VAL C 104 54.07 26.93 28.56
N ILE C 105 54.79 26.34 27.64
CA ILE C 105 54.21 25.84 26.37
C ILE C 105 54.23 24.37 26.42
N ILE C 106 53.06 23.74 26.27
CA ILE C 106 52.95 22.31 26.12
C ILE C 106 53.06 22.14 24.58
N ASP C 107 54.20 21.62 24.11
CA ASP C 107 54.47 21.44 22.69
C ASP C 107 54.10 19.99 22.26
N MET C 108 53.27 19.86 21.23
CA MET C 108 52.63 18.61 20.84
C MET C 108 53.41 17.89 19.78
N SER C 109 54.60 18.40 19.42
CA SER C 109 55.48 17.84 18.38
C SER C 109 55.63 16.33 18.30
N LEU C 110 55.65 15.61 19.42
CA LEU C 110 55.80 14.20 19.43
C LEU C 110 54.48 13.44 19.28
N LEU C 111 53.32 14.10 19.32
CA LEU C 111 52.07 13.37 19.23
C LEU C 111 51.64 13.33 17.78
N THR C 112 52.13 12.32 17.04
CA THR C 112 51.91 12.29 15.59
C THR C 112 51.30 11.03 15.03
N GLU C 113 50.61 10.26 15.83
CA GLU C 113 49.90 9.07 15.30
C GLU C 113 48.76 9.42 14.29
N ILE C 114 48.69 8.64 13.21
CA ILE C 114 47.58 8.69 12.27
C ILE C 114 47.24 7.26 12.01
N ALA C 115 46.03 6.83 12.37
CA ALA C 115 45.71 5.42 12.20
C ALA C 115 44.25 5.18 12.18
N TYR C 116 43.86 4.08 11.57
CA TYR C 116 42.47 3.62 11.72
C TYR C 116 42.27 3.04 13.10
N ASP C 117 41.21 3.48 13.81
CA ASP C 117 40.96 2.97 15.15
C ASP C 117 39.70 2.13 15.12
N PRO C 118 39.86 0.78 15.16
CA PRO C 118 38.67 -0.10 15.23
C PRO C 118 37.67 0.13 16.36
N SER C 119 38.10 0.57 17.55
CA SER C 119 37.13 0.80 18.64
C SER C 119 36.19 1.99 18.38
N MET C 120 36.67 3.02 17.71
CA MET C 120 35.88 4.19 17.31
C MET C 120 35.29 4.11 15.89
N ASN C 121 35.70 3.09 15.14
CA ASN C 121 35.40 2.96 13.68
C ASN C 121 35.61 4.30 13.00
N ALA C 122 36.82 4.86 13.22
CA ALA C 122 37.19 6.17 12.77
C ALA C 122 38.70 6.31 12.72
N PHE C 123 39.15 7.37 12.07
CA PHE C 123 40.60 7.68 11.94
C PHE C 123 41.09 8.50 13.07
N LEU C 124 42.09 8.01 13.78
CA LEU C 124 42.68 8.74 14.87
C LEU C 124 43.80 9.57 14.29
N ILE C 125 43.75 10.87 14.53
CA ILE C 125 44.74 11.83 14.10
C ILE C 125 45.18 12.68 15.26
N GLU C 126 46.45 12.57 15.61
CA GLU C 126 46.96 13.28 16.80
C GLU C 126 47.34 14.72 16.40
N PRO C 127 47.30 15.65 17.35
CA PRO C 127 47.42 17.08 17.09
C PRO C 127 48.78 17.63 16.69
N GLY C 128 49.86 16.92 16.96
CA GLY C 128 51.16 17.32 16.48
C GLY C 128 51.43 17.07 14.99
N ASN C 129 50.60 16.27 14.32
CA ASN C 129 50.71 16.12 12.85
C ASN C 129 50.50 17.48 12.17
N THR C 130 51.24 17.68 11.09
CA THR C 130 50.91 18.76 10.16
C THR C 130 49.95 18.23 9.09
N LEU C 131 49.30 19.18 8.42
CA LEU C 131 48.37 18.87 7.37
C LEU C 131 49.01 18.06 6.28
N SER C 132 50.23 18.42 5.95
CA SER C 132 51.03 17.68 4.97
C SER C 132 51.12 16.21 5.25
N GLU C 133 51.51 15.90 6.50
CA GLU C 133 51.58 14.53 7.00
C GLU C 133 50.27 13.83 6.98
N VAL C 134 49.19 14.52 7.34
CA VAL C 134 47.89 13.92 7.34
C VAL C 134 47.47 13.54 5.93
N TYR C 135 47.58 14.48 4.99
CA TYR C 135 47.09 14.23 3.62
C TYR C 135 47.85 13.06 2.97
N GLU C 136 49.13 13.02 3.27
CA GLU C 136 50.00 11.98 2.71
C GLU C 136 49.64 10.61 3.25
N LYS C 137 49.57 10.51 4.56
CA LYS C 137 49.29 9.23 5.15
C LYS C 137 47.87 8.69 4.86
N LEU C 138 46.87 9.57 4.96
CA LEU C 138 45.50 9.21 4.65
C LEU C 138 45.37 8.74 3.22
N TYR C 139 46.09 9.41 2.32
CA TYR C 139 46.01 9.05 0.90
C TYR C 139 46.68 7.72 0.63
N LEU C 140 47.90 7.57 1.07
CA LEU C 140 48.63 6.32 0.85
C LEU C 140 48.03 5.13 1.51
N GLY C 141 47.56 5.31 2.76
CA GLY C 141 47.04 4.19 3.51
C GLY C 141 45.70 3.74 3.05
N TRP C 142 44.85 4.68 2.68
CA TRP C 142 43.43 4.33 2.42
C TRP C 142 42.73 5.12 1.30
N ASN C 143 43.46 5.98 0.59
CA ASN C 143 42.92 6.74 -0.50
C ASN C 143 41.77 7.59 -0.02
N VAL C 144 42.01 8.24 1.11
CA VAL C 144 41.06 9.20 1.66
C VAL C 144 41.83 10.51 1.98
N THR C 145 41.05 11.53 2.37
CA THR C 145 41.55 12.80 2.77
C THR C 145 40.58 13.51 3.72
N ILE C 146 41.00 14.66 4.23
CA ILE C 146 40.07 15.58 4.86
C ILE C 146 40.11 16.91 4.20
N PRO C 147 38.97 17.65 4.20
CA PRO C 147 38.96 18.88 3.37
C PRO C 147 39.49 20.06 4.14
N GLY C 148 40.75 19.97 4.49
CA GLY C 148 41.42 21.07 5.19
C GLY C 148 42.26 22.02 4.44
N GLY C 149 43.19 22.70 5.12
CA GLY C 149 43.88 23.82 4.57
C GLY C 149 44.96 23.34 3.60
N VAL C 150 45.47 24.25 2.80
CA VAL C 150 46.59 23.97 1.87
C VAL C 150 47.99 24.12 2.44
N CYS C 151 48.16 25.10 3.30
CA CYS C 151 49.51 25.39 3.86
C CYS C 151 49.98 24.14 4.58
N GLY C 152 50.94 23.43 3.96
CA GLY C 152 51.49 22.22 4.53
C GLY C 152 51.86 22.11 6.02
N GLY C 153 52.48 23.17 6.58
CA GLY C 153 52.94 23.16 7.99
C GLY C 153 51.93 23.51 9.09
N VAL C 154 50.71 23.82 8.72
CA VAL C 154 49.62 24.02 9.67
C VAL C 154 49.42 22.78 10.52
N GLY C 155 49.26 22.98 11.85
CA GLY C 155 49.05 21.84 12.74
C GLY C 155 47.59 21.38 12.88
N VAL C 156 47.41 20.09 13.03
CA VAL C 156 46.10 19.52 13.31
C VAL C 156 45.45 20.12 14.57
N GLY C 157 46.26 20.31 15.62
CA GLY C 157 45.74 20.76 16.90
C GLY C 157 44.88 22.02 16.87
N GLY C 158 45.42 23.11 16.34
CA GLY C 158 44.61 24.31 16.15
C GLY C 158 43.59 24.26 14.99
N HIS C 159 43.97 23.57 13.90
CA HIS C 159 43.24 23.60 12.65
C HIS C 159 41.85 22.98 12.78
N ILE C 160 41.77 21.78 13.31
CA ILE C 160 40.49 21.08 13.33
C ILE C 160 39.48 21.79 14.24
N CYS C 161 39.84 22.08 15.50
CA CYS C 161 38.83 22.58 16.39
C CYS C 161 38.41 24.01 16.04
N GLY C 162 39.26 24.73 15.30
CA GLY C 162 38.92 26.03 14.76
C GLY C 162 38.08 26.09 13.47
N GLY C 163 37.73 24.94 12.93
CA GLY C 163 36.87 24.85 11.75
C GLY C 163 37.54 24.80 10.36
N GLY C 164 38.69 24.16 10.29
CA GLY C 164 39.53 24.15 9.10
C GLY C 164 38.79 23.95 7.77
N TYR C 165 39.22 24.63 6.75
CA TYR C 165 38.68 24.42 5.43
C TYR C 165 39.83 24.61 4.41
N GLY C 166 39.54 24.29 3.13
CA GLY C 166 40.40 24.65 2.07
C GLY C 166 39.81 24.33 0.71
N PRO C 167 40.65 24.02 -0.26
CA PRO C 167 40.09 23.92 -1.63
C PRO C 167 39.12 22.82 -1.90
N LEU C 168 39.05 21.80 -1.08
CA LEU C 168 38.05 20.73 -1.25
C LEU C 168 36.76 20.99 -0.47
N SER C 169 36.66 22.10 0.23
CA SER C 169 35.52 22.30 1.12
C SER C 169 34.20 22.58 0.34
N ARG C 170 34.28 23.16 -0.87
CA ARG C 170 33.06 23.24 -1.64
C ARG C 170 32.48 21.92 -2.01
N GLN C 171 33.36 20.93 -2.16
CA GLN C 171 32.96 19.56 -2.49
C GLN C 171 32.58 18.72 -1.27
N PHE C 172 33.21 18.95 -0.15
CA PHE C 172 33.15 18.04 0.96
C PHE C 172 32.74 18.67 2.32
N GLY C 173 32.67 19.98 2.44
CA GLY C 173 32.49 20.66 3.73
C GLY C 173 33.74 21.05 4.47
N SER C 174 33.55 21.53 5.70
CA SER C 174 34.65 21.85 6.58
C SER C 174 35.23 20.57 7.17
N VAL C 175 36.45 20.58 7.62
CA VAL C 175 36.96 19.40 8.32
C VAL C 175 36.13 19.02 9.57
N VAL C 176 35.45 20.00 10.20
CA VAL C 176 34.56 19.71 11.33
C VAL C 176 33.33 18.90 11.00
N ASP C 177 32.94 18.87 9.72
CA ASP C 177 31.83 17.96 9.30
C ASP C 177 32.23 16.51 9.27
N TYR C 178 33.52 16.22 9.56
CA TYR C 178 34.01 14.85 9.70
C TYR C 178 34.55 14.57 11.14
N LEU C 179 34.33 15.48 12.05
CA LEU C 179 34.88 15.33 13.40
C LEU C 179 33.88 14.42 14.19
N TYR C 180 34.28 13.18 14.44
CA TYR C 180 33.48 12.20 15.22
C TYR C 180 33.68 12.33 16.75
N ALA C 181 34.90 12.49 17.18
CA ALA C 181 35.18 12.53 18.62
C ALA C 181 36.49 13.25 18.89
N VAL C 182 36.62 13.68 20.13
CA VAL C 182 37.81 14.29 20.62
C VAL C 182 38.12 13.73 22.01
N GLU C 183 39.42 13.60 22.29
CA GLU C 183 39.95 13.28 23.61
C GLU C 183 40.57 14.57 24.06
N VAL C 184 40.12 15.06 25.21
CA VAL C 184 40.52 16.36 25.72
C VAL C 184 40.98 16.21 27.20
N VAL C 185 42.04 16.90 27.54
CA VAL C 185 42.52 16.95 28.92
C VAL C 185 41.90 18.27 29.43
N VAL C 186 40.98 18.14 30.37
CA VAL C 186 40.28 19.33 30.94
C VAL C 186 40.73 19.45 32.42
N VAL C 187 40.48 20.60 33.00
CA VAL C 187 40.79 20.87 34.45
C VAL C 187 39.46 21.16 35.18
N ASN C 188 39.16 20.37 36.23
CA ASN C 188 37.93 20.53 37.05
C ASN C 188 38.06 21.65 38.07
N LYS C 189 36.99 21.97 38.81
CA LYS C 189 37.04 23.11 39.76
C LYS C 189 38.07 22.93 40.89
N GLN C 190 38.29 21.67 41.30
CA GLN C 190 39.35 21.29 42.26
C GLN C 190 40.74 21.44 41.70
N GLY C 191 40.86 21.60 40.35
CA GLY C 191 42.17 21.75 39.70
C GLY C 191 42.83 20.44 39.33
N LYS C 192 42.05 19.37 39.22
CA LYS C 192 42.60 18.09 38.77
C LYS C 192 42.42 17.93 37.22
N ALA C 193 43.47 17.44 36.57
CA ALA C 193 43.45 17.18 35.13
C ALA C 193 42.71 15.86 34.92
N ARG C 194 41.66 15.86 34.10
CA ARG C 194 40.95 14.58 33.73
C ARG C 194 40.91 14.40 32.17
N VAL C 195 40.82 13.17 31.73
CA VAL C 195 40.77 12.88 30.29
C VAL C 195 39.32 12.60 29.99
N ILE C 196 38.73 13.36 29.05
CA ILE C 196 37.37 13.11 28.55
C ILE C 196 37.40 12.77 27.05
N VAL C 197 36.65 11.76 26.66
CA VAL C 197 36.45 11.43 25.23
C VAL C 197 34.99 11.81 24.94
N ALA C 198 34.81 12.80 24.07
CA ALA C 198 33.51 13.37 23.74
C ALA C 198 33.19 13.09 22.28
N THR C 199 32.00 12.57 21.97
CA THR C 199 31.63 12.13 20.63
C THR C 199 30.40 12.86 20.10
N ARG C 200 30.25 12.75 18.80
CA ARG C 200 29.12 13.31 18.07
C ARG C 200 27.76 12.59 18.37
N GLU C 201 27.80 11.46 19.04
CA GLU C 201 26.60 10.64 19.38
C GLU C 201 25.62 11.48 20.21
N ARG C 202 24.35 11.50 19.81
CA ARG C 202 23.34 12.42 20.40
C ARG C 202 23.23 12.20 21.93
N ASP C 203 23.36 10.91 22.34
CA ASP C 203 23.28 10.48 23.74
C ASP C 203 24.63 10.39 24.47
N ASP C 204 25.69 10.98 23.92
CA ASP C 204 26.98 11.00 24.59
C ASP C 204 26.86 11.97 25.73
N PRO C 205 27.28 11.57 26.95
CA PRO C 205 27.22 12.52 28.10
C PRO C 205 28.02 13.80 27.92
N HIS C 206 29.04 13.76 27.06
CA HIS C 206 29.91 14.91 26.81
C HIS C 206 29.72 15.46 25.36
N HIS C 207 28.57 15.23 24.80
CA HIS C 207 28.23 15.63 23.46
C HIS C 207 28.47 17.13 23.28
N ASP C 208 28.11 17.90 24.27
CA ASP C 208 28.34 19.37 24.23
C ASP C 208 29.82 19.80 24.04
N LEU C 209 30.74 19.03 24.62
CA LEU C 209 32.14 19.31 24.59
C LEU C 209 32.63 18.92 23.17
N TRP C 210 32.12 17.82 22.60
CA TRP C 210 32.38 17.50 21.17
C TRP C 210 31.96 18.69 20.28
N TRP C 211 30.72 19.16 20.46
CA TRP C 211 30.15 20.21 19.67
C TRP C 211 31.02 21.45 19.72
N ALA C 212 31.56 21.77 20.89
CA ALA C 212 32.38 22.99 21.02
C ALA C 212 33.72 22.92 20.21
N HIS C 213 34.22 21.73 19.90
CA HIS C 213 35.45 21.51 19.10
C HIS C 213 35.16 21.43 17.57
N THR C 214 33.91 21.65 17.17
CA THR C 214 33.52 21.78 15.76
C THR C 214 33.51 23.23 15.35
N GLY C 215 34.53 23.96 15.75
CA GLY C 215 34.65 25.39 15.42
C GLY C 215 34.79 26.37 16.53
N GLY C 216 34.84 25.88 17.79
CA GLY C 216 35.08 26.75 18.93
C GLY C 216 36.45 27.40 18.96
N GLY C 217 37.45 26.73 18.38
CA GLY C 217 38.78 27.32 18.26
C GLY C 217 39.67 26.85 19.39
N GLY C 218 40.99 26.87 19.16
CA GLY C 218 41.94 26.31 20.13
C GLY C 218 42.14 27.19 21.41
N GLY C 219 42.66 26.55 22.44
CA GLY C 219 43.16 27.20 23.67
C GLY C 219 42.01 27.69 24.53
N ASN C 220 40.86 27.01 24.42
CA ASN C 220 39.64 27.46 25.09
C ASN C 220 39.17 26.49 26.15
N PHE C 221 39.05 25.21 25.81
CA PHE C 221 38.41 24.23 26.67
C PHE C 221 39.32 23.22 27.38
N GLY C 222 40.55 23.07 26.93
CA GLY C 222 41.39 21.97 27.38
C GLY C 222 42.37 21.59 26.30
N VAL C 223 43.17 20.57 26.53
CA VAL C 223 44.17 20.21 25.52
C VAL C 223 43.63 19.01 24.75
N VAL C 224 43.41 19.22 23.43
CA VAL C 224 43.03 18.08 22.60
C VAL C 224 44.25 17.23 22.42
N THR C 225 44.11 15.94 22.72
CA THR C 225 45.21 15.00 22.49
C THR C 225 44.98 13.97 21.37
N LYS C 226 43.73 13.87 20.97
CA LYS C 226 43.32 13.04 19.84
C LYS C 226 42.03 13.64 19.15
N TYR C 227 42.00 13.58 17.82
CA TYR C 227 40.78 13.81 17.04
C TYR C 227 40.50 12.47 16.39
N TRP C 228 39.23 12.11 16.33
CA TRP C 228 38.82 11.00 15.50
C TRP C 228 37.90 11.53 14.40
N MET C 229 38.23 11.15 13.16
CA MET C 229 37.57 11.68 11.96
C MET C 229 36.88 10.56 11.19
N ARG C 230 35.66 10.84 10.72
CA ARG C 230 34.93 9.93 9.88
C ARG C 230 33.67 10.62 9.33
N VAL C 231 33.12 10.04 8.27
CA VAL C 231 31.83 10.53 7.71
C VAL C 231 30.72 10.24 8.69
N PRO C 232 29.69 11.09 8.71
CA PRO C 232 28.60 10.84 9.62
C PRO C 232 27.72 9.67 9.20
N GLU C 233 27.63 9.32 7.92
CA GLU C 233 26.73 8.17 7.53
C GLU C 233 27.30 6.82 7.94
N ASP C 234 26.41 5.87 8.11
CA ASP C 234 26.80 4.51 8.32
C ASP C 234 27.32 3.98 6.99
N VAL C 235 28.59 3.60 6.93
CA VAL C 235 29.19 3.06 5.72
C VAL C 235 29.87 1.73 5.98
N GLY C 236 29.52 1.09 7.08
CA GLY C 236 30.25 -0.04 7.54
C GLY C 236 31.57 0.28 8.22
N ARG C 237 32.44 -0.72 8.16
CA ARG C 237 33.75 -0.74 8.84
C ARG C 237 34.93 -0.72 7.88
N ASN C 238 34.67 -0.49 6.61
CA ASN C 238 35.71 -0.32 5.63
C ASN C 238 36.38 1.06 5.75
N PRO C 239 37.64 1.12 6.21
CA PRO C 239 38.26 2.44 6.38
C PRO C 239 38.38 3.27 5.12
N GLU C 240 38.42 2.61 3.97
CA GLU C 240 38.40 3.31 2.70
C GLU C 240 37.15 4.07 2.39
N ARG C 241 36.03 3.78 3.07
CA ARG C 241 34.83 4.56 2.96
C ARG C 241 34.61 5.54 4.10
N LEU C 242 35.54 5.65 5.03
CA LEU C 242 35.25 6.43 6.23
C LEU C 242 35.53 7.92 6.15
N LEU C 243 36.25 8.31 5.12
CA LEU C 243 36.52 9.73 4.83
C LEU C 243 36.36 9.92 3.32
N PRO C 244 36.12 11.16 2.87
CA PRO C 244 36.06 11.54 1.42
C PRO C 244 37.25 11.04 0.61
N LYS C 245 36.98 10.54 -0.58
CA LYS C 245 38.02 10.12 -1.54
C LYS C 245 38.52 11.35 -2.23
N PRO C 246 39.85 11.62 -2.22
CA PRO C 246 40.21 12.86 -2.92
C PRO C 246 40.10 12.66 -4.44
N PRO C 247 39.90 13.74 -5.18
CA PRO C 247 40.02 13.60 -6.63
C PRO C 247 41.39 13.00 -7.02
N ALA C 248 41.38 11.99 -7.87
CA ALA C 248 42.61 11.44 -8.40
C ALA C 248 43.48 12.49 -9.18
N THR C 249 42.87 13.44 -9.90
CA THR C 249 43.62 14.46 -10.59
C THR C 249 42.83 15.72 -10.51
N LEU C 250 43.53 16.83 -10.61
CA LEU C 250 42.98 18.17 -10.67
C LEU C 250 43.34 18.90 -12.02
N LEU C 251 42.42 19.66 -12.55
CA LEU C 251 42.72 20.50 -13.66
C LEU C 251 42.91 21.90 -13.09
N THR C 252 44.03 22.50 -13.41
CA THR C 252 44.43 23.80 -12.80
C THR C 252 44.83 24.84 -13.81
N SER C 253 44.68 26.10 -13.44
CA SER C 253 45.15 27.22 -14.19
C SER C 253 45.20 28.41 -13.26
N THR C 254 46.15 29.30 -13.47
CA THR C 254 46.21 30.59 -12.82
C THR C 254 46.09 31.72 -13.83
N VAL C 255 45.04 32.53 -13.72
CA VAL C 255 44.87 33.71 -14.51
C VAL C 255 45.66 34.82 -13.83
N THR C 256 46.39 35.63 -14.60
CA THR C 256 47.20 36.75 -14.07
C THR C 256 46.65 38.07 -14.57
N PHE C 257 46.67 39.12 -13.74
CA PHE C 257 46.36 40.46 -14.11
C PHE C 257 47.54 41.36 -13.92
N ASP C 258 47.53 42.50 -14.63
CA ASP C 258 48.60 43.50 -14.48
C ASP C 258 48.06 44.75 -13.93
N TRP C 259 48.76 45.34 -12.95
CA TRP C 259 48.37 46.68 -12.45
C TRP C 259 48.57 47.82 -13.46
N ALA C 260 49.62 47.75 -14.25
CA ALA C 260 49.98 48.85 -15.15
C ALA C 260 48.87 49.01 -16.17
N GLY C 261 48.29 50.22 -16.23
CA GLY C 261 47.19 50.51 -17.17
C GLY C 261 45.81 50.13 -16.64
N MET C 262 45.70 49.39 -15.51
CA MET C 262 44.36 49.01 -15.04
C MET C 262 43.67 50.21 -14.43
N THR C 263 42.47 50.48 -14.90
CA THR C 263 41.68 51.61 -14.36
C THR C 263 40.85 51.14 -13.20
N GLU C 264 40.35 52.08 -12.40
CA GLU C 264 39.31 51.78 -11.43
C GLU C 264 38.09 51.04 -11.99
N ALA C 265 37.67 51.44 -13.19
CA ALA C 265 36.48 50.87 -13.83
C ALA C 265 36.69 49.39 -14.13
N ALA C 266 37.88 49.03 -14.62
CA ALA C 266 38.19 47.70 -15.01
C ALA C 266 38.28 46.82 -13.73
N PHE C 267 38.99 47.35 -12.75
CA PHE C 267 39.18 46.69 -11.46
C PHE C 267 37.84 46.41 -10.81
N SER C 268 36.98 47.41 -10.82
CA SER C 268 35.66 47.25 -10.26
C SER C 268 34.85 46.20 -11.02
N ARG C 269 34.96 46.23 -12.34
CA ARG C 269 34.29 45.25 -13.14
C ARG C 269 34.78 43.84 -12.83
N LEU C 270 36.09 43.73 -12.60
CA LEU C 270 36.67 42.42 -12.27
C LEU C 270 36.04 41.80 -11.02
N LEU C 271 36.06 42.60 -9.93
CA LEU C 271 35.55 42.19 -8.63
C LEU C 271 34.07 41.91 -8.65
N ARG C 272 33.35 42.64 -9.45
CA ARG C 272 31.95 42.38 -9.62
C ARG C 272 31.67 41.12 -10.38
N ASN C 273 32.40 40.93 -11.50
CA ASN C 273 32.34 39.72 -12.28
C ASN C 273 32.54 38.48 -11.35
N HIS C 274 33.62 38.52 -10.60
CA HIS C 274 34.00 37.41 -9.74
C HIS C 274 32.93 37.16 -8.65
N GLY C 275 32.51 38.22 -7.97
CA GLY C 275 31.59 38.06 -6.82
C GLY C 275 30.23 37.61 -7.28
N GLU C 276 29.74 38.17 -8.39
CA GLU C 276 28.49 37.65 -8.98
C GLU C 276 28.56 36.18 -9.40
N TRP C 277 29.67 35.76 -10.01
CA TRP C 277 29.80 34.36 -10.31
C TRP C 277 29.66 33.48 -9.02
N TYR C 278 30.32 33.89 -7.95
CA TYR C 278 30.31 33.17 -6.66
C TYR C 278 28.89 33.22 -6.06
N GLU C 279 28.17 34.34 -6.18
CA GLU C 279 26.76 34.34 -5.77
C GLU C 279 25.87 33.33 -6.49
N ARG C 280 26.14 33.03 -7.75
CA ARG C 280 25.29 32.13 -8.52
C ARG C 280 25.71 30.69 -8.39
N ASN C 281 26.97 30.46 -8.20
CA ASN C 281 27.51 29.12 -8.36
C ASN C 281 28.13 28.51 -7.08
N SER C 282 27.54 28.80 -5.92
CA SER C 282 28.03 28.30 -4.62
C SER C 282 27.00 27.47 -3.85
N GLY C 283 25.95 27.06 -4.53
CA GLY C 283 24.94 26.20 -3.96
C GLY C 283 25.46 24.74 -3.82
N PRO C 284 24.97 24.03 -2.80
CA PRO C 284 25.48 22.68 -2.55
C PRO C 284 25.20 21.73 -3.71
N ASP C 285 24.19 22.06 -4.54
CA ASP C 285 23.87 21.21 -5.67
C ASP C 285 24.43 21.68 -7.03
N SER C 286 25.22 22.74 -7.03
CA SER C 286 25.94 23.19 -8.24
C SER C 286 26.99 22.19 -8.76
N PRO C 287 27.10 22.04 -10.09
CA PRO C 287 28.29 21.32 -10.56
C PRO C 287 29.63 21.95 -10.17
N TYR C 288 29.61 23.21 -9.77
CA TYR C 288 30.80 23.96 -9.43
C TYR C 288 31.31 23.72 -7.97
N THR C 289 30.65 22.83 -7.24
CA THR C 289 31.18 22.37 -5.95
C THR C 289 32.57 21.73 -6.12
N GLY C 290 32.84 21.18 -7.30
CA GLY C 290 34.15 20.61 -7.66
C GLY C 290 35.20 21.63 -8.15
N LEU C 291 34.89 22.91 -8.09
CA LEU C 291 35.78 23.94 -8.48
C LEU C 291 36.07 24.81 -7.28
N TRP C 292 37.31 25.31 -7.23
CA TRP C 292 37.73 26.32 -6.27
C TRP C 292 38.68 27.28 -6.92
N SER C 293 38.64 28.52 -6.47
CA SER C 293 39.57 29.56 -6.90
C SER C 293 39.77 30.55 -5.79
N GLN C 294 40.85 31.32 -5.84
CA GLN C 294 40.97 32.52 -5.08
C GLN C 294 41.53 33.66 -5.84
N LEU C 295 40.90 34.81 -5.72
CA LEU C 295 41.36 35.99 -6.39
C LEU C 295 42.29 36.69 -5.44
N MET C 296 43.53 36.85 -5.85
CA MET C 296 44.57 37.33 -4.99
C MET C 296 44.96 38.70 -5.48
N ILE C 297 44.59 39.74 -4.77
CA ILE C 297 44.78 41.09 -5.26
C ILE C 297 45.89 41.71 -4.49
N GLY C 298 47.11 41.55 -4.99
CA GLY C 298 48.27 41.94 -4.22
C GLY C 298 49.33 42.61 -5.09
N ASN C 299 50.22 43.33 -4.43
CA ASN C 299 51.40 43.86 -5.12
C ASN C 299 52.39 42.75 -5.41
N GLU C 300 53.18 43.00 -6.44
CA GLU C 300 54.13 42.02 -6.97
C GLU C 300 55.41 42.15 -6.18
N VAL C 301 55.85 41.05 -5.57
CA VAL C 301 57.05 41.06 -4.78
C VAL C 301 58.06 40.08 -5.36
N PRO C 302 59.25 40.58 -5.80
CA PRO C 302 60.30 39.81 -6.51
C PRO C 302 60.43 38.32 -6.22
N GLY C 303 60.90 37.91 -5.06
CA GLY C 303 61.17 36.47 -4.84
C GLY C 303 59.98 35.63 -4.38
N MET C 304 58.77 36.19 -4.39
CA MET C 304 57.62 35.64 -3.67
C MET C 304 56.53 35.30 -4.69
N GLY C 305 56.49 34.01 -5.04
CA GLY C 305 55.60 33.48 -6.05
C GLY C 305 54.11 33.51 -5.72
N GLU C 306 53.74 33.64 -4.45
CA GLU C 306 52.32 33.82 -4.05
C GLU C 306 51.83 35.32 -4.01
N SER C 307 52.74 36.26 -4.30
CA SER C 307 52.42 37.68 -4.41
C SER C 307 51.83 37.98 -5.78
N GLY C 308 51.51 39.23 -6.02
CA GLY C 308 51.02 39.68 -7.28
C GLY C 308 49.50 39.56 -7.37
N PHE C 309 49.00 39.80 -8.57
CA PHE C 309 47.60 39.95 -8.91
C PHE C 309 47.22 38.76 -9.79
N MET C 310 46.53 37.79 -9.21
CA MET C 310 46.35 36.49 -9.84
C MET C 310 45.20 35.73 -9.25
N MET C 311 44.68 34.81 -10.02
CA MET C 311 43.62 33.94 -9.62
C MET C 311 43.91 32.48 -9.94
N PRO C 312 44.48 31.75 -8.97
CA PRO C 312 44.55 30.31 -9.16
C PRO C 312 43.19 29.59 -9.10
N ILE C 313 43.00 28.57 -9.93
CA ILE C 313 41.78 27.80 -10.02
C ILE C 313 42.09 26.31 -10.05
N GLN C 314 41.27 25.48 -9.42
CA GLN C 314 41.38 24.06 -9.61
C GLN C 314 40.01 23.43 -9.70
N VAL C 315 39.94 22.33 -10.43
CA VAL C 315 38.69 21.65 -10.60
C VAL C 315 38.96 20.21 -10.50
N ASP C 316 38.05 19.49 -9.82
CA ASP C 316 38.08 18.05 -9.85
C ASP C 316 38.07 17.46 -11.28
N ALA C 317 39.18 16.88 -11.70
CA ALA C 317 39.33 16.42 -13.06
C ALA C 317 38.82 15.00 -13.31
N THR C 318 38.17 14.38 -12.34
CA THR C 318 37.61 13.03 -12.54
C THR C 318 36.23 13.09 -13.23
N ARG C 319 35.67 14.27 -13.23
CA ARG C 319 34.40 14.58 -13.83
C ARG C 319 34.66 14.92 -15.33
N PRO C 320 33.85 14.35 -16.23
CA PRO C 320 34.06 14.72 -17.64
C PRO C 320 33.76 16.21 -17.94
N ASP C 321 32.93 16.90 -17.14
CA ASP C 321 32.69 18.34 -17.33
C ASP C 321 33.83 19.26 -16.87
N ALA C 322 34.96 18.75 -16.41
CA ALA C 322 35.88 19.63 -15.70
C ALA C 322 36.47 20.81 -16.52
N ARG C 323 36.97 20.51 -17.74
CA ARG C 323 37.54 21.56 -18.64
C ARG C 323 36.50 22.64 -18.91
N ARG C 324 35.26 22.21 -19.08
CA ARG C 324 34.16 23.11 -19.37
C ARG C 324 33.83 24.01 -18.15
N LEU C 325 33.85 23.42 -16.93
CA LEU C 325 33.61 24.26 -15.72
C LEU C 325 34.72 25.29 -15.54
N LEU C 326 35.96 24.87 -15.69
CA LEU C 326 37.12 25.74 -15.53
C LEU C 326 37.05 26.91 -16.51
N ASP C 327 36.77 26.54 -17.78
CA ASP C 327 36.65 27.53 -18.90
C ASP C 327 35.57 28.54 -18.64
N ALA C 328 34.40 28.08 -18.29
CA ALA C 328 33.29 28.96 -17.94
C ALA C 328 33.54 29.86 -16.77
N HIS C 329 34.13 29.33 -15.68
CA HIS C 329 34.54 30.23 -14.59
C HIS C 329 35.52 31.36 -15.06
N ILE C 330 36.57 30.96 -15.78
CA ILE C 330 37.53 31.96 -16.29
C ILE C 330 36.83 33.07 -17.09
N GLU C 331 35.97 32.66 -18.00
CA GLU C 331 35.30 33.65 -18.88
C GLU C 331 34.42 34.59 -18.13
N ALA C 332 33.69 34.08 -17.17
CA ALA C 332 32.88 34.98 -16.30
C ALA C 332 33.72 36.01 -15.54
N VAL C 333 34.85 35.57 -15.00
CA VAL C 333 35.71 36.52 -14.25
C VAL C 333 36.28 37.60 -15.15
N ILE C 334 36.80 37.18 -16.29
CA ILE C 334 37.50 38.09 -17.19
C ILE C 334 36.67 38.86 -18.21
N ASP C 335 35.36 38.64 -18.21
CA ASP C 335 34.44 39.34 -19.09
C ASP C 335 34.59 40.86 -19.10
N GLY C 336 35.18 41.38 -20.18
CA GLY C 336 35.41 42.81 -20.29
C GLY C 336 36.56 43.31 -19.47
N VAL C 337 37.44 42.40 -18.96
CA VAL C 337 38.57 42.79 -18.17
C VAL C 337 39.78 42.02 -18.67
N PRO C 338 40.56 42.66 -19.57
CA PRO C 338 41.68 41.92 -20.13
C PRO C 338 42.76 41.43 -19.09
N PRO C 339 42.94 40.09 -18.97
CA PRO C 339 43.99 39.60 -18.10
C PRO C 339 45.32 39.67 -18.84
N ALA C 340 46.41 39.54 -18.10
CA ALA C 340 47.75 39.53 -18.66
C ALA C 340 48.03 38.20 -19.28
N GLU C 341 47.48 37.12 -18.70
CA GLU C 341 47.71 35.75 -19.20
C GLU C 341 46.58 34.76 -18.79
N VAL C 342 46.18 33.88 -19.71
CA VAL C 342 45.33 32.75 -19.43
C VAL C 342 46.03 31.55 -20.02
N PRO C 343 46.88 30.87 -19.26
CA PRO C 343 47.57 29.71 -19.78
C PRO C 343 46.63 28.54 -20.03
N GLU C 344 47.11 27.60 -20.83
CA GLU C 344 46.43 26.35 -20.99
C GLU C 344 46.35 25.63 -19.63
N PRO C 345 45.24 25.03 -19.34
CA PRO C 345 45.13 24.25 -18.12
C PRO C 345 46.04 23.06 -18.12
N ILE C 346 46.45 22.64 -16.93
CA ILE C 346 47.35 21.54 -16.71
C ILE C 346 46.60 20.54 -15.83
N GLU C 347 46.69 19.27 -16.15
CA GLU C 347 46.11 18.23 -15.30
C GLU C 347 47.22 17.81 -14.34
N GLN C 348 46.93 17.76 -13.02
CA GLN C 348 47.89 17.34 -12.00
C GLN C 348 47.30 16.24 -11.14
N ARG C 349 48.16 15.33 -10.70
CA ARG C 349 47.75 14.26 -9.84
C ARG C 349 47.64 14.83 -8.41
N TRP C 350 46.69 14.26 -7.67
CA TRP C 350 46.55 14.48 -6.22
C TRP C 350 47.88 14.23 -5.53
N LEU C 351 48.30 15.24 -4.76
CA LEU C 351 49.56 15.25 -4.05
C LEU C 351 50.74 14.97 -4.95
N ALA C 352 50.77 15.43 -6.18
CA ALA C 352 51.92 15.08 -7.03
C ALA C 352 53.23 15.72 -6.49
N SER C 353 53.15 16.91 -5.94
CA SER C 353 54.27 17.47 -5.16
C SER C 353 53.93 17.43 -3.67
N THR C 354 54.95 17.33 -2.80
CA THR C 354 54.75 17.50 -1.34
C THR C 354 54.44 18.97 -1.08
N PRO C 355 53.39 19.27 -0.27
CA PRO C 355 53.21 20.68 0.12
C PRO C 355 54.43 21.13 0.92
N GLY C 356 55.03 22.26 0.52
CA GLY C 356 56.37 22.62 0.99
C GLY C 356 56.54 23.11 2.43
N ARG C 357 56.91 22.18 3.31
CA ARG C 357 57.46 22.46 4.66
C ARG C 357 56.57 23.40 5.52
N GLY C 358 57.18 24.04 6.51
CA GLY C 358 56.63 25.25 7.14
C GLY C 358 57.82 26.12 7.58
N GLY C 359 58.04 26.22 8.90
CA GLY C 359 59.12 27.03 9.49
C GLY C 359 58.64 28.43 9.88
N ARG C 360 59.57 29.36 9.99
CA ARG C 360 59.33 30.68 10.58
C ARG C 360 59.26 31.63 9.42
N GLY C 361 58.16 32.37 9.27
CA GLY C 361 58.05 33.33 8.20
C GLY C 361 58.20 34.75 8.69
N PRO C 362 58.11 35.73 7.76
CA PRO C 362 58.22 37.14 8.10
C PRO C 362 56.94 37.60 8.79
N ALA C 363 57.02 38.75 9.43
CA ALA C 363 55.94 39.22 10.24
C ALA C 363 54.76 39.60 9.32
N SER C 364 53.54 39.25 9.75
CA SER C 364 52.39 39.65 8.98
C SER C 364 51.24 39.98 9.92
N LYS C 365 50.26 40.65 9.34
CA LYS C 365 48.95 40.86 9.94
C LYS C 365 47.83 40.52 8.88
N THR C 366 46.93 39.64 9.25
CA THR C 366 45.76 39.31 8.45
C THR C 366 44.47 39.68 9.24
N LYS C 367 43.54 40.30 8.55
CA LYS C 367 42.18 40.60 9.04
C LYS C 367 41.22 39.92 8.08
N ALA C 368 40.02 39.56 8.53
CA ALA C 368 39.19 38.59 7.81
C ALA C 368 37.72 38.93 7.99
N GLY C 369 36.96 38.55 6.96
CA GLY C 369 35.49 38.44 7.02
C GLY C 369 34.92 37.35 6.14
N TYR C 370 33.62 37.11 6.33
CA TYR C 370 32.88 36.24 5.49
C TYR C 370 32.02 37.07 4.57
N LEU C 371 31.82 36.54 3.36
CA LEU C 371 30.84 37.12 2.41
C LEU C 371 29.75 36.19 2.05
N ARG C 372 28.52 36.69 2.16
CA ARG C 372 27.37 36.01 1.68
C ARG C 372 26.96 36.49 0.30
N LYS C 373 27.28 37.74 -0.01
CA LYS C 373 27.11 38.28 -1.34
C LYS C 373 28.43 39.03 -1.64
N ARG C 374 28.59 39.51 -2.86
CA ARG C 374 29.87 40.12 -3.23
C ARG C 374 29.99 41.44 -2.49
N LEU C 375 31.23 41.93 -2.40
CA LEU C 375 31.53 43.25 -1.85
C LEU C 375 30.70 44.29 -2.66
N THR C 376 30.17 45.29 -2.02
CA THR C 376 29.38 46.31 -2.72
C THR C 376 30.33 47.20 -3.58
N ASP C 377 29.72 47.98 -4.48
CA ASP C 377 30.43 48.91 -5.40
C ASP C 377 31.30 49.89 -4.58
N ARG C 378 30.76 50.44 -3.50
CA ARG C 378 31.51 51.25 -2.54
C ARG C 378 32.65 50.51 -1.88
N GLN C 379 32.40 49.28 -1.41
CA GLN C 379 33.53 48.49 -0.80
C GLN C 379 34.61 48.13 -1.84
N ILE C 380 34.21 47.80 -3.08
CA ILE C 380 35.16 47.51 -4.15
C ILE C 380 36.08 48.74 -4.37
N GLN C 381 35.50 49.94 -4.38
CA GLN C 381 36.25 51.20 -4.52
C GLN C 381 37.23 51.45 -3.40
N ALA C 382 36.78 51.20 -2.17
CA ALA C 382 37.67 51.25 -1.06
C ALA C 382 38.81 50.25 -1.22
N VAL C 383 38.57 49.03 -1.68
CA VAL C 383 39.72 48.13 -1.90
C VAL C 383 40.70 48.78 -2.95
N TYR C 384 40.14 49.30 -4.05
CA TYR C 384 40.98 49.86 -5.11
C TYR C 384 41.84 51.04 -4.61
N GLU C 385 41.21 51.96 -3.88
CA GLU C 385 41.88 53.09 -3.33
C GLU C 385 43.03 52.69 -2.40
N ASN C 386 42.78 51.75 -1.50
CA ASN C 386 43.87 51.34 -0.60
C ASN C 386 45.02 50.59 -1.27
N MET C 387 44.68 49.75 -2.24
CA MET C 387 45.68 48.99 -2.96
C MET C 387 46.47 49.89 -3.91
N THR C 388 45.90 51.01 -4.38
CA THR C 388 46.70 52.00 -5.14
C THR C 388 47.40 53.08 -4.28
N HIS C 389 47.25 53.02 -2.95
CA HIS C 389 48.00 53.87 -2.05
C HIS C 389 48.67 53.05 -0.98
N MET C 390 49.74 52.38 -1.38
CA MET C 390 50.49 51.55 -0.49
C MET C 390 51.99 51.86 -0.53
N ASP C 391 52.34 53.15 -0.55
CA ASP C 391 53.72 53.61 -0.40
C ASP C 391 54.34 53.01 0.85
N GLY C 392 55.46 52.32 0.67
CA GLY C 392 56.25 51.77 1.76
C GLY C 392 55.75 50.46 2.34
N ILE C 393 54.82 49.82 1.65
CA ILE C 393 54.28 48.56 2.12
C ILE C 393 54.94 47.49 1.34
N ASP C 394 55.58 46.55 2.03
CA ASP C 394 56.32 45.48 1.37
C ASP C 394 55.35 44.50 0.70
N TYR C 395 54.37 43.99 1.45
CA TYR C 395 53.31 43.20 0.86
C TYR C 395 51.99 43.63 1.47
N GLY C 396 50.99 43.82 0.62
CA GLY C 396 49.64 44.09 1.05
C GLY C 396 48.71 43.52 -0.01
N ALA C 397 47.55 42.99 0.42
CA ALA C 397 46.72 42.28 -0.52
C ALA C 397 45.36 42.05 0.08
N VAL C 398 44.42 41.80 -0.81
CA VAL C 398 43.12 41.27 -0.48
C VAL C 398 42.95 39.97 -1.21
N TRP C 399 42.57 38.90 -0.50
CA TRP C 399 42.31 37.64 -1.08
C TRP C 399 40.83 37.28 -0.88
N LEU C 400 40.18 36.88 -1.97
CA LEU C 400 38.81 36.47 -2.01
C LEU C 400 38.83 35.02 -2.28
N ILE C 401 38.51 34.28 -1.26
CA ILE C 401 38.71 32.85 -1.24
C ILE C 401 37.40 32.08 -1.42
N GLY C 402 37.37 31.23 -2.42
CA GLY C 402 36.18 30.40 -2.73
C GLY C 402 35.72 29.57 -1.52
N TYR C 403 34.43 29.58 -1.26
CA TYR C 403 33.81 28.87 -0.11
C TYR C 403 32.37 28.46 -0.42
N GLY C 404 31.61 28.00 0.56
CA GLY C 404 30.23 27.58 0.38
C GLY C 404 30.18 26.18 -0.16
N GLY C 405 29.30 25.93 -1.10
CA GLY C 405 29.12 24.57 -1.66
C GLY C 405 28.57 23.66 -0.58
N LYS C 406 29.15 22.50 -0.44
CA LYS C 406 28.73 21.53 0.56
C LYS C 406 28.88 21.97 1.98
N VAL C 407 29.74 22.95 2.26
CA VAL C 407 29.73 23.56 3.57
C VAL C 407 28.27 23.93 3.97
N ASN C 408 27.49 24.36 3.00
CA ASN C 408 26.25 25.08 3.25
C ASN C 408 25.04 24.19 3.39
N THR C 409 25.25 22.89 3.57
CA THR C 409 24.14 21.92 3.82
C THR C 409 23.97 21.72 5.32
N VAL C 410 24.82 22.29 6.14
CA VAL C 410 24.78 22.07 7.58
C VAL C 410 24.08 23.25 8.25
N ASP C 411 23.24 22.95 9.22
CA ASP C 411 22.57 23.99 10.00
C ASP C 411 23.58 24.83 10.78
N PRO C 412 23.38 26.16 10.86
CA PRO C 412 24.26 27.04 11.63
C PRO C 412 24.55 26.60 13.07
N ALA C 413 23.60 25.96 13.73
CA ALA C 413 23.74 25.48 15.11
C ALA C 413 24.27 24.04 15.25
N ALA C 414 24.27 23.25 14.17
CA ALA C 414 24.75 21.85 14.24
C ALA C 414 26.24 21.67 14.53
N THR C 415 27.03 22.72 14.29
CA THR C 415 28.45 22.77 14.72
C THR C 415 28.66 24.13 15.29
N ALA C 416 29.87 24.39 15.75
CA ALA C 416 30.21 25.66 16.32
C ALA C 416 30.47 26.75 15.26
N LEU C 417 30.63 26.36 14.01
CA LEU C 417 30.72 27.35 12.88
C LEU C 417 29.33 27.85 12.52
N PRO C 418 29.04 29.15 12.75
CA PRO C 418 27.67 29.64 12.40
C PRO C 418 27.42 29.99 10.92
N GLN C 419 28.48 30.19 10.13
CA GLN C 419 28.37 30.70 8.76
C GLN C 419 28.19 29.53 7.83
N ARG C 420 26.95 29.27 7.48
CA ARG C 420 26.61 28.16 6.63
C ARG C 420 25.82 28.59 5.40
N ASP C 421 25.96 29.83 5.01
CA ASP C 421 25.49 30.29 3.71
C ASP C 421 26.45 31.26 3.05
N ALA C 422 27.74 31.26 3.43
CA ALA C 422 28.69 32.17 2.80
C ALA C 422 29.10 31.62 1.42
N ILE C 423 29.62 32.54 0.60
CA ILE C 423 30.19 32.21 -0.70
C ILE C 423 31.73 32.45 -0.78
N LEU C 424 32.25 33.33 0.03
CA LEU C 424 33.67 33.66 -0.03
C LEU C 424 34.14 33.99 1.39
N LYS C 425 35.40 33.71 1.68
CA LYS C 425 36.08 34.29 2.81
C LYS C 425 36.97 35.38 2.20
N VAL C 426 37.14 36.50 2.89
CA VAL C 426 37.94 37.61 2.42
C VAL C 426 39.01 37.92 3.43
N ASN C 427 40.28 37.89 2.99
CA ASN C 427 41.40 38.23 3.87
C ASN C 427 42.03 39.51 3.41
N TYR C 428 42.41 40.36 4.35
CA TYR C 428 43.07 41.61 4.07
C TYR C 428 44.42 41.44 4.75
N ILE C 429 45.47 41.52 3.96
CA ILE C 429 46.75 40.94 4.38
C ILE C 429 47.86 41.99 4.24
N THR C 430 48.75 42.10 5.23
CA THR C 430 50.03 42.81 5.03
C THR C 430 51.21 42.09 5.70
N GLY C 431 52.40 42.36 5.19
CA GLY C 431 53.57 41.65 5.61
C GLY C 431 54.76 42.60 5.47
N TRP C 432 55.71 42.49 6.38
CA TRP C 432 56.88 43.42 6.42
C TRP C 432 58.16 42.70 6.80
N ALA C 433 59.24 43.13 6.17
CA ALA C 433 60.57 42.50 6.32
C ALA C 433 61.27 42.99 7.60
N ASN C 434 61.13 44.28 7.89
CA ASN C 434 61.89 44.94 8.97
C ASN C 434 60.94 45.31 10.10
N PRO C 435 61.19 44.78 11.32
CA PRO C 435 60.42 45.08 12.53
C PRO C 435 60.10 46.52 12.80
N GLY C 436 60.99 47.43 12.41
CA GLY C 436 60.80 48.88 12.52
C GLY C 436 59.74 49.46 11.60
N ASN C 437 59.35 48.71 10.57
CA ASN C 437 58.21 49.10 9.76
C ASN C 437 56.87 48.46 10.16
N GLU C 438 56.78 47.79 11.31
CA GLU C 438 55.48 47.19 11.75
C GLU C 438 54.35 48.24 11.79
N ALA C 439 54.60 49.39 12.42
CA ALA C 439 53.53 50.37 12.64
C ALA C 439 52.82 50.84 11.37
N LYS C 440 53.60 51.19 10.35
CA LYS C 440 53.00 51.69 9.13
C LYS C 440 52.26 50.63 8.33
N HIS C 441 52.74 49.40 8.40
CA HIS C 441 52.00 48.31 7.80
C HIS C 441 50.69 48.00 8.57
N LEU C 442 50.73 48.01 9.91
CA LEU C 442 49.47 47.86 10.70
C LEU C 442 48.52 48.98 10.35
N THR C 443 49.03 50.17 10.14
CA THR C 443 48.18 51.30 9.85
C THR C 443 47.50 51.12 8.49
N TRP C 444 48.27 50.68 7.50
CA TRP C 444 47.71 50.49 6.16
C TRP C 444 46.59 49.42 6.17
N VAL C 445 46.88 48.25 6.73
CA VAL C 445 45.90 47.17 6.69
C VAL C 445 44.65 47.51 7.53
N ARG C 446 44.83 48.20 8.64
CA ARG C 446 43.67 48.68 9.39
C ARG C 446 42.82 49.73 8.66
N LYS C 447 43.48 50.65 7.96
CA LYS C 447 42.73 51.58 7.13
C LYS C 447 41.92 50.88 6.05
N LEU C 448 42.53 49.92 5.39
CA LEU C 448 41.85 49.19 4.31
C LEU C 448 40.59 48.49 4.85
N TYR C 449 40.78 47.79 5.99
CA TYR C 449 39.67 47.05 6.63
C TYR C 449 38.54 48.03 7.10
N ALA C 450 38.92 49.09 7.79
CA ALA C 450 37.94 50.08 8.26
C ALA C 450 37.23 50.80 7.18
N ASP C 451 37.90 51.05 6.04
CA ASP C 451 37.24 51.66 4.88
C ASP C 451 36.28 50.71 4.27
N VAL C 452 36.70 49.47 4.09
CA VAL C 452 35.78 48.48 3.55
C VAL C 452 34.53 48.34 4.40
N TYR C 453 34.72 48.24 5.69
CA TYR C 453 33.57 48.05 6.61
C TYR C 453 33.09 49.34 7.31
N ALA C 454 33.27 50.49 6.68
CA ALA C 454 33.03 51.82 7.30
C ALA C 454 31.56 52.05 7.66
N GLU C 455 30.61 51.47 6.95
CA GLU C 455 29.21 51.62 7.28
C GLU C 455 28.75 50.75 8.45
N THR C 456 29.55 49.79 8.91
CA THR C 456 29.17 48.89 10.03
C THR C 456 30.30 48.92 11.07
N GLY C 457 30.75 50.13 11.42
CA GLY C 457 31.67 50.28 12.51
C GLY C 457 33.04 49.71 12.34
N GLY C 458 33.45 49.53 11.10
CA GLY C 458 34.82 49.07 10.80
C GLY C 458 35.04 47.56 10.82
N VAL C 459 33.97 46.77 10.95
CA VAL C 459 34.09 45.33 11.13
C VAL C 459 32.97 44.67 10.35
N PRO C 460 33.16 43.41 9.94
CA PRO C 460 32.18 42.63 9.18
C PRO C 460 30.93 42.21 9.96
N VAL C 461 30.18 43.19 10.50
CA VAL C 461 28.93 42.85 11.20
C VAL C 461 28.07 42.06 10.24
N PRO C 462 27.43 40.95 10.69
CA PRO C 462 26.56 40.21 9.83
C PRO C 462 25.43 41.02 9.28
N ASN C 463 25.25 40.98 7.97
CA ASN C 463 24.14 41.63 7.32
C ASN C 463 23.82 40.92 5.99
N ASP C 464 23.34 41.62 4.98
CA ASP C 464 23.02 40.96 3.71
C ASP C 464 24.31 40.55 2.97
N VAL C 465 25.40 41.31 3.19
CA VAL C 465 26.67 41.10 2.51
C VAL C 465 27.69 40.31 3.37
N SER C 466 27.92 40.75 4.59
CA SER C 466 28.89 40.12 5.49
C SER C 466 28.23 39.10 6.49
N ASP C 467 29.06 38.17 6.98
CA ASP C 467 28.68 37.24 7.98
C ASP C 467 29.69 37.02 9.07
N GLY C 468 30.29 38.13 9.52
CA GLY C 468 31.28 37.99 10.60
C GLY C 468 32.65 37.52 10.15
N ALA C 469 33.30 36.78 11.01
CA ALA C 469 34.66 36.35 10.92
C ALA C 469 34.91 34.91 11.39
N TYR C 470 36.04 34.39 10.98
CA TYR C 470 36.39 32.95 11.07
C TYR C 470 37.44 32.77 12.15
N ILE C 471 37.14 32.00 13.16
CA ILE C 471 38.02 31.93 14.38
C ILE C 471 39.45 31.40 14.15
N ASN C 472 39.66 30.64 13.08
CA ASN C 472 41.06 30.24 12.72
C ASN C 472 41.91 31.36 12.07
N TYR C 473 41.28 32.51 11.81
CA TYR C 473 41.95 33.72 11.43
C TYR C 473 41.74 34.81 12.53
N PRO C 474 42.10 34.50 13.76
CA PRO C 474 41.78 35.44 14.84
C PRO C 474 42.42 36.79 14.67
N ASP C 475 41.72 37.84 15.08
CA ASP C 475 42.18 39.18 14.97
C ASP C 475 41.74 39.98 16.28
N SER C 476 42.70 40.21 17.19
CA SER C 476 42.47 41.00 18.42
C SER C 476 41.88 42.34 18.23
N ASP C 477 42.10 42.94 17.05
CA ASP C 477 41.56 44.26 16.72
C ASP C 477 40.03 44.27 16.76
N LEU C 478 39.42 43.09 16.58
CA LEU C 478 37.98 43.02 16.66
C LEU C 478 37.42 43.21 18.09
N ALA C 479 38.26 43.03 19.08
CA ALA C 479 37.89 43.27 20.49
C ALA C 479 38.29 44.67 20.97
N ASP C 480 38.85 45.51 20.12
CA ASP C 480 39.44 46.78 20.56
C ASP C 480 38.40 47.85 20.22
N PRO C 481 37.82 48.51 21.25
CA PRO C 481 36.77 49.50 20.97
C PRO C 481 37.17 50.73 20.10
N GLY C 482 38.46 51.06 19.99
CA GLY C 482 38.88 52.08 18.98
C GLY C 482 38.91 51.64 17.49
N LEU C 483 38.91 50.33 17.24
CA LEU C 483 38.89 49.81 15.89
C LEU C 483 37.56 49.19 15.55
N ASN C 484 36.90 48.58 16.52
CA ASN C 484 35.52 48.07 16.30
C ASN C 484 34.56 49.02 17.03
N THR C 485 33.87 49.82 16.25
CA THR C 485 32.95 50.80 16.79
C THR C 485 31.51 50.40 16.43
N SER C 486 31.27 49.09 16.17
CA SER C 486 29.93 48.66 15.75
C SER C 486 28.95 48.45 16.88
N GLY C 487 29.44 48.34 18.10
CA GLY C 487 28.57 47.82 19.16
C GLY C 487 28.44 46.28 19.18
N VAL C 488 28.98 45.59 18.18
CA VAL C 488 28.92 44.10 18.17
C VAL C 488 30.24 43.55 18.70
N PRO C 489 30.23 42.79 19.81
CA PRO C 489 31.48 42.35 20.37
C PRO C 489 32.14 41.22 19.50
N TRP C 490 33.44 41.08 19.66
CA TRP C 490 34.25 40.13 18.90
C TRP C 490 33.57 38.75 18.80
N HIS C 491 33.08 38.26 19.94
CA HIS C 491 32.58 36.92 20.08
C HIS C 491 31.33 36.71 19.25
N ASP C 492 30.53 37.76 19.08
CA ASP C 492 29.38 37.68 18.19
C ASP C 492 29.78 37.69 16.71
N LEU C 493 30.86 38.38 16.39
CA LEU C 493 31.41 38.33 15.03
C LEU C 493 31.88 36.90 14.67
N TYR C 494 32.57 36.21 15.58
CA TYR C 494 33.08 34.88 15.24
C TYR C 494 32.06 33.77 15.38
N TYR C 495 31.26 33.84 16.46
CA TYR C 495 30.36 32.75 16.81
C TYR C 495 28.86 32.99 16.65
N LYS C 496 28.46 34.22 16.38
CA LYS C 496 27.03 34.61 16.18
C LYS C 496 26.16 33.91 17.20
N GLY C 497 25.10 33.18 16.77
CA GLY C 497 24.15 32.61 17.69
C GLY C 497 24.71 31.41 18.43
N ASN C 498 25.92 30.94 18.09
CA ASN C 498 26.50 29.85 18.81
C ASN C 498 27.21 30.22 20.08
N HIS C 499 27.41 31.50 20.32
CA HIS C 499 28.19 31.89 21.47
C HIS C 499 27.62 31.43 22.83
N PRO C 500 26.29 31.56 23.02
CA PRO C 500 25.76 31.18 24.35
C PRO C 500 26.05 29.71 24.72
N ARG C 501 25.86 28.79 23.76
CA ARG C 501 26.25 27.41 23.97
C ARG C 501 27.73 27.19 24.23
N LEU C 502 28.59 27.90 23.52
CA LEU C 502 30.02 27.85 23.78
C LEU C 502 30.36 28.26 25.20
N ARG C 503 29.76 29.34 25.70
CA ARG C 503 29.98 29.83 27.08
C ARG C 503 29.60 28.79 28.11
N LYS C 504 28.46 28.16 27.93
CA LYS C 504 28.02 27.05 28.79
C LYS C 504 29.03 25.91 28.85
N VAL C 505 29.53 25.50 27.68
CA VAL C 505 30.52 24.40 27.65
C VAL C 505 31.77 24.85 28.31
N LYS C 506 32.13 26.13 28.12
CA LYS C 506 33.35 26.66 28.73
C LYS C 506 33.22 26.64 30.29
N ALA C 507 32.11 27.14 30.81
CA ALA C 507 31.83 27.12 32.25
C ALA C 507 31.83 25.69 32.81
N ALA C 508 31.21 24.77 32.08
CA ALA C 508 31.07 23.36 32.50
C ALA C 508 32.41 22.62 32.51
N TYR C 509 33.28 22.88 31.56
CA TYR C 509 34.51 22.08 31.41
C TYR C 509 35.83 22.77 31.75
N ASP C 510 35.84 24.10 31.79
CA ASP C 510 37.03 24.84 32.28
C ASP C 510 36.57 25.91 33.31
N PRO C 511 35.92 25.43 34.40
CA PRO C 511 35.37 26.38 35.43
C PRO C 511 36.40 27.32 36.02
N ARG C 512 37.67 26.94 36.04
CA ARG C 512 38.73 27.84 36.57
C ARG C 512 39.30 28.82 35.55
N ASN C 513 38.90 28.70 34.27
CA ASN C 513 39.51 29.47 33.21
C ASN C 513 41.04 29.31 33.13
N HIS C 514 41.52 28.09 33.18
CA HIS C 514 42.94 27.87 33.06
C HIS C 514 43.41 27.97 31.55
N PHE C 515 42.47 27.77 30.63
CA PHE C 515 42.80 27.90 29.17
C PHE C 515 42.21 29.21 28.67
N HIS C 516 43.07 30.18 28.37
CA HIS C 516 42.62 31.48 27.96
C HIS C 516 43.72 32.22 27.19
N HIS C 517 43.28 33.24 26.46
CA HIS C 517 44.15 34.08 25.55
C HIS C 517 43.31 35.21 25.11
N ALA C 518 43.88 36.14 24.35
CA ALA C 518 43.18 37.35 23.91
C ALA C 518 41.75 37.20 23.31
N LEU C 519 41.44 36.09 22.69
CA LEU C 519 40.09 35.98 22.17
C LEU C 519 39.46 34.67 22.65
N SER C 520 39.62 34.39 23.94
CA SER C 520 39.14 33.15 24.50
C SER C 520 37.70 33.33 25.04
N ILE C 521 36.89 32.30 24.90
CA ILE C 521 35.49 32.28 25.34
C ILE C 521 35.46 32.49 26.87
N ARG C 522 34.65 33.43 27.37
CA ARG C 522 34.62 33.74 28.81
C ARG C 522 33.49 32.90 29.43
N PRO C 523 33.74 32.26 30.60
CA PRO C 523 32.65 31.40 31.14
C PRO C 523 31.45 32.27 31.54
N CYS D 26 -51.56 32.79 -8.35
CA CYS D 26 -50.77 31.50 -8.27
C CYS D 26 -49.62 31.54 -7.23
N LEU D 27 -49.85 30.99 -6.03
CA LEU D 27 -49.04 31.37 -4.87
C LEU D 27 -48.02 30.31 -4.50
N PRO D 28 -46.90 30.72 -3.86
CA PRO D 28 -46.01 29.64 -3.50
C PRO D 28 -46.64 28.68 -2.52
N PRO D 29 -46.11 27.44 -2.45
CA PRO D 29 -46.66 26.48 -1.53
C PRO D 29 -46.33 26.81 -0.08
N ALA D 30 -47.14 26.31 0.85
CA ALA D 30 -46.78 26.29 2.26
C ALA D 30 -45.60 25.33 2.51
N GLY D 31 -45.04 25.39 3.70
CA GLY D 31 -43.94 24.50 4.09
C GLY D 31 -42.62 25.04 3.61
N PRO D 32 -41.51 24.37 3.88
CA PRO D 32 -41.45 23.16 4.73
C PRO D 32 -41.43 23.56 6.20
N VAL D 33 -41.84 22.68 7.09
CA VAL D 33 -41.75 22.99 8.52
C VAL D 33 -41.19 21.76 9.18
N LYS D 34 -40.14 21.94 9.96
CA LYS D 34 -39.59 20.86 10.77
C LYS D 34 -40.12 21.03 12.15
N VAL D 35 -40.96 20.11 12.56
CA VAL D 35 -41.61 20.23 13.81
C VAL D 35 -40.87 19.35 14.84
N THR D 36 -40.14 19.98 15.75
CA THR D 36 -39.32 19.31 16.76
C THR D 36 -40.11 19.21 18.06
N PRO D 37 -39.62 18.41 19.04
CA PRO D 37 -40.29 18.20 20.31
C PRO D 37 -40.66 19.43 21.07
N ASP D 38 -39.94 20.52 20.87
CA ASP D 38 -40.23 21.82 21.55
C ASP D 38 -41.37 22.64 20.85
N ASP D 39 -41.72 22.28 19.62
CA ASP D 39 -42.71 22.98 18.83
C ASP D 39 -44.10 22.62 19.30
N PRO D 40 -45.00 23.62 19.44
CA PRO D 40 -46.39 23.32 19.86
C PRO D 40 -47.17 22.30 19.03
N ARG D 41 -46.76 22.10 17.78
CA ARG D 41 -47.49 21.22 16.86
C ARG D 41 -47.05 19.81 16.99
N TYR D 42 -45.96 19.54 17.73
CA TYR D 42 -45.34 18.18 17.73
C TYR D 42 -46.31 17.09 18.20
N LEU D 43 -46.93 17.29 19.35
CA LEU D 43 -47.81 16.29 19.89
C LEU D 43 -49.04 15.96 19.00
N ASN D 44 -49.72 16.97 18.43
CA ASN D 44 -50.84 16.74 17.52
C ASN D 44 -50.37 15.87 16.37
N LEU D 45 -49.18 16.19 15.86
CA LEU D 45 -48.63 15.49 14.69
C LEU D 45 -48.17 14.08 15.01
N LYS D 46 -47.54 13.93 16.15
CA LYS D 46 -47.07 12.62 16.66
C LYS D 46 -48.26 11.68 16.98
N LEU D 47 -49.35 12.29 17.41
CA LEU D 47 -50.54 11.54 17.84
C LEU D 47 -51.62 11.50 16.78
N ARG D 48 -51.31 11.78 15.53
CA ARG D 48 -52.43 11.68 14.60
C ARG D 48 -52.71 10.37 13.90
N GLY D 49 -52.02 9.31 14.30
CA GLY D 49 -52.39 7.95 13.89
C GLY D 49 -53.74 7.52 14.50
N ALA D 50 -54.51 6.73 13.74
CA ALA D 50 -55.87 6.32 14.15
C ALA D 50 -55.83 5.32 15.28
N ASN D 51 -54.86 4.42 15.25
CA ASN D 51 -54.78 3.40 16.29
C ASN D 51 -53.87 3.74 17.49
N SER D 52 -54.45 3.91 18.68
CA SER D 52 -53.70 4.33 19.85
C SER D 52 -52.87 3.21 20.47
N ARG D 53 -52.89 2.02 19.87
CA ARG D 53 -51.96 0.99 20.24
C ARG D 53 -50.53 1.39 19.84
N PHE D 54 -50.35 2.23 18.83
CA PHE D 54 -48.98 2.59 18.36
C PHE D 54 -48.47 3.97 18.77
N ASN D 55 -47.22 3.97 19.26
CA ASN D 55 -46.58 5.22 19.67
C ASN D 55 -45.14 5.27 19.25
N GLY D 56 -44.67 6.50 19.06
CA GLY D 56 -43.31 6.73 18.61
C GLY D 56 -42.89 8.07 19.11
N GLU D 57 -41.62 8.35 18.87
CA GLU D 57 -40.99 9.53 19.41
C GLU D 57 -40.00 10.01 18.34
N PRO D 58 -40.53 10.54 17.25
CA PRO D 58 -39.59 10.98 16.21
C PRO D 58 -38.77 12.21 16.63
N ASP D 59 -37.55 12.28 16.13
CA ASP D 59 -36.72 13.46 16.33
C ASP D 59 -37.43 14.71 15.86
N TYR D 60 -38.12 14.60 14.73
CA TYR D 60 -38.94 15.66 14.17
C TYR D 60 -39.96 15.13 13.11
N ILE D 61 -41.00 15.93 12.90
CA ILE D 61 -41.99 15.64 11.90
C ILE D 61 -41.90 16.75 10.86
N HIS D 62 -41.67 16.33 9.62
CA HIS D 62 -41.50 17.26 8.52
C HIS D 62 -42.77 17.44 7.76
N LEU D 63 -43.33 18.67 7.84
CA LEU D 63 -44.43 19.03 6.99
C LEU D 63 -43.89 19.60 5.71
N VAL D 64 -44.49 19.12 4.63
CA VAL D 64 -44.05 19.36 3.29
C VAL D 64 -45.20 19.78 2.40
N GLY D 65 -44.99 20.87 1.67
CA GLY D 65 -46.03 21.46 0.87
C GLY D 65 -45.90 21.34 -0.63
N SER D 66 -44.88 20.63 -1.12
CA SER D 66 -44.68 20.50 -2.52
C SER D 66 -43.81 19.30 -2.78
N THR D 67 -43.70 18.90 -4.05
CA THR D 67 -42.86 17.71 -4.36
C THR D 67 -41.37 17.98 -4.07
N GLN D 68 -40.91 19.17 -4.42
CA GLN D 68 -39.55 19.57 -4.13
C GLN D 68 -39.20 19.50 -2.62
N GLN D 69 -40.12 19.96 -1.78
CA GLN D 69 -39.93 19.87 -0.34
C GLN D 69 -39.86 18.42 0.12
N VAL D 70 -40.68 17.57 -0.50
CA VAL D 70 -40.65 16.18 -0.22
C VAL D 70 -39.27 15.63 -0.63
N ALA D 71 -38.74 15.99 -1.80
CA ALA D 71 -37.41 15.48 -2.22
C ALA D 71 -36.31 15.96 -1.25
N ASP D 72 -36.39 17.22 -0.83
CA ASP D 72 -35.47 17.76 0.21
C ASP D 72 -35.53 17.04 1.50
N ALA D 73 -36.74 16.80 1.99
CA ALA D 73 -36.96 16.07 3.23
C ALA D 73 -36.40 14.61 3.19
N VAL D 74 -36.64 13.95 2.10
CA VAL D 74 -36.18 12.61 1.92
C VAL D 74 -34.64 12.59 1.94
N GLU D 75 -34.06 13.51 1.16
CA GLU D 75 -32.58 13.61 1.00
C GLU D 75 -31.92 13.90 2.33
N GLU D 76 -32.52 14.78 3.12
CA GLU D 76 -32.05 14.97 4.49
C GLU D 76 -32.02 13.69 5.38
N THR D 77 -33.04 12.84 5.28
CA THR D 77 -33.09 11.64 6.08
C THR D 77 -32.02 10.63 5.57
N VAL D 78 -31.67 10.71 4.29
CA VAL D 78 -30.63 9.84 3.76
C VAL D 78 -29.27 10.35 4.26
N ARG D 79 -29.03 11.65 4.22
CA ARG D 79 -27.74 12.23 4.69
C ARG D 79 -27.51 12.02 6.17
N THR D 80 -28.54 12.13 6.98
CA THR D 80 -28.46 11.99 8.45
C THR D 80 -28.69 10.61 8.97
N GLY D 81 -29.09 9.70 8.10
CA GLY D 81 -29.28 8.32 8.50
C GLY D 81 -30.47 8.09 9.41
N LYS D 82 -31.48 8.94 9.30
CA LYS D 82 -32.60 8.84 10.23
C LYS D 82 -33.71 8.01 9.56
N ARG D 83 -34.14 6.98 10.25
CA ARG D 83 -35.18 6.12 9.73
C ARG D 83 -36.50 6.91 9.53
N VAL D 84 -37.05 6.82 8.33
CA VAL D 84 -38.16 7.67 7.90
C VAL D 84 -39.47 6.88 7.69
N ALA D 85 -40.61 7.53 7.94
CA ALA D 85 -41.91 6.98 7.52
C ALA D 85 -42.79 8.15 7.08
N VAL D 86 -43.62 7.92 6.09
CA VAL D 86 -44.55 8.90 5.58
C VAL D 86 -45.83 8.70 6.28
N ARG D 87 -46.48 9.82 6.60
CA ARG D 87 -47.83 9.73 7.11
C ARG D 87 -48.72 10.60 6.24
N SER D 88 -49.84 10.00 5.80
CA SER D 88 -50.81 10.73 4.94
C SER D 88 -52.06 10.83 5.77
N GLY D 89 -52.89 9.78 5.80
CA GLY D 89 -54.05 9.77 6.70
C GLY D 89 -53.94 9.20 8.06
N GLY D 90 -52.86 8.47 8.36
CA GLY D 90 -52.64 7.98 9.71
C GLY D 90 -53.39 6.69 10.07
N HIS D 91 -54.03 6.04 9.09
CA HIS D 91 -54.89 4.88 9.37
C HIS D 91 -54.24 3.54 9.38
N CYS D 92 -52.92 3.50 9.20
CA CYS D 92 -52.21 2.21 9.24
C CYS D 92 -52.71 1.23 10.32
N PHE D 93 -53.08 -0.01 9.94
CA PHE D 93 -53.41 -1.05 10.97
C PHE D 93 -52.22 -1.49 11.88
N GLU D 94 -50.99 -1.25 11.40
CA GLU D 94 -49.74 -1.73 12.01
C GLU D 94 -48.82 -0.56 12.35
N ASP D 95 -47.72 -0.86 13.02
CA ASP D 95 -46.82 0.19 13.53
C ASP D 95 -45.85 0.73 12.50
N PHE D 96 -46.27 0.81 11.25
CA PHE D 96 -45.35 1.19 10.17
C PHE D 96 -44.85 2.65 10.28
N VAL D 97 -45.67 3.49 10.89
CA VAL D 97 -45.34 4.92 11.13
C VAL D 97 -44.95 5.25 12.54
N ASP D 98 -45.78 4.75 13.47
CA ASP D 98 -45.65 5.03 14.90
C ASP D 98 -44.97 3.89 15.59
N ASN D 99 -43.65 3.96 15.68
CA ASN D 99 -42.91 2.98 16.44
C ASN D 99 -41.65 3.63 16.99
N PRO D 100 -41.04 3.04 18.02
CA PRO D 100 -39.83 3.66 18.66
C PRO D 100 -38.60 3.91 17.73
N ASP D 101 -38.49 3.14 16.66
CA ASP D 101 -37.45 3.27 15.67
C ASP D 101 -37.58 4.37 14.66
N VAL D 102 -38.78 4.86 14.39
CA VAL D 102 -38.95 5.82 13.30
C VAL D 102 -38.44 7.15 13.88
N LYS D 103 -37.51 7.79 13.20
CA LYS D 103 -36.96 9.09 13.71
C LYS D 103 -37.47 10.34 13.03
N VAL D 104 -37.96 10.18 11.81
CA VAL D 104 -38.55 11.29 11.02
C VAL D 104 -39.84 10.76 10.38
N ILE D 105 -40.91 11.52 10.61
CA ILE D 105 -42.16 11.37 9.87
C ILE D 105 -42.23 12.48 8.89
N ILE D 106 -42.40 12.15 7.62
CA ILE D 106 -42.73 13.10 6.63
C ILE D 106 -44.25 13.11 6.58
N ASP D 107 -44.81 14.25 7.01
CA ASP D 107 -46.26 14.40 7.15
C ASP D 107 -46.84 15.15 5.96
N MET D 108 -47.82 14.55 5.30
CA MET D 108 -48.33 15.04 4.02
C MET D 108 -49.57 15.88 4.17
N SER D 109 -49.93 16.27 5.38
CA SER D 109 -51.12 17.14 5.67
C SER D 109 -51.32 18.38 4.82
N LEU D 110 -50.27 19.02 4.34
CA LEU D 110 -50.41 20.20 3.54
C LEU D 110 -50.58 19.90 2.02
N LEU D 111 -50.47 18.63 1.58
CA LEU D 111 -50.62 18.30 0.14
C LEU D 111 -52.04 17.76 -0.16
N THR D 112 -52.93 18.67 -0.52
CA THR D 112 -54.34 18.41 -0.61
C THR D 112 -54.96 18.93 -1.91
N GLU D 113 -54.19 19.09 -2.98
CA GLU D 113 -54.82 19.48 -4.25
C GLU D 113 -55.70 18.34 -4.84
N ILE D 114 -56.88 18.72 -5.31
CA ILE D 114 -57.75 17.84 -6.11
C ILE D 114 -58.15 18.70 -7.30
N ALA D 115 -57.72 18.30 -8.50
CA ALA D 115 -58.06 19.03 -9.74
C ALA D 115 -57.96 18.18 -11.03
N TYR D 116 -58.65 18.67 -12.06
CA TYR D 116 -58.44 18.16 -13.40
C TYR D 116 -57.14 18.74 -13.90
N ASP D 117 -56.26 17.86 -14.35
CA ASP D 117 -54.94 18.21 -14.85
C ASP D 117 -54.96 18.00 -16.35
N PRO D 118 -55.09 19.08 -17.12
CA PRO D 118 -55.22 18.88 -18.57
C PRO D 118 -54.00 18.22 -19.24
N SER D 119 -52.79 18.45 -18.73
CA SER D 119 -51.60 17.99 -19.41
C SER D 119 -51.44 16.48 -19.24
N MET D 120 -52.09 15.92 -18.24
CA MET D 120 -52.18 14.45 -18.07
C MET D 120 -53.51 13.84 -18.48
N ASN D 121 -54.50 14.68 -18.77
CA ASN D 121 -55.91 14.32 -19.05
C ASN D 121 -56.49 13.44 -18.00
N ALA D 122 -56.23 13.78 -16.73
CA ALA D 122 -56.66 12.94 -15.59
C ALA D 122 -56.86 13.78 -14.34
N PHE D 123 -57.42 13.17 -13.31
CA PHE D 123 -57.66 13.89 -12.06
C PHE D 123 -56.45 13.73 -11.16
N LEU D 124 -55.83 14.87 -10.86
CA LEU D 124 -54.71 14.95 -9.89
C LEU D 124 -55.31 14.91 -8.52
N ILE D 125 -54.89 13.93 -7.72
CA ILE D 125 -55.27 13.79 -6.32
C ILE D 125 -54.04 13.64 -5.39
N GLU D 126 -53.81 14.59 -4.47
CA GLU D 126 -52.61 14.54 -3.63
C GLU D 126 -52.81 13.71 -2.42
N PRO D 127 -51.71 13.14 -1.88
CA PRO D 127 -51.85 12.17 -0.85
C PRO D 127 -52.35 12.62 0.50
N GLY D 128 -52.21 13.89 0.83
CA GLY D 128 -52.65 14.28 2.17
C GLY D 128 -54.16 14.50 2.23
N ASN D 129 -54.87 14.49 1.10
CA ASN D 129 -56.33 14.42 1.18
C ASN D 129 -56.88 13.21 1.93
N THR D 130 -57.99 13.41 2.61
CA THR D 130 -58.78 12.30 3.13
C THR D 130 -59.78 11.88 2.07
N LEU D 131 -60.27 10.64 2.18
CA LEU D 131 -61.29 10.16 1.21
C LEU D 131 -62.56 11.04 1.23
N SER D 132 -63.03 11.35 2.40
CA SER D 132 -64.12 12.33 2.55
C SER D 132 -63.90 13.60 1.68
N GLU D 133 -62.68 14.18 1.66
CA GLU D 133 -62.43 15.41 0.84
C GLU D 133 -62.46 15.11 -0.67
N VAL D 134 -61.93 13.93 -1.01
CA VAL D 134 -61.88 13.46 -2.39
C VAL D 134 -63.31 13.29 -3.00
N TYR D 135 -64.16 12.57 -2.29
CA TYR D 135 -65.55 12.29 -2.72
C TYR D 135 -66.33 13.61 -2.87
N GLU D 136 -66.23 14.46 -1.87
CA GLU D 136 -66.93 15.73 -1.89
C GLU D 136 -66.50 16.59 -3.07
N LYS D 137 -65.18 16.72 -3.30
CA LYS D 137 -64.72 17.63 -4.34
C LYS D 137 -64.94 17.08 -5.76
N LEU D 138 -64.69 15.81 -5.95
CA LEU D 138 -65.00 15.16 -7.25
C LEU D 138 -66.49 15.22 -7.58
N TYR D 139 -67.31 14.98 -6.58
CA TYR D 139 -68.74 15.15 -6.77
C TYR D 139 -69.12 16.55 -7.22
N LEU D 140 -68.82 17.58 -6.42
CA LEU D 140 -69.23 18.92 -6.77
C LEU D 140 -68.67 19.44 -8.06
N GLY D 141 -67.39 19.18 -8.29
CA GLY D 141 -66.74 19.76 -9.46
C GLY D 141 -67.19 19.13 -10.77
N TRP D 142 -67.42 17.82 -10.74
CA TRP D 142 -67.62 17.11 -12.00
C TRP D 142 -68.57 15.91 -11.97
N ASN D 143 -69.34 15.74 -10.90
CA ASN D 143 -70.18 14.56 -10.69
C ASN D 143 -69.47 13.27 -11.05
N VAL D 144 -68.33 13.03 -10.34
CA VAL D 144 -67.57 11.80 -10.41
C VAL D 144 -67.15 11.30 -9.02
N THR D 145 -66.60 10.10 -8.99
CA THR D 145 -66.09 9.54 -7.73
C THR D 145 -65.05 8.49 -8.01
N ILE D 146 -64.58 7.88 -6.95
CA ILE D 146 -63.68 6.72 -7.05
C ILE D 146 -64.17 5.71 -6.06
N PRO D 147 -64.05 4.41 -6.38
CA PRO D 147 -64.58 3.34 -5.52
C PRO D 147 -63.62 2.91 -4.42
N GLY D 148 -63.53 3.83 -3.44
CA GLY D 148 -62.70 3.67 -2.31
C GLY D 148 -63.44 3.38 -1.04
N GLY D 149 -62.72 3.53 0.07
CA GLY D 149 -63.18 3.01 1.32
C GLY D 149 -64.27 3.86 1.92
N VAL D 150 -64.82 3.37 3.01
CA VAL D 150 -65.94 4.01 3.67
C VAL D 150 -65.43 5.04 4.65
N CYS D 151 -64.38 4.70 5.43
CA CYS D 151 -64.02 5.46 6.62
C CYS D 151 -63.48 6.84 6.16
N GLY D 152 -64.18 7.93 6.51
CA GLY D 152 -63.94 9.27 5.93
C GLY D 152 -62.52 9.86 6.10
N GLY D 153 -61.88 9.52 7.21
CA GLY D 153 -60.54 10.02 7.51
C GLY D 153 -59.38 9.22 6.95
N VAL D 154 -59.64 8.17 6.19
CA VAL D 154 -58.54 7.46 5.55
C VAL D 154 -57.85 8.40 4.54
N GLY D 155 -56.53 8.33 4.48
CA GLY D 155 -55.77 9.22 3.60
C GLY D 155 -55.57 8.60 2.26
N VAL D 156 -55.52 9.43 1.26
CA VAL D 156 -55.23 8.98 -0.09
C VAL D 156 -53.88 8.28 -0.17
N GLY D 157 -52.86 8.84 0.50
CA GLY D 157 -51.48 8.31 0.44
C GLY D 157 -51.31 6.81 0.56
N GLY D 158 -51.74 6.25 1.68
CA GLY D 158 -51.60 4.80 1.85
C GLY D 158 -52.75 4.02 1.16
N HIS D 159 -53.93 4.64 1.09
CA HIS D 159 -55.12 3.96 0.52
C HIS D 159 -55.02 3.51 -0.92
N ILE D 160 -54.63 4.40 -1.83
CA ILE D 160 -54.62 4.09 -3.25
C ILE D 160 -53.52 3.05 -3.59
N CYS D 161 -52.27 3.26 -3.19
CA CYS D 161 -51.20 2.36 -3.59
C CYS D 161 -51.33 1.00 -2.96
N GLY D 162 -52.06 0.93 -1.86
CA GLY D 162 -52.44 -0.29 -1.20
C GLY D 162 -53.68 -1.08 -1.74
N GLY D 163 -54.29 -0.65 -2.82
CA GLY D 163 -55.48 -1.38 -3.39
C GLY D 163 -56.87 -1.02 -2.89
N GLY D 164 -57.06 0.23 -2.48
CA GLY D 164 -58.27 0.65 -1.79
C GLY D 164 -59.57 0.22 -2.50
N TYR D 165 -60.57 -0.12 -1.70
CA TYR D 165 -61.88 -0.52 -2.22
C TYR D 165 -62.95 -0.11 -1.19
N GLY D 166 -64.23 -0.22 -1.57
CA GLY D 166 -65.27 -0.11 -0.56
C GLY D 166 -66.61 -0.45 -1.19
N PRO D 167 -67.66 0.21 -0.74
CA PRO D 167 -69.04 -0.15 -1.13
C PRO D 167 -69.36 -0.09 -2.62
N LEU D 168 -68.68 0.75 -3.40
CA LEU D 168 -68.89 0.76 -4.83
C LEU D 168 -68.00 -0.15 -5.64
N SER D 169 -67.09 -0.89 -5.01
CA SER D 169 -66.14 -1.73 -5.78
C SER D 169 -66.79 -2.94 -6.52
N ARG D 170 -67.84 -3.57 -5.96
CA ARG D 170 -68.63 -4.59 -6.79
C ARG D 170 -69.09 -4.01 -8.13
N GLN D 171 -69.38 -2.72 -8.15
CA GLN D 171 -69.86 -2.00 -9.32
C GLN D 171 -68.81 -1.39 -10.18
N PHE D 172 -67.73 -0.86 -9.57
CA PHE D 172 -66.73 -0.14 -10.32
C PHE D 172 -65.31 -0.70 -10.25
N GLY D 173 -65.05 -1.68 -9.38
CA GLY D 173 -63.69 -2.22 -9.15
C GLY D 173 -62.93 -1.53 -8.02
N SER D 174 -61.64 -1.82 -7.92
CA SER D 174 -60.74 -1.15 -6.93
C SER D 174 -60.36 0.25 -7.44
N VAL D 175 -59.96 1.15 -6.54
CA VAL D 175 -59.48 2.45 -7.00
C VAL D 175 -58.24 2.31 -7.85
N VAL D 176 -57.45 1.24 -7.63
CA VAL D 176 -56.26 0.99 -8.49
C VAL D 176 -56.61 0.72 -9.98
N ASP D 177 -57.86 0.36 -10.29
CA ASP D 177 -58.27 0.21 -11.67
C ASP D 177 -58.45 1.52 -12.37
N TYR D 178 -58.38 2.64 -11.62
CA TYR D 178 -58.38 3.99 -12.20
C TYR D 178 -57.08 4.77 -12.04
N LEU D 179 -56.02 4.08 -11.61
CA LEU D 179 -54.72 4.72 -11.38
C LEU D 179 -53.99 4.83 -12.71
N TYR D 180 -53.88 6.06 -13.19
CA TYR D 180 -53.24 6.31 -14.45
C TYR D 180 -51.76 6.60 -14.24
N ALA D 181 -51.46 7.41 -13.24
CA ALA D 181 -50.04 7.76 -13.04
C ALA D 181 -49.76 8.11 -11.59
N VAL D 182 -48.50 7.93 -11.18
CA VAL D 182 -48.03 8.32 -9.84
C VAL D 182 -46.78 9.17 -10.03
N GLU D 183 -46.66 10.18 -9.17
CA GLU D 183 -45.41 10.94 -9.01
C GLU D 183 -44.80 10.47 -7.72
N VAL D 184 -43.55 10.01 -7.78
CA VAL D 184 -42.91 9.36 -6.65
C VAL D 184 -41.52 9.99 -6.49
N VAL D 185 -41.15 10.25 -5.22
CA VAL D 185 -39.82 10.62 -4.84
C VAL D 185 -39.13 9.33 -4.42
N VAL D 186 -38.08 8.97 -5.15
CA VAL D 186 -37.33 7.71 -4.94
C VAL D 186 -35.89 8.12 -4.64
N VAL D 187 -35.16 7.20 -3.99
CA VAL D 187 -33.78 7.41 -3.61
C VAL D 187 -32.96 6.44 -4.42
N ASN D 188 -32.02 6.98 -5.17
CA ASN D 188 -31.16 6.15 -6.04
C ASN D 188 -29.96 5.57 -5.30
N LYS D 189 -29.11 4.79 -6.00
CA LYS D 189 -28.05 3.99 -5.33
C LYS D 189 -27.06 4.85 -4.58
N GLN D 190 -26.79 6.03 -5.15
CA GLN D 190 -25.86 7.03 -4.59
C GLN D 190 -26.57 7.91 -3.53
N GLY D 191 -27.84 7.63 -3.20
CA GLY D 191 -28.55 8.33 -2.10
C GLY D 191 -29.10 9.70 -2.47
N LYS D 192 -29.26 9.95 -3.76
CA LYS D 192 -29.90 11.17 -4.24
C LYS D 192 -31.41 10.91 -4.54
N ALA D 193 -32.23 11.92 -4.16
CA ALA D 193 -33.66 11.90 -4.29
C ALA D 193 -33.95 12.34 -5.69
N ARG D 194 -34.86 11.63 -6.33
CA ARG D 194 -35.16 11.82 -7.74
C ARG D 194 -36.72 11.78 -7.83
N VAL D 195 -37.32 12.56 -8.73
CA VAL D 195 -38.76 12.58 -8.93
C VAL D 195 -39.10 11.84 -10.21
N ILE D 196 -39.96 10.83 -10.13
CA ILE D 196 -40.39 10.13 -11.32
C ILE D 196 -41.89 10.17 -11.48
N VAL D 197 -42.33 10.48 -12.70
CA VAL D 197 -43.74 10.40 -13.09
C VAL D 197 -43.87 9.08 -13.85
N ALA D 198 -44.55 8.09 -13.28
CA ALA D 198 -44.68 6.76 -13.89
C ALA D 198 -46.13 6.58 -14.23
N THR D 199 -46.40 6.21 -15.48
CA THR D 199 -47.73 5.93 -15.97
C THR D 199 -48.03 4.48 -16.42
N ARG D 200 -49.34 4.27 -16.56
CA ARG D 200 -49.98 3.05 -17.07
C ARG D 200 -49.66 2.72 -18.56
N GLU D 201 -49.20 3.70 -19.35
CA GLU D 201 -48.86 3.52 -20.76
C GLU D 201 -47.79 2.44 -20.83
N ARG D 202 -48.00 1.47 -21.71
CA ARG D 202 -47.14 0.27 -21.78
C ARG D 202 -45.73 0.62 -22.18
N ASP D 203 -45.53 1.70 -22.97
CA ASP D 203 -44.16 2.13 -23.41
C ASP D 203 -43.47 3.13 -22.49
N ASP D 204 -44.01 3.28 -21.27
CA ASP D 204 -43.47 4.25 -20.32
C ASP D 204 -42.21 3.59 -19.79
N PRO D 205 -41.05 4.29 -19.83
CA PRO D 205 -39.83 3.64 -19.30
C PRO D 205 -39.89 3.22 -17.79
N HIS D 206 -40.77 3.85 -17.00
CA HIS D 206 -40.98 3.53 -15.56
C HIS D 206 -42.35 2.88 -15.31
N HIS D 207 -42.90 2.22 -16.34
CA HIS D 207 -44.15 1.47 -16.22
C HIS D 207 -44.23 0.56 -15.04
N ASP D 208 -43.12 -0.16 -14.75
CA ASP D 208 -43.08 -1.06 -13.60
C ASP D 208 -43.36 -0.38 -12.21
N LEU D 209 -42.90 0.87 -12.07
CA LEU D 209 -43.12 1.65 -10.83
C LEU D 209 -44.57 1.99 -10.73
N TRP D 210 -45.18 2.38 -11.87
CA TRP D 210 -46.65 2.56 -11.92
C TRP D 210 -47.35 1.29 -11.41
N TRP D 211 -46.93 0.13 -11.96
CA TRP D 211 -47.55 -1.12 -11.67
C TRP D 211 -47.45 -1.49 -10.21
N ALA D 212 -46.29 -1.25 -9.60
CA ALA D 212 -46.12 -1.59 -8.22
C ALA D 212 -47.06 -0.76 -7.25
N HIS D 213 -47.49 0.41 -7.71
CA HIS D 213 -48.44 1.27 -6.94
C HIS D 213 -49.93 0.93 -7.18
N THR D 214 -50.18 -0.19 -7.85
CA THR D 214 -51.53 -0.73 -7.99
C THR D 214 -51.76 -1.82 -6.99
N GLY D 215 -51.34 -1.59 -5.75
CA GLY D 215 -51.51 -2.60 -4.73
C GLY D 215 -50.23 -3.03 -4.07
N GLY D 216 -49.08 -2.47 -4.42
CA GLY D 216 -47.84 -2.82 -3.64
C GLY D 216 -47.93 -2.49 -2.16
N GLY D 217 -48.75 -1.50 -1.80
CA GLY D 217 -48.72 -0.98 -0.43
C GLY D 217 -47.71 0.17 -0.22
N GLY D 218 -48.03 0.97 0.80
CA GLY D 218 -47.28 2.18 1.07
C GLY D 218 -46.04 1.80 1.84
N GLY D 219 -45.07 2.71 1.81
CA GLY D 219 -43.91 2.54 2.67
C GLY D 219 -42.81 1.68 2.05
N ASN D 220 -42.94 1.34 0.75
CA ASN D 220 -42.01 0.43 0.06
C ASN D 220 -41.05 1.05 -0.94
N PHE D 221 -41.57 1.85 -1.84
CA PHE D 221 -40.81 2.25 -3.04
C PHE D 221 -40.24 3.66 -2.97
N GLY D 222 -40.88 4.51 -2.17
CA GLY D 222 -40.61 5.95 -2.19
C GLY D 222 -41.85 6.75 -1.75
N VAL D 223 -41.84 8.06 -1.92
CA VAL D 223 -42.94 8.85 -1.36
C VAL D 223 -43.82 9.20 -2.53
N VAL D 224 -45.07 8.71 -2.56
CA VAL D 224 -45.99 9.25 -3.55
C VAL D 224 -46.34 10.67 -3.21
N THR D 225 -46.19 11.59 -4.16
CA THR D 225 -46.55 12.98 -4.01
C THR D 225 -47.76 13.41 -4.81
N LYS D 226 -48.11 12.62 -5.82
CA LYS D 226 -49.29 12.84 -6.67
C LYS D 226 -49.78 11.48 -7.22
N TYR D 227 -51.10 11.31 -7.24
CA TYR D 227 -51.81 10.24 -7.93
C TYR D 227 -52.67 10.91 -9.05
N TRP D 228 -52.66 10.38 -10.30
CA TRP D 228 -53.60 10.84 -11.32
C TRP D 228 -54.56 9.65 -11.63
N MET D 229 -55.87 9.96 -11.62
CA MET D 229 -56.94 8.97 -11.60
C MET D 229 -57.82 9.21 -12.84
N ARG D 230 -58.21 8.12 -13.51
CA ARG D 230 -58.66 8.21 -14.87
C ARG D 230 -59.16 6.85 -15.33
N VAL D 231 -60.27 6.84 -16.05
CA VAL D 231 -60.73 5.60 -16.66
C VAL D 231 -59.71 5.19 -17.81
N PRO D 232 -59.54 3.87 -18.08
CA PRO D 232 -58.61 3.50 -19.20
C PRO D 232 -59.05 3.87 -20.66
N GLU D 233 -60.35 4.02 -20.92
CA GLU D 233 -60.84 4.19 -22.30
C GLU D 233 -60.51 5.55 -22.89
N ASP D 234 -60.32 5.67 -24.21
CA ASP D 234 -60.36 6.99 -24.82
C ASP D 234 -61.76 7.54 -24.62
N VAL D 235 -61.86 8.80 -24.16
CA VAL D 235 -63.13 9.54 -24.03
C VAL D 235 -62.95 11.05 -24.23
N GLY D 236 -61.96 11.40 -25.03
CA GLY D 236 -61.56 12.77 -25.22
C GLY D 236 -61.06 13.41 -23.94
N ARG D 237 -61.00 14.72 -23.99
CA ARG D 237 -60.61 15.53 -22.88
C ARG D 237 -61.81 16.08 -22.10
N ASN D 238 -62.86 15.27 -21.89
CA ASN D 238 -63.99 15.72 -21.07
C ASN D 238 -63.94 15.18 -19.65
N PRO D 239 -63.60 16.07 -18.67
CA PRO D 239 -63.37 15.57 -17.32
C PRO D 239 -64.55 14.85 -16.73
N GLU D 240 -65.79 15.21 -17.11
CA GLU D 240 -67.00 14.59 -16.51
C GLU D 240 -67.22 13.10 -16.77
N ARG D 241 -66.56 12.48 -17.74
CA ARG D 241 -66.58 10.99 -17.78
C ARG D 241 -65.18 10.39 -17.71
N LEU D 242 -64.26 11.09 -17.05
CA LEU D 242 -62.94 10.54 -16.87
C LEU D 242 -62.90 9.66 -15.67
N LEU D 243 -63.94 9.71 -14.85
CA LEU D 243 -64.08 8.82 -13.68
C LEU D 243 -65.53 8.41 -13.61
N PRO D 244 -65.87 7.36 -12.82
CA PRO D 244 -67.23 6.93 -12.70
C PRO D 244 -68.18 7.87 -11.99
N LYS D 245 -69.39 7.87 -12.52
CA LYS D 245 -70.49 8.67 -12.01
C LYS D 245 -71.04 7.91 -10.81
N PRO D 246 -71.09 8.54 -9.59
CA PRO D 246 -71.64 7.84 -8.42
C PRO D 246 -73.16 7.77 -8.60
N PRO D 247 -73.81 6.88 -7.87
CA PRO D 247 -75.27 6.84 -7.96
C PRO D 247 -75.85 8.12 -7.39
N ALA D 248 -76.91 8.67 -8.02
CA ALA D 248 -77.64 9.83 -7.49
C ALA D 248 -78.18 9.58 -6.06
N THR D 249 -78.70 8.38 -5.83
CA THR D 249 -79.36 8.01 -4.57
C THR D 249 -78.99 6.56 -4.24
N LEU D 250 -79.06 6.19 -2.96
CA LEU D 250 -78.81 4.84 -2.49
C LEU D 250 -79.97 4.34 -1.68
N LEU D 251 -80.24 3.04 -1.77
CA LEU D 251 -81.20 2.46 -0.86
C LEU D 251 -80.45 1.70 0.19
N THR D 252 -80.75 1.99 1.45
CA THR D 252 -80.05 1.38 2.59
C THR D 252 -80.95 0.80 3.61
N SER D 253 -80.42 -0.21 4.28
CA SER D 253 -81.08 -0.88 5.34
C SER D 253 -80.02 -1.58 6.15
N THR D 254 -80.22 -1.65 7.47
CA THR D 254 -79.43 -2.51 8.32
C THR D 254 -80.30 -3.55 8.95
N VAL D 255 -79.91 -4.84 8.87
CA VAL D 255 -80.57 -5.91 9.63
C VAL D 255 -79.89 -6.05 10.99
N THR D 256 -80.66 -6.27 12.06
CA THR D 256 -80.08 -6.57 13.40
C THR D 256 -80.37 -7.98 13.88
N PHE D 257 -79.44 -8.56 14.61
CA PHE D 257 -79.58 -9.91 15.11
C PHE D 257 -79.45 -9.79 16.61
N ASP D 258 -80.29 -10.53 17.33
CA ASP D 258 -80.33 -10.49 18.77
C ASP D 258 -79.51 -11.62 19.37
N TRP D 259 -78.41 -11.29 20.06
CA TRP D 259 -77.61 -12.32 20.73
C TRP D 259 -78.44 -13.27 21.63
N ALA D 260 -79.49 -12.80 22.30
CA ALA D 260 -80.27 -13.67 23.21
C ALA D 260 -80.85 -14.91 22.52
N GLY D 261 -81.28 -14.73 21.28
CA GLY D 261 -81.88 -15.81 20.51
C GLY D 261 -80.91 -16.59 19.66
N MET D 262 -79.64 -16.21 19.68
CA MET D 262 -78.68 -16.83 18.78
C MET D 262 -78.16 -18.12 19.43
N THR D 263 -78.84 -19.22 19.10
CA THR D 263 -78.39 -20.60 19.37
C THR D 263 -77.26 -20.89 18.39
N GLU D 264 -76.42 -21.91 18.67
CA GLU D 264 -75.44 -22.39 17.68
C GLU D 264 -76.09 -22.70 16.36
N ALA D 265 -77.28 -23.29 16.42
CA ALA D 265 -78.03 -23.64 15.22
C ALA D 265 -78.42 -22.43 14.33
N ALA D 266 -79.03 -21.43 14.96
CA ALA D 266 -79.40 -20.19 14.25
C ALA D 266 -78.15 -19.42 13.77
N PHE D 267 -77.09 -19.39 14.59
CA PHE D 267 -75.83 -18.69 14.18
C PHE D 267 -75.26 -19.28 12.88
N SER D 268 -75.20 -20.61 12.82
CA SER D 268 -74.56 -21.32 11.71
C SER D 268 -75.40 -21.30 10.45
N ARG D 269 -76.73 -21.26 10.61
CA ARG D 269 -77.60 -21.08 9.42
C ARG D 269 -77.29 -19.72 8.80
N LEU D 270 -77.33 -18.67 9.64
CA LEU D 270 -77.01 -17.27 9.16
C LEU D 270 -75.76 -17.19 8.30
N LEU D 271 -74.66 -17.77 8.78
CA LEU D 271 -73.37 -17.72 8.06
C LEU D 271 -73.32 -18.56 6.78
N ARG D 272 -73.91 -19.77 6.81
CA ARG D 272 -74.13 -20.53 5.54
C ARG D 272 -75.00 -19.76 4.53
N ASN D 273 -76.10 -19.14 4.99
CA ASN D 273 -76.95 -18.33 4.09
C ASN D 273 -76.13 -17.25 3.44
N HIS D 274 -75.49 -16.44 4.31
CA HIS D 274 -74.75 -15.24 3.86
C HIS D 274 -73.71 -15.62 2.82
N GLY D 275 -72.88 -16.61 3.18
CA GLY D 275 -71.74 -16.98 2.35
C GLY D 275 -72.09 -17.57 1.02
N GLU D 276 -73.13 -18.42 1.00
CA GLU D 276 -73.58 -19.04 -0.25
C GLU D 276 -74.26 -18.00 -1.13
N TRP D 277 -74.98 -17.05 -0.51
CA TRP D 277 -75.48 -15.93 -1.27
C TRP D 277 -74.33 -15.22 -1.96
N TYR D 278 -73.28 -14.89 -1.19
CA TYR D 278 -72.13 -14.25 -1.82
C TYR D 278 -71.49 -15.15 -2.90
N GLU D 279 -71.40 -16.48 -2.67
CA GLU D 279 -70.89 -17.40 -3.75
C GLU D 279 -71.66 -17.29 -5.05
N ARG D 280 -72.98 -17.21 -4.94
CA ARG D 280 -73.80 -17.17 -6.15
C ARG D 280 -73.91 -15.80 -6.79
N ASN D 281 -73.83 -14.71 -6.00
CA ASN D 281 -74.13 -13.36 -6.52
C ASN D 281 -72.99 -12.29 -6.57
N SER D 282 -71.77 -12.73 -6.88
CA SER D 282 -70.60 -11.85 -6.94
C SER D 282 -69.90 -11.86 -8.29
N GLY D 283 -70.59 -12.23 -9.38
CA GLY D 283 -69.99 -12.19 -10.72
C GLY D 283 -70.10 -10.83 -11.38
N PRO D 284 -69.21 -10.51 -12.35
CA PRO D 284 -69.23 -9.19 -13.01
C PRO D 284 -70.47 -8.81 -13.82
N ASP D 285 -71.33 -9.78 -14.13
CA ASP D 285 -72.57 -9.53 -14.91
C ASP D 285 -73.82 -9.59 -14.04
N SER D 286 -73.65 -9.93 -12.77
CA SER D 286 -74.76 -9.92 -11.82
C SER D 286 -75.38 -8.54 -11.68
N PRO D 287 -76.73 -8.46 -11.63
CA PRO D 287 -77.34 -7.21 -11.19
C PRO D 287 -76.89 -6.79 -9.71
N TYR D 288 -76.47 -7.76 -8.88
CA TYR D 288 -76.08 -7.48 -7.53
C TYR D 288 -74.68 -6.84 -7.37
N THR D 289 -74.04 -6.49 -8.46
CA THR D 289 -72.85 -5.71 -8.41
C THR D 289 -73.18 -4.28 -7.94
N GLY D 290 -74.47 -3.87 -8.02
CA GLY D 290 -74.99 -2.63 -7.43
C GLY D 290 -75.46 -2.77 -6.00
N LEU D 291 -75.11 -3.86 -5.35
CA LEU D 291 -75.40 -4.06 -3.97
C LEU D 291 -74.10 -4.35 -3.18
N TRP D 292 -74.08 -3.90 -1.94
CA TRP D 292 -72.96 -4.17 -1.06
C TRP D 292 -73.52 -4.36 0.33
N SER D 293 -72.97 -5.31 1.08
CA SER D 293 -73.31 -5.49 2.47
C SER D 293 -72.11 -5.94 3.26
N GLN D 294 -72.24 -5.86 4.58
CA GLN D 294 -71.29 -6.47 5.47
C GLN D 294 -71.91 -6.98 6.73
N LEU D 295 -71.51 -8.18 7.10
CA LEU D 295 -72.06 -8.89 8.23
C LEU D 295 -71.12 -8.70 9.41
N MET D 296 -71.62 -8.02 10.42
CA MET D 296 -70.81 -7.56 11.50
C MET D 296 -71.21 -8.31 12.74
N ILE D 297 -70.40 -9.31 13.09
CA ILE D 297 -70.65 -10.20 14.18
C ILE D 297 -69.82 -9.80 15.42
N GLY D 298 -70.34 -8.89 16.23
CA GLY D 298 -69.63 -8.43 17.39
C GLY D 298 -70.49 -8.36 18.60
N ASN D 299 -69.85 -8.27 19.75
CA ASN D 299 -70.58 -8.02 20.97
C ASN D 299 -71.05 -6.56 21.03
N GLU D 300 -72.12 -6.35 21.80
CA GLU D 300 -72.74 -5.04 21.99
C GLU D 300 -71.83 -4.21 22.86
N VAL D 301 -71.54 -2.99 22.42
CA VAL D 301 -70.82 -2.00 23.20
C VAL D 301 -71.72 -0.75 23.30
N PRO D 302 -72.38 -0.54 24.46
CA PRO D 302 -73.25 0.65 24.55
C PRO D 302 -72.39 1.92 24.41
N GLY D 303 -72.84 2.89 23.63
CA GLY D 303 -71.98 4.02 23.27
C GLY D 303 -71.21 3.95 21.95
N MET D 304 -71.01 2.75 21.37
CA MET D 304 -70.35 2.58 20.04
C MET D 304 -71.34 1.98 18.98
N GLY D 305 -71.83 2.83 18.08
CA GLY D 305 -72.84 2.48 17.08
C GLY D 305 -72.49 1.36 16.12
N GLU D 306 -71.21 1.27 15.75
CA GLU D 306 -70.67 0.18 14.89
C GLU D 306 -70.42 -1.20 15.57
N SER D 307 -70.78 -1.34 16.83
CA SER D 307 -70.74 -2.60 17.56
C SER D 307 -72.04 -3.38 17.36
N GLY D 308 -72.19 -4.49 18.08
CA GLY D 308 -73.31 -5.39 17.94
C GLY D 308 -73.23 -6.35 16.76
N PHE D 309 -74.27 -7.15 16.66
CA PHE D 309 -74.44 -8.15 15.62
C PHE D 309 -75.42 -7.55 14.59
N MET D 310 -74.92 -7.21 13.41
CA MET D 310 -75.73 -6.54 12.43
C MET D 310 -75.20 -6.64 11.03
N MET D 311 -76.03 -6.21 10.09
CA MET D 311 -75.68 -6.20 8.68
C MET D 311 -76.23 -5.00 7.87
N PRO D 312 -75.45 -3.91 7.74
CA PRO D 312 -75.77 -2.85 6.79
C PRO D 312 -75.71 -3.28 5.32
N ILE D 313 -76.59 -2.72 4.51
CA ILE D 313 -76.69 -3.03 3.12
C ILE D 313 -76.92 -1.75 2.37
N GLN D 314 -76.38 -1.68 1.18
CA GLN D 314 -76.66 -0.56 0.38
C GLN D 314 -76.76 -0.95 -1.05
N VAL D 315 -77.67 -0.31 -1.75
CA VAL D 315 -77.86 -0.57 -3.15
C VAL D 315 -78.12 0.72 -3.90
N ASP D 316 -77.67 0.71 -5.15
CA ASP D 316 -77.81 1.79 -6.11
C ASP D 316 -79.27 1.99 -6.52
N ALA D 317 -79.86 3.07 -6.05
CA ALA D 317 -81.28 3.31 -6.19
C ALA D 317 -81.61 3.88 -7.55
N THR D 318 -80.60 4.16 -8.37
CA THR D 318 -80.79 4.46 -9.79
C THR D 318 -81.46 3.31 -10.54
N ARG D 319 -81.21 2.06 -10.14
CA ARG D 319 -81.76 0.88 -10.83
C ARG D 319 -83.29 0.78 -10.62
N PRO D 320 -84.04 0.40 -11.66
CA PRO D 320 -85.47 0.09 -11.40
C PRO D 320 -85.65 -1.16 -10.50
N ASP D 321 -84.72 -2.14 -10.61
CA ASP D 321 -84.74 -3.33 -9.76
C ASP D 321 -84.18 -3.17 -8.33
N ALA D 322 -83.89 -1.93 -7.91
CA ALA D 322 -83.10 -1.72 -6.68
C ALA D 322 -83.81 -2.20 -5.41
N ARG D 323 -85.10 -1.91 -5.32
CA ARG D 323 -85.82 -2.38 -4.13
C ARG D 323 -85.89 -3.94 -4.09
N ARG D 324 -86.00 -4.59 -5.23
CA ARG D 324 -86.06 -6.07 -5.18
C ARG D 324 -84.73 -6.71 -4.85
N LEU D 325 -83.64 -6.10 -5.34
CA LEU D 325 -82.29 -6.62 -5.03
C LEU D 325 -82.03 -6.59 -3.53
N LEU D 326 -82.45 -5.50 -2.88
CA LEU D 326 -82.31 -5.35 -1.45
C LEU D 326 -83.11 -6.40 -0.68
N ASP D 327 -84.37 -6.58 -1.08
CA ASP D 327 -85.23 -7.57 -0.44
C ASP D 327 -84.74 -8.98 -0.68
N ALA D 328 -84.36 -9.30 -1.92
CA ALA D 328 -83.83 -10.65 -2.25
C ALA D 328 -82.58 -11.01 -1.39
N HIS D 329 -81.59 -10.10 -1.39
CA HIS D 329 -80.42 -10.22 -0.50
C HIS D 329 -80.85 -10.47 0.89
N ILE D 330 -81.77 -9.66 1.42
CA ILE D 330 -82.08 -9.78 2.86
C ILE D 330 -82.70 -11.13 3.19
N GLU D 331 -83.61 -11.63 2.33
CA GLU D 331 -84.40 -12.84 2.65
C GLU D 331 -83.55 -14.08 2.61
N ALA D 332 -82.71 -14.16 1.58
CA ALA D 332 -81.68 -15.17 1.47
C ALA D 332 -80.83 -15.20 2.77
N VAL D 333 -80.37 -14.04 3.21
CA VAL D 333 -79.53 -14.02 4.38
C VAL D 333 -80.24 -14.55 5.60
N ILE D 334 -81.47 -14.05 5.89
CA ILE D 334 -82.13 -14.34 7.22
C ILE D 334 -83.11 -15.55 7.19
N ASP D 335 -83.19 -16.26 6.09
CA ASP D 335 -84.06 -17.44 5.99
C ASP D 335 -83.71 -18.47 7.06
N GLY D 336 -84.64 -18.70 7.96
CA GLY D 336 -84.45 -19.71 8.97
C GLY D 336 -83.68 -19.21 10.16
N VAL D 337 -83.61 -17.89 10.32
CA VAL D 337 -82.83 -17.24 11.37
C VAL D 337 -83.83 -16.42 12.22
N PRO D 338 -84.50 -17.07 13.20
CA PRO D 338 -85.45 -16.36 14.08
C PRO D 338 -85.02 -14.96 14.56
N PRO D 339 -83.77 -14.79 15.09
CA PRO D 339 -83.48 -13.53 15.80
C PRO D 339 -83.14 -12.31 14.92
N ALA D 340 -83.39 -12.40 13.61
CA ALA D 340 -83.28 -11.26 12.70
C ALA D 340 -84.44 -10.31 12.83
N GLU D 341 -84.20 -9.08 12.38
CA GLU D 341 -85.11 -7.94 12.52
C GLU D 341 -84.76 -6.97 11.40
N VAL D 342 -85.72 -6.72 10.53
CA VAL D 342 -85.53 -5.92 9.35
C VAL D 342 -86.33 -4.65 9.57
N PRO D 343 -85.69 -3.47 9.50
CA PRO D 343 -86.45 -2.23 9.54
C PRO D 343 -86.78 -1.87 8.13
N GLU D 344 -87.45 -0.74 7.92
CA GLU D 344 -87.88 -0.31 6.56
C GLU D 344 -86.70 0.31 5.86
N PRO D 345 -86.53 0.13 4.55
CA PRO D 345 -85.39 0.77 3.90
C PRO D 345 -85.56 2.29 3.76
N ILE D 346 -84.43 2.99 3.69
CA ILE D 346 -84.39 4.44 3.58
C ILE D 346 -83.61 4.77 2.35
N GLU D 347 -84.11 5.67 1.54
CA GLU D 347 -83.37 6.15 0.39
C GLU D 347 -82.53 7.41 0.83
N GLN D 348 -81.30 7.55 0.33
CA GLN D 348 -80.42 8.68 0.64
C GLN D 348 -79.73 9.23 -0.56
N ARG D 349 -79.57 10.54 -0.59
CA ARG D 349 -78.84 11.16 -1.69
C ARG D 349 -77.38 10.86 -1.48
N TRP D 350 -76.67 10.74 -2.58
CA TRP D 350 -75.23 10.61 -2.58
C TRP D 350 -74.58 11.78 -1.78
N LEU D 351 -73.84 11.41 -0.72
CA LEU D 351 -73.11 12.31 0.17
C LEU D 351 -74.03 13.34 0.80
N ALA D 352 -75.23 12.88 1.17
CA ALA D 352 -76.24 13.68 1.83
C ALA D 352 -75.70 14.22 3.19
N SER D 353 -75.12 13.36 4.04
CA SER D 353 -74.24 13.80 5.17
C SER D 353 -72.82 13.50 4.75
N THR D 354 -71.93 14.47 4.87
CA THR D 354 -70.54 14.33 4.42
C THR D 354 -69.81 13.35 5.40
N PRO D 355 -69.03 12.35 4.88
CA PRO D 355 -68.41 11.33 5.80
C PRO D 355 -67.62 11.95 6.99
N GLY D 356 -67.50 11.27 8.14
CA GLY D 356 -66.67 11.78 9.27
C GLY D 356 -65.18 11.93 8.92
N ARG D 357 -64.21 11.49 9.72
CA ARG D 357 -64.26 11.22 11.17
C ARG D 357 -62.73 11.21 11.46
N GLY D 358 -62.27 10.58 12.53
CA GLY D 358 -62.92 10.60 13.83
C GLY D 358 -61.88 10.86 14.90
N GLY D 359 -60.68 11.28 14.48
CA GLY D 359 -59.53 11.38 15.34
C GLY D 359 -58.88 10.07 15.69
N ARG D 360 -57.98 10.16 16.66
CA ARG D 360 -57.32 9.01 17.24
C ARG D 360 -58.37 8.17 17.98
N GLY D 361 -58.29 6.86 17.82
CA GLY D 361 -59.30 5.95 18.31
C GLY D 361 -58.74 5.02 19.37
N PRO D 362 -59.58 4.08 19.82
CA PRO D 362 -59.16 3.15 20.85
C PRO D 362 -58.14 2.16 20.28
N ALA D 363 -57.42 1.48 21.14
CA ALA D 363 -56.44 0.55 20.70
C ALA D 363 -57.17 -0.69 20.09
N SER D 364 -56.63 -1.20 19.01
CA SER D 364 -57.20 -2.37 18.38
C SER D 364 -56.20 -3.16 17.57
N LYS D 365 -56.59 -4.39 17.25
CA LYS D 365 -55.85 -5.32 16.39
C LYS D 365 -56.82 -5.98 15.36
N THR D 366 -56.49 -5.92 14.10
CA THR D 366 -57.25 -6.53 13.07
C THR D 366 -56.40 -7.50 12.33
N LYS D 367 -56.96 -8.71 12.13
CA LYS D 367 -56.37 -9.73 11.27
C LYS D 367 -57.38 -9.97 10.13
N ALA D 368 -56.91 -10.44 8.98
CA ALA D 368 -57.69 -10.34 7.73
C ALA D 368 -57.46 -11.60 6.87
N GLY D 369 -58.48 -11.95 6.10
CA GLY D 369 -58.35 -12.92 5.01
C GLY D 369 -59.28 -12.64 3.85
N TYR D 370 -58.98 -13.24 2.72
CA TYR D 370 -59.86 -13.19 1.58
C TYR D 370 -60.60 -14.53 1.50
N LEU D 371 -61.85 -14.49 1.06
CA LEU D 371 -62.68 -15.70 0.89
C LEU D 371 -63.09 -15.77 -0.53
N ARG D 372 -62.77 -16.91 -1.17
CA ARG D 372 -63.35 -17.28 -2.49
C ARG D 372 -64.67 -18.09 -2.40
N LYS D 373 -64.92 -18.74 -1.27
CA LYS D 373 -66.20 -19.41 -1.01
C LYS D 373 -66.53 -19.19 0.46
N ARG D 374 -67.69 -19.65 0.90
CA ARG D 374 -68.07 -19.46 2.29
C ARG D 374 -67.09 -20.10 3.25
N LEU D 375 -67.09 -19.61 4.50
CA LEU D 375 -66.40 -20.34 5.54
C LEU D 375 -67.06 -21.74 5.61
N THR D 376 -66.27 -22.80 5.50
CA THR D 376 -66.64 -24.17 5.91
C THR D 376 -67.37 -24.23 7.26
N ASP D 377 -68.05 -25.38 7.49
CA ASP D 377 -68.72 -25.66 8.75
C ASP D 377 -67.81 -25.65 9.98
N ARG D 378 -66.59 -26.20 9.89
CA ARG D 378 -65.63 -26.17 11.05
C ARG D 378 -65.28 -24.71 11.40
N GLN D 379 -65.01 -23.93 10.39
CA GLN D 379 -64.68 -22.51 10.59
C GLN D 379 -65.81 -21.68 11.26
N ILE D 380 -67.04 -21.87 10.78
CA ILE D 380 -68.20 -21.22 11.37
C ILE D 380 -68.38 -21.57 12.85
N GLN D 381 -68.18 -22.85 13.11
CA GLN D 381 -68.11 -23.40 14.47
C GLN D 381 -66.95 -22.76 15.32
N ALA D 382 -65.77 -22.56 14.73
CA ALA D 382 -64.65 -21.83 15.38
C ALA D 382 -64.98 -20.36 15.70
N VAL D 383 -65.52 -19.67 14.71
CA VAL D 383 -66.07 -18.31 14.90
C VAL D 383 -67.06 -18.32 16.05
N TYR D 384 -68.02 -19.27 16.01
CA TYR D 384 -69.04 -19.39 17.06
C TYR D 384 -68.43 -19.64 18.44
N GLU D 385 -67.49 -20.57 18.52
CA GLU D 385 -66.90 -20.94 19.81
C GLU D 385 -66.21 -19.69 20.42
N ASN D 386 -65.48 -18.96 19.60
CA ASN D 386 -64.71 -17.79 20.12
C ASN D 386 -65.52 -16.57 20.47
N MET D 387 -66.55 -16.30 19.66
CA MET D 387 -67.57 -15.28 20.00
C MET D 387 -68.39 -15.61 21.28
N THR D 388 -68.47 -16.87 21.67
CA THR D 388 -69.22 -17.21 22.88
C THR D 388 -68.29 -17.45 24.05
N HIS D 389 -66.98 -17.26 23.85
CA HIS D 389 -65.99 -17.34 24.92
C HIS D 389 -65.09 -16.11 24.78
N MET D 390 -65.57 -14.98 25.31
CA MET D 390 -64.84 -13.71 25.21
C MET D 390 -65.02 -12.86 26.44
N ASP D 391 -64.90 -13.49 27.61
CA ASP D 391 -65.04 -12.79 28.87
C ASP D 391 -63.77 -11.94 29.07
N GLY D 392 -63.97 -10.71 29.52
CA GLY D 392 -62.88 -9.73 29.60
C GLY D 392 -62.45 -9.02 28.30
N ILE D 393 -63.17 -9.27 27.21
CA ILE D 393 -62.92 -8.66 25.92
C ILE D 393 -63.95 -7.55 25.78
N ASP D 394 -63.49 -6.31 25.60
CA ASP D 394 -64.37 -5.13 25.54
C ASP D 394 -65.10 -5.19 24.22
N TYR D 395 -64.36 -5.29 23.12
CA TYR D 395 -64.90 -5.49 21.77
C TYR D 395 -64.16 -6.60 21.04
N GLY D 396 -64.93 -7.57 20.53
CA GLY D 396 -64.44 -8.56 19.58
C GLY D 396 -65.49 -8.80 18.50
N ALA D 397 -65.02 -9.05 17.31
CA ALA D 397 -65.90 -9.21 16.17
C ALA D 397 -65.24 -9.90 15.00
N VAL D 398 -66.11 -10.44 14.15
CA VAL D 398 -65.78 -10.92 12.83
C VAL D 398 -66.69 -10.19 11.86
N TRP D 399 -66.12 -9.51 10.87
CA TRP D 399 -66.85 -8.78 9.86
C TRP D 399 -66.59 -9.48 8.52
N LEU D 400 -67.66 -9.74 7.77
CA LEU D 400 -67.57 -10.30 6.42
C LEU D 400 -68.06 -9.26 5.47
N ILE D 401 -67.15 -8.78 4.63
CA ILE D 401 -67.30 -7.54 3.89
C ILE D 401 -67.47 -7.92 2.45
N GLY D 402 -68.53 -7.41 1.82
CA GLY D 402 -68.84 -7.70 0.41
C GLY D 402 -67.79 -7.26 -0.60
N TYR D 403 -67.49 -8.13 -1.57
CA TYR D 403 -66.42 -7.86 -2.52
C TYR D 403 -66.69 -8.56 -3.85
N GLY D 404 -65.75 -8.51 -4.77
CA GLY D 404 -65.85 -9.20 -6.06
C GLY D 404 -66.58 -8.33 -7.02
N GLY D 405 -67.59 -8.88 -7.68
CA GLY D 405 -68.18 -8.24 -8.86
C GLY D 405 -67.22 -7.70 -9.87
N LYS D 406 -67.38 -6.43 -10.21
CA LYS D 406 -66.52 -5.81 -11.23
C LYS D 406 -64.99 -5.76 -10.93
N VAL D 407 -64.61 -5.95 -9.68
CA VAL D 407 -63.19 -6.11 -9.30
C VAL D 407 -62.65 -7.31 -10.08
N ASN D 408 -63.47 -8.36 -10.09
CA ASN D 408 -63.04 -9.67 -10.58
C ASN D 408 -62.96 -9.77 -12.12
N THR D 409 -63.16 -8.67 -12.86
CA THR D 409 -62.87 -8.62 -14.31
C THR D 409 -61.42 -8.44 -14.74
N VAL D 410 -60.47 -8.26 -13.82
CA VAL D 410 -59.05 -7.86 -14.15
C VAL D 410 -58.19 -9.06 -13.92
N ASP D 411 -57.17 -9.26 -14.74
CA ASP D 411 -56.24 -10.39 -14.53
C ASP D 411 -55.42 -10.25 -13.24
N PRO D 412 -55.16 -11.38 -12.53
CA PRO D 412 -54.32 -11.34 -11.34
C PRO D 412 -53.01 -10.55 -11.48
N ALA D 413 -52.40 -10.53 -12.68
CA ALA D 413 -51.06 -9.95 -12.86
C ALA D 413 -51.08 -8.54 -13.42
N ALA D 414 -52.26 -8.04 -13.79
CA ALA D 414 -52.38 -6.75 -14.43
C ALA D 414 -52.32 -5.59 -13.39
N THR D 415 -52.46 -5.90 -12.13
CA THR D 415 -52.14 -4.92 -11.10
C THR D 415 -51.45 -5.74 -10.03
N ALA D 416 -51.05 -5.10 -8.92
CA ALA D 416 -50.26 -5.75 -7.89
C ALA D 416 -51.17 -6.55 -6.96
N LEU D 417 -52.49 -6.31 -7.02
CA LEU D 417 -53.49 -7.11 -6.28
C LEU D 417 -53.69 -8.44 -7.04
N PRO D 418 -53.33 -9.57 -6.40
CA PRO D 418 -53.49 -10.86 -7.10
C PRO D 418 -54.89 -11.50 -6.93
N GLN D 419 -55.66 -11.09 -5.93
CA GLN D 419 -56.98 -11.65 -5.70
C GLN D 419 -57.94 -10.93 -6.63
N ARG D 420 -58.27 -11.62 -7.72
CA ARG D 420 -59.26 -11.19 -8.68
C ARG D 420 -60.37 -12.24 -8.91
N ASP D 421 -60.63 -13.08 -7.91
CA ASP D 421 -61.89 -13.81 -7.92
C ASP D 421 -62.52 -14.04 -6.53
N ALA D 422 -62.31 -13.11 -5.58
CA ALA D 422 -62.79 -13.35 -4.24
C ALA D 422 -64.23 -12.87 -4.11
N ILE D 423 -64.90 -13.24 -3.04
CA ILE D 423 -66.29 -12.84 -2.85
C ILE D 423 -66.50 -11.98 -1.60
N LEU D 424 -65.64 -12.18 -0.60
CA LEU D 424 -65.64 -11.45 0.64
C LEU D 424 -64.19 -11.19 1.09
N LYS D 425 -64.03 -10.12 1.87
CA LYS D 425 -62.90 -9.97 2.72
C LYS D 425 -63.45 -10.20 4.13
N VAL D 426 -62.69 -10.92 4.97
CA VAL D 426 -63.09 -11.15 6.33
C VAL D 426 -62.07 -10.53 7.25
N ASN D 427 -62.55 -9.76 8.23
CA ASN D 427 -61.67 -9.20 9.22
C ASN D 427 -62.06 -9.73 10.57
N TYR D 428 -61.06 -9.99 11.40
CA TYR D 428 -61.21 -10.48 12.72
C TYR D 428 -60.59 -9.41 13.61
N ILE D 429 -61.39 -8.90 14.51
CA ILE D 429 -61.17 -7.60 15.12
C ILE D 429 -61.31 -7.70 16.63
N THR D 430 -60.44 -7.02 17.35
CA THR D 430 -60.65 -6.79 18.75
C THR D 430 -60.10 -5.38 19.10
N GLY D 431 -60.60 -4.84 20.19
CA GLY D 431 -60.32 -3.46 20.59
C GLY D 431 -60.49 -3.37 22.09
N TRP D 432 -59.64 -2.58 22.74
CA TRP D 432 -59.59 -2.53 24.18
C TRP D 432 -59.47 -1.09 24.65
N ALA D 433 -60.20 -0.79 25.71
CA ALA D 433 -60.22 0.53 26.31
C ALA D 433 -58.98 0.79 27.15
N ASN D 434 -58.33 -0.28 27.62
CA ASN D 434 -57.25 -0.11 28.58
C ASN D 434 -55.95 -0.78 28.14
N PRO D 435 -54.85 0.00 28.08
CA PRO D 435 -53.55 -0.51 27.64
C PRO D 435 -53.03 -1.75 28.39
N GLY D 436 -53.38 -1.86 29.67
CA GLY D 436 -53.17 -3.09 30.43
C GLY D 436 -53.91 -4.36 30.00
N ASN D 437 -54.98 -4.27 29.21
CA ASN D 437 -55.64 -5.46 28.71
C ASN D 437 -55.18 -5.86 27.32
N GLU D 438 -54.15 -5.21 26.77
CA GLU D 438 -53.74 -5.58 25.44
C GLU D 438 -53.44 -7.07 25.30
N ALA D 439 -52.76 -7.69 26.29
CA ALA D 439 -52.28 -9.06 26.11
C ALA D 439 -53.47 -10.02 25.98
N LYS D 440 -54.44 -9.82 26.86
CA LYS D 440 -55.69 -10.64 26.87
C LYS D 440 -56.50 -10.56 25.54
N HIS D 441 -56.54 -9.40 24.88
CA HIS D 441 -57.26 -9.24 23.59
C HIS D 441 -56.48 -9.74 22.42
N LEU D 442 -55.19 -9.46 22.39
CA LEU D 442 -54.33 -10.05 21.39
C LEU D 442 -54.46 -11.59 21.41
N THR D 443 -54.49 -12.17 22.60
CA THR D 443 -54.62 -13.64 22.74
C THR D 443 -55.95 -14.11 22.08
N TRP D 444 -57.02 -13.42 22.43
CA TRP D 444 -58.35 -13.76 21.95
C TRP D 444 -58.49 -13.71 20.42
N VAL D 445 -58.08 -12.60 19.77
CA VAL D 445 -58.17 -12.50 18.30
C VAL D 445 -57.21 -13.45 17.56
N ARG D 446 -56.04 -13.72 18.16
CA ARG D 446 -55.09 -14.74 17.62
C ARG D 446 -55.61 -16.19 17.72
N LYS D 447 -56.19 -16.54 18.88
CA LYS D 447 -56.86 -17.85 19.04
C LYS D 447 -57.98 -18.01 17.98
N LEU D 448 -58.86 -17.02 17.95
CA LEU D 448 -59.94 -16.93 16.97
C LEU D 448 -59.45 -17.20 15.52
N TYR D 449 -58.48 -16.42 15.06
CA TYR D 449 -57.92 -16.55 13.73
C TYR D 449 -57.23 -17.90 13.45
N ALA D 450 -56.49 -18.37 14.47
CA ALA D 450 -55.71 -19.59 14.35
C ALA D 450 -56.70 -20.79 14.33
N ASP D 451 -57.77 -20.73 15.16
CA ASP D 451 -58.87 -21.72 15.16
C ASP D 451 -59.52 -21.71 13.76
N VAL D 452 -59.92 -20.53 13.29
CA VAL D 452 -60.49 -20.48 11.94
C VAL D 452 -59.56 -21.06 10.88
N TYR D 453 -58.25 -20.87 11.02
CA TYR D 453 -57.35 -21.30 9.96
C TYR D 453 -56.49 -22.51 10.38
N ALA D 454 -56.93 -23.27 11.38
CA ALA D 454 -56.11 -24.37 11.94
C ALA D 454 -55.67 -25.45 10.96
N GLU D 455 -56.36 -25.59 9.84
CA GLU D 455 -55.95 -26.56 8.83
C GLU D 455 -54.84 -26.11 7.90
N THR D 456 -54.41 -24.84 8.01
CA THR D 456 -53.34 -24.28 7.16
C THR D 456 -52.41 -23.37 8.00
N GLY D 457 -51.84 -23.96 9.03
CA GLY D 457 -50.93 -23.29 9.94
C GLY D 457 -51.37 -21.95 10.51
N GLY D 458 -52.67 -21.81 10.77
CA GLY D 458 -53.18 -20.59 11.41
C GLY D 458 -53.26 -19.35 10.52
N VAL D 459 -53.17 -19.51 9.21
CA VAL D 459 -53.19 -18.38 8.29
C VAL D 459 -54.03 -18.71 7.08
N PRO D 460 -54.57 -17.71 6.36
CA PRO D 460 -55.39 -17.98 5.19
C PRO D 460 -54.59 -18.35 3.92
N VAL D 461 -53.90 -19.50 3.97
CA VAL D 461 -53.19 -20.01 2.78
C VAL D 461 -54.13 -20.08 1.58
N PRO D 462 -53.68 -19.60 0.40
CA PRO D 462 -54.54 -19.72 -0.76
C PRO D 462 -54.94 -21.17 -1.08
N ASN D 463 -56.24 -21.40 -1.23
CA ASN D 463 -56.80 -22.73 -1.56
C ASN D 463 -58.20 -22.54 -2.16
N ASP D 464 -59.07 -23.53 -1.99
CA ASP D 464 -60.45 -23.41 -2.46
C ASP D 464 -61.22 -22.30 -1.75
N VAL D 465 -60.96 -22.17 -0.46
CA VAL D 465 -61.82 -21.35 0.40
C VAL D 465 -61.21 -19.96 0.62
N SER D 466 -59.91 -19.94 0.94
CA SER D 466 -59.15 -18.69 1.20
C SER D 466 -58.28 -18.30 0.06
N ASP D 467 -57.84 -17.02 0.10
CA ASP D 467 -56.96 -16.47 -0.96
C ASP D 467 -55.93 -15.42 -0.44
N GLY D 468 -55.26 -15.74 0.66
CA GLY D 468 -54.35 -14.81 1.29
C GLY D 468 -55.05 -13.62 1.97
N ALA D 469 -54.40 -12.45 1.84
CA ALA D 469 -54.72 -11.28 2.66
C ALA D 469 -54.44 -9.99 1.87
N TYR D 470 -55.00 -8.91 2.39
CA TYR D 470 -55.10 -7.67 1.67
C TYR D 470 -54.02 -6.73 2.29
N ILE D 471 -53.12 -6.16 1.49
CA ILE D 471 -51.97 -5.38 2.08
C ILE D 471 -52.40 -4.08 2.85
N ASN D 472 -53.58 -3.51 2.57
CA ASN D 472 -54.12 -2.37 3.37
C ASN D 472 -54.66 -2.74 4.72
N TYR D 473 -54.76 -4.06 5.02
CA TYR D 473 -55.04 -4.57 6.37
C TYR D 473 -53.81 -5.31 6.94
N PRO D 474 -52.66 -4.59 7.05
CA PRO D 474 -51.43 -5.30 7.39
C PRO D 474 -51.50 -5.90 8.77
N ASP D 475 -50.85 -7.05 8.89
CA ASP D 475 -50.79 -7.75 10.14
C ASP D 475 -49.43 -8.45 10.33
N SER D 476 -48.67 -8.02 11.36
CA SER D 476 -47.27 -8.48 11.53
C SER D 476 -47.17 -9.90 12.00
N ASP D 477 -48.23 -10.37 12.67
CA ASP D 477 -48.44 -11.77 13.02
C ASP D 477 -48.19 -12.74 11.86
N LEU D 478 -48.53 -12.35 10.63
CA LEU D 478 -48.31 -13.19 9.47
C LEU D 478 -46.82 -13.46 9.15
N ALA D 479 -45.89 -12.66 9.70
CA ALA D 479 -44.44 -12.94 9.56
C ALA D 479 -43.82 -13.50 10.86
N ASP D 480 -44.60 -13.66 11.92
CA ASP D 480 -44.15 -14.32 13.14
C ASP D 480 -44.24 -15.87 12.97
N PRO D 481 -43.09 -16.59 13.05
CA PRO D 481 -43.13 -18.07 12.86
C PRO D 481 -43.89 -18.87 13.96
N GLY D 482 -44.00 -18.33 15.17
CA GLY D 482 -44.92 -18.88 16.18
C GLY D 482 -46.36 -18.91 15.68
N LEU D 483 -46.89 -17.74 15.36
CA LEU D 483 -48.29 -17.60 14.91
C LEU D 483 -48.54 -18.15 13.50
N ASN D 484 -47.64 -17.89 12.56
CA ASN D 484 -47.69 -18.53 11.24
C ASN D 484 -46.78 -19.79 11.15
N THR D 485 -47.39 -20.96 11.21
CA THR D 485 -46.68 -22.24 11.09
C THR D 485 -47.01 -22.94 9.81
N SER D 486 -47.63 -22.27 8.84
CA SER D 486 -47.92 -22.86 7.54
C SER D 486 -46.70 -23.00 6.64
N GLY D 487 -45.60 -22.33 7.03
CA GLY D 487 -44.40 -22.24 6.22
C GLY D 487 -44.62 -21.48 4.92
N VAL D 488 -45.67 -20.66 4.85
CA VAL D 488 -45.95 -19.90 3.64
C VAL D 488 -45.66 -18.48 4.09
N PRO D 489 -44.72 -17.78 3.42
CA PRO D 489 -44.26 -16.49 3.95
C PRO D 489 -45.32 -15.36 3.83
N TRP D 490 -45.28 -14.40 4.75
CA TRP D 490 -46.21 -13.24 4.77
C TRP D 490 -46.47 -12.73 3.36
N HIS D 491 -45.41 -12.63 2.55
CA HIS D 491 -45.50 -11.95 1.26
C HIS D 491 -46.18 -12.70 0.13
N ASP D 492 -46.27 -14.01 0.25
CA ASP D 492 -47.01 -14.80 -0.72
C ASP D 492 -48.49 -14.78 -0.35
N LEU D 493 -48.80 -14.68 0.94
CA LEU D 493 -50.18 -14.43 1.40
C LEU D 493 -50.80 -13.11 0.84
N TYR D 494 -50.05 -12.01 0.88
CA TYR D 494 -50.54 -10.68 0.39
C TYR D 494 -50.47 -10.56 -1.10
N TYR D 495 -49.35 -11.02 -1.64
CA TYR D 495 -49.01 -10.75 -3.04
C TYR D 495 -49.03 -12.01 -3.96
N LYS D 496 -48.99 -13.20 -3.39
CA LYS D 496 -49.03 -14.43 -4.21
C LYS D 496 -48.03 -14.33 -5.39
N GLY D 497 -48.51 -14.58 -6.62
CA GLY D 497 -47.71 -14.59 -7.81
C GLY D 497 -47.18 -13.25 -8.26
N ASN D 498 -47.65 -12.14 -7.67
CA ASN D 498 -47.07 -10.86 -8.03
C ASN D 498 -45.80 -10.47 -7.24
N HIS D 499 -45.45 -11.25 -6.20
CA HIS D 499 -44.27 -10.94 -5.39
C HIS D 499 -42.99 -10.77 -6.16
N PRO D 500 -42.71 -11.70 -7.12
CA PRO D 500 -41.43 -11.56 -7.80
C PRO D 500 -41.26 -10.24 -8.54
N ARG D 501 -42.30 -9.78 -9.22
CA ARG D 501 -42.21 -8.50 -9.93
C ARG D 501 -42.09 -7.31 -8.92
N LEU D 502 -42.78 -7.41 -7.77
CA LEU D 502 -42.65 -6.34 -6.75
C LEU D 502 -41.25 -6.28 -6.19
N ARG D 503 -40.69 -7.44 -5.89
CA ARG D 503 -39.28 -7.56 -5.45
C ARG D 503 -38.30 -6.90 -6.42
N LYS D 504 -38.53 -7.03 -7.72
CA LYS D 504 -37.66 -6.37 -8.71
C LYS D 504 -37.82 -4.85 -8.80
N VAL D 505 -39.06 -4.38 -8.74
CA VAL D 505 -39.30 -2.92 -8.71
C VAL D 505 -38.59 -2.29 -7.51
N LYS D 506 -38.71 -2.94 -6.38
CA LYS D 506 -38.04 -2.55 -5.16
C LYS D 506 -36.51 -2.39 -5.27
N ALA D 507 -35.87 -3.38 -5.91
CA ALA D 507 -34.47 -3.34 -6.20
C ALA D 507 -34.15 -2.27 -7.25
N ALA D 508 -34.98 -2.11 -8.26
CA ALA D 508 -34.75 -1.06 -9.24
C ALA D 508 -34.84 0.37 -8.66
N TYR D 509 -35.78 0.62 -7.75
CA TYR D 509 -36.11 2.01 -7.36
C TYR D 509 -35.77 2.42 -5.94
N ASP D 510 -35.70 1.47 -5.03
CA ASP D 510 -35.14 1.74 -3.70
C ASP D 510 -33.97 0.74 -3.37
N PRO D 511 -32.88 0.77 -4.16
CA PRO D 511 -31.73 -0.13 -3.92
C PRO D 511 -31.16 -0.16 -2.50
N ARG D 512 -31.27 0.94 -1.77
CA ARG D 512 -30.67 1.07 -0.44
C ARG D 512 -31.61 0.73 0.64
N ASN D 513 -32.89 0.44 0.28
CA ASN D 513 -33.84 0.05 1.28
C ASN D 513 -34.05 1.13 2.30
N HIS D 514 -34.16 2.37 1.84
CA HIS D 514 -34.41 3.50 2.74
C HIS D 514 -35.87 3.48 3.22
N PHE D 515 -36.76 2.87 2.44
CA PHE D 515 -38.17 2.77 2.80
C PHE D 515 -38.54 1.35 3.19
N HIS D 516 -38.79 1.13 4.48
CA HIS D 516 -39.00 -0.21 5.05
C HIS D 516 -39.82 -0.10 6.31
N HIS D 517 -40.40 -1.23 6.71
CA HIS D 517 -41.16 -1.42 7.98
C HIS D 517 -41.41 -2.93 8.08
N ALA D 518 -42.15 -3.36 9.10
CA ALA D 518 -42.41 -4.82 9.35
C ALA D 518 -42.88 -5.75 8.23
N LEU D 519 -43.59 -5.23 7.26
CA LEU D 519 -44.06 -6.07 6.16
C LEU D 519 -43.67 -5.40 4.86
N SER D 520 -42.46 -4.87 4.81
CA SER D 520 -41.99 -4.29 3.55
C SER D 520 -41.29 -5.27 2.60
N ILE D 521 -41.46 -5.00 1.31
CA ILE D 521 -40.78 -5.75 0.24
C ILE D 521 -39.24 -5.56 0.34
N ARG D 522 -38.49 -6.63 0.14
CA ARG D 522 -37.01 -6.66 0.35
C ARG D 522 -36.40 -6.75 -1.05
N PRO D 523 -35.29 -6.03 -1.35
CA PRO D 523 -34.77 -6.08 -2.74
C PRO D 523 -34.32 -7.50 -3.22
N GHP E 1 31.31 -23.15 -44.42
CA GHP E 1 30.88 -24.05 -43.33
C GHP E 1 30.60 -23.35 -42.08
O GHP E 1 30.46 -22.13 -42.05
C1 GHP E 1 29.83 -24.89 -43.77
C2 GHP E 1 28.52 -24.40 -43.82
C3 GHP E 1 27.49 -25.24 -44.23
C4 GHP E 1 27.73 -26.58 -44.60
O4 GHP E 1 26.66 -27.36 -45.01
C5 GHP E 1 29.03 -27.08 -44.58
C6 GHP E 1 30.07 -26.23 -44.17
OBD 3MY E 2 31.31 -29.21 -36.68
CZ 3MY E 2 31.43 -27.92 -37.21
CE2 3MY E 2 31.03 -26.79 -36.41
CD2 3MY E 2 31.10 -25.51 -36.93
CL 3MY E 2 30.44 -26.75 -34.79
CE1 3MY E 2 31.87 -27.68 -38.54
CD1 3MY E 2 31.95 -26.37 -39.03
CG 3MY E 2 31.55 -25.28 -38.21
CB 3MY E 2 31.55 -23.94 -38.62
CA 3MY E 2 30.25 -23.64 -39.43
C 3MY E 2 28.96 -24.13 -38.87
O 3MY E 2 28.52 -23.80 -37.75
N 3MY E 2 30.51 -24.11 -40.86
N 3FG E 3 28.16 -25.02 -39.62
OD1 3FG E 3 22.76 -23.49 -41.03
CD1 3FG E 3 23.96 -24.00 -41.35
CG1 3FG E 3 24.72 -24.43 -40.28
CZ 3FG E 3 24.43 -24.11 -42.67
CD2 3FG E 3 25.70 -24.66 -42.92
OD2 3FG E 3 26.19 -24.78 -44.22
CG2 3FG E 3 26.44 -25.10 -41.79
CB 3FG E 3 25.97 -24.98 -40.48
CA 3FG E 3 26.73 -25.41 -39.35
C 3FG E 3 26.34 -26.72 -39.06
O 3FG E 3 25.21 -26.92 -38.55
N GHP E 4 27.23 -27.78 -39.36
CA GHP E 4 26.87 -29.16 -38.94
C GHP E 4 26.24 -29.90 -39.98
O GHP E 4 26.74 -29.97 -41.10
C1 GHP E 4 27.97 -29.87 -38.31
C2 GHP E 4 27.93 -31.27 -38.12
C3 GHP E 4 28.96 -32.00 -37.50
C4 GHP E 4 30.10 -31.28 -37.01
O4 GHP E 4 31.17 -31.92 -36.40
C5 GHP E 4 30.18 -29.87 -37.17
C6 GHP E 4 29.11 -29.19 -37.79
N GHP E 5 25.05 -30.58 -39.60
CA GHP E 5 24.37 -31.62 -40.42
C GHP E 5 23.74 -32.52 -39.46
O GHP E 5 23.27 -32.05 -38.42
C1 GHP E 5 23.38 -31.37 -41.41
C2 GHP E 5 23.64 -31.88 -42.70
C3 GHP E 5 22.72 -31.77 -43.76
C4 GHP E 5 21.47 -31.12 -43.48
O4 GHP E 5 20.55 -31.00 -44.49
C5 GHP E 5 21.19 -30.63 -42.18
C6 GHP E 5 22.14 -30.76 -41.16
N OMY E 6 23.56 -33.93 -39.68
CA OMY E 6 24.10 -34.80 -40.86
OCZ OMY E 6 28.88 -33.41 -37.37
CE2 OMY E 6 26.64 -34.45 -37.36
CE1 OMY E 6 28.02 -34.45 -39.38
CZ OMY E 6 27.85 -34.11 -38.01
CG OMY E 6 25.79 -35.49 -39.42
CD2 OMY E 6 25.61 -35.13 -38.05
CD1 OMY E 6 26.99 -35.11 -40.04
CB OMY E 6 24.78 -36.08 -40.24
CL OMY E 6 29.52 -34.09 -40.35
O OMY E 6 21.79 -34.68 -41.60
C OMY E 6 23.12 -34.89 -41.92
ODE OMY E 6 23.75 -36.80 -39.52
N 3FG E 7 23.48 -34.90 -43.23
OD1 3FG E 7 23.92 -30.09 -45.79
CD1 3FG E 7 23.78 -31.47 -46.02
CG1 3FG E 7 23.18 -32.32 -45.02
CZ 3FG E 7 24.28 -32.02 -47.20
CD2 3FG E 7 24.17 -33.41 -47.43
OD2 3FG E 7 24.60 -34.02 -48.56
CG2 3FG E 7 23.60 -34.23 -46.49
CB 3FG E 7 23.10 -33.75 -45.28
CA 3FG E 7 22.50 -34.70 -44.36
C 3FG E 7 21.99 -35.89 -44.95
O 3FG E 7 22.69 -36.94 -44.84
OXT 3FG E 7 20.88 -35.83 -45.53
N GHP F 1 20.65 46.46 -5.40
CA GHP F 1 20.53 46.21 -6.86
C GHP F 1 19.52 47.08 -7.43
O GHP F 1 19.26 48.20 -6.93
C1 GHP F 1 21.84 46.26 -7.46
C2 GHP F 1 22.38 47.52 -7.81
C3 GHP F 1 23.67 47.68 -8.39
C4 GHP F 1 24.45 46.51 -8.58
O4 GHP F 1 25.68 46.63 -9.13
C5 GHP F 1 23.93 45.25 -8.21
C6 GHP F 1 22.65 45.11 -7.65
OBD 3MY F 2 18.40 44.91 -14.87
CZ 3MY F 2 17.95 45.27 -13.60
CE2 3MY F 2 17.09 46.42 -13.47
CD2 3MY F 2 16.64 46.81 -12.20
CL 3MY F 2 16.47 47.49 -14.87
CE1 3MY F 2 18.37 44.54 -12.47
CD1 3MY F 2 17.90 44.96 -11.21
CG 3MY F 2 17.05 46.09 -11.07
CB 3MY F 2 16.57 46.55 -9.83
CA 3MY F 2 17.61 47.49 -9.13
C 3MY F 2 18.07 48.65 -9.88
O 3MY F 2 17.41 49.70 -9.92
N 3MY F 2 18.76 46.66 -8.56
N 3FG F 3 19.30 48.62 -10.58
OD1 3FG F 3 22.81 53.52 -9.62
CD1 3FG F 3 22.50 52.19 -9.78
CG1 3FG F 3 21.31 51.76 -10.45
CZ 3FG F 3 23.41 51.27 -9.25
CD2 3FG F 3 23.22 49.87 -9.37
OD2 3FG F 3 24.15 48.94 -8.79
CG2 3FG F 3 22.03 49.49 -10.07
CB 3FG F 3 21.05 50.39 -10.62
CA 3FG F 3 19.85 49.86 -11.30
C 3FG F 3 20.01 49.66 -12.73
O 3FG F 3 19.16 50.05 -13.51
N GHP F 4 21.14 48.99 -13.28
CA GHP F 4 21.42 48.86 -14.74
C GHP F 4 22.85 48.92 -14.85
O GHP F 4 23.60 48.40 -14.02
C1 GHP F 4 20.92 47.69 -15.42
C2 GHP F 4 21.37 47.31 -16.71
C3 GHP F 4 20.86 46.15 -17.39
C4 GHP F 4 19.88 45.37 -16.73
O4 GHP F 4 19.36 44.25 -17.36
C5 GHP F 4 19.40 45.73 -15.45
C6 GHP F 4 19.95 46.90 -14.82
N GHP F 5 23.39 49.61 -15.95
CA GHP F 5 24.83 49.53 -16.27
C GHP F 5 24.96 49.76 -17.71
O GHP F 5 24.21 50.57 -18.30
C1 GHP F 5 25.86 50.33 -15.62
C2 GHP F 5 26.92 49.63 -15.00
C3 GHP F 5 28.04 50.24 -14.44
C4 GHP F 5 28.07 51.65 -14.51
O4 GHP F 5 29.14 52.27 -13.95
C5 GHP F 5 27.04 52.38 -15.14
C6 GHP F 5 25.93 51.73 -15.72
N OMY F 6 25.98 49.16 -18.51
CA OMY F 6 26.97 48.03 -18.11
OCZ OMY F 6 21.34 45.71 -18.66
CE2 OMY F 6 23.13 46.80 -19.91
CE1 OMY F 6 23.68 45.41 -17.98
CZ OMY F 6 22.70 45.96 -18.87
CG OMY F 6 25.49 46.53 -19.20
CD2 OMY F 6 24.51 47.09 -20.05
CD1 OMY F 6 25.04 45.70 -18.15
CB OMY F 6 26.91 46.86 -19.21
CL OMY F 6 23.28 44.30 -16.59
O OMY F 6 28.73 49.63 -18.38
C OMY F 6 28.24 48.53 -17.71
ODE OMY F 6 27.52 47.39 -20.43
N 3FG F 7 28.86 47.99 -16.62
OD1 3FG F 7 28.05 50.06 -11.73
CD1 3FG F 7 28.98 49.26 -12.35
CG1 3FG F 7 29.02 49.37 -13.79
CZ 3FG F 7 29.87 48.39 -11.65
CD2 3FG F 7 30.80 47.59 -12.34
OD2 3FG F 7 31.60 46.83 -11.64
CG2 3FG F 7 30.87 47.63 -13.74
CB 3FG F 7 29.98 48.52 -14.50
CA 3FG F 7 30.09 48.58 -15.97
C 3FG F 7 31.37 48.16 -16.51
O 3FG F 7 32.32 48.99 -16.45
OXT 3FG F 7 31.49 46.99 -16.94
N GHP G 1 5.37 -13.49 14.61
CA GHP G 1 4.66 -13.06 13.35
C GHP G 1 5.25 -11.87 12.83
O GHP G 1 6.46 -11.71 12.96
C1 GHP G 1 4.66 -14.10 12.38
C2 GHP G 1 5.68 -14.20 11.43
C3 GHP G 1 5.69 -15.20 10.44
C4 GHP G 1 4.64 -16.13 10.47
O4 GHP G 1 4.66 -17.11 9.54
C5 GHP G 1 3.64 -16.07 11.43
C6 GHP G 1 3.64 -15.05 12.38
OBD 3MY G 2 -0.01 -7.70 8.38
CZ 3MY G 2 0.99 -7.86 9.33
CE2 3MY G 2 2.04 -6.93 9.31
CD2 3MY G 2 3.11 -7.11 10.21
CL 3MY G 2 1.90 -5.48 8.01
CE1 3MY G 2 1.02 -8.95 10.22
CD1 3MY G 2 2.08 -9.13 11.09
CG 3MY G 2 3.14 -8.22 11.09
CB 3MY G 2 4.13 -8.38 12.01
CA 3MY G 2 5.06 -9.55 11.72
C 3MY G 2 5.60 -9.52 10.40
O 3MY G 2 6.40 -8.63 10.10
N 3MY G 2 4.49 -10.87 12.19
N 3FG G 3 5.31 -10.51 9.46
OD1 3FG G 3 10.24 -12.68 7.33
CD1 3FG G 3 8.97 -12.79 7.80
CG1 3FG G 3 8.14 -11.67 7.70
CZ 3FG G 3 8.51 -14.00 8.37
CD2 3FG G 3 7.19 -14.09 8.85
OD2 3FG G 3 6.69 -15.28 9.45
CG2 3FG G 3 6.38 -12.94 8.72
CB 3FG G 3 6.83 -11.73 8.16
CA 3FG G 3 5.97 -10.60 8.08
C 3FG G 3 5.10 -10.69 6.94
O 3FG G 3 5.55 -10.50 5.81
N GHP G 4 3.70 -10.87 7.09
CA GHP G 4 2.74 -11.08 5.97
C GHP G 4 2.58 -12.53 6.05
O GHP G 4 2.83 -13.21 7.04
C1 GHP G 4 1.47 -10.39 6.19
C2 GHP G 4 0.27 -10.71 5.51
C3 GHP G 4 -0.96 -10.07 5.77
C4 GHP G 4 -1.01 -9.07 6.74
O4 GHP G 4 -2.18 -8.39 7.02
C5 GHP G 4 0.14 -8.71 7.43
C6 GHP G 4 1.37 -9.37 7.14
N GHP G 5 2.12 -13.22 4.95
CA GHP G 5 1.74 -14.68 4.92
C GHP G 5 0.84 -14.64 3.83
O GHP G 5 1.13 -13.83 2.95
C1 GHP G 5 2.70 -15.63 4.52
C2 GHP G 5 2.43 -16.95 4.88
C3 GHP G 5 3.25 -18.00 4.48
C4 GHP G 5 4.40 -17.70 3.70
O4 GHP G 5 5.21 -18.71 3.34
C5 GHP G 5 4.67 -16.40 3.32
C6 GHP G 5 3.82 -15.36 3.72
N OMY G 6 -0.29 -15.42 3.48
CA OMY G 6 -1.11 -16.46 4.15
OCZ OMY G 6 -2.15 -10.42 5.13
CE2 OMY G 6 -2.40 -12.22 3.52
CE1 OMY G 6 -2.31 -12.75 5.89
CZ OMY G 6 -2.29 -11.78 4.84
CG OMY G 6 -2.56 -14.55 4.28
CD2 OMY G 6 -2.54 -13.58 3.25
CD1 OMY G 6 -2.42 -14.11 5.60
CB OMY G 6 -2.62 -15.97 4.05
CL OMY G 6 -2.18 -12.34 7.58
O OMY G 6 -1.16 -17.76 2.13
C OMY G 6 -0.70 -17.61 3.41
ODE OMY G 6 -3.12 -16.29 2.74
N 3FG G 7 0.20 -18.45 3.95
OD1 3FG G 7 4.61 -18.88 6.48
CD1 3FG G 7 3.61 -19.74 6.07
CG1 3FG G 7 2.87 -19.28 4.97
CZ 3FG G 7 3.33 -20.96 6.70
CD2 3FG G 7 2.29 -21.75 6.20
OD2 3FG G 7 2.01 -22.94 6.78
CG2 3FG G 7 1.51 -21.31 5.11
CB 3FG G 7 1.79 -20.07 4.47
CA 3FG G 7 0.98 -19.60 3.36
C 3FG G 7 0.28 -20.59 2.62
O 3FG G 7 0.97 -21.50 2.09
OXT 3FG G 7 -0.97 -20.47 2.48
N GHP H 1 -0.97 -32.66 -6.48
CA GHP H 1 0.28 -31.89 -6.66
C GHP H 1 0.45 -31.46 -8.05
O GHP H 1 -0.55 -31.16 -8.72
C1 GHP H 1 0.34 -30.81 -5.74
C2 GHP H 1 -0.14 -29.50 -6.08
C3 GHP H 1 -0.08 -28.42 -5.17
C4 GHP H 1 0.49 -28.65 -3.90
O4 GHP H 1 0.55 -27.65 -3.00
C5 GHP H 1 0.95 -29.93 -3.54
C6 GHP H 1 0.87 -31.00 -4.45
OBD 3MY H 2 8.50 -30.49 -9.34
CZ 3MY H 2 7.21 -30.90 -9.60
CE2 3MY H 2 6.80 -30.62 -10.89
CD2 3MY H 2 5.47 -30.95 -11.25
CL 3MY H 2 8.10 -29.84 -12.03
CE1 3MY H 2 6.35 -31.47 -8.64
CD1 3MY H 2 5.04 -31.79 -9.01
CG 3MY H 2 4.58 -31.52 -10.32
CB 3MY H 2 3.27 -31.88 -10.69
CA 3MY H 2 2.12 -31.03 -10.07
C 3MY H 2 2.41 -29.66 -10.26
O 3MY H 2 2.42 -29.20 -11.42
N 3MY H 2 1.77 -31.40 -8.62
N 3FG H 3 2.66 -28.83 -9.14
OD1 3FG H 3 -0.86 -24.34 -9.56
CD1 3FG H 3 -0.24 -25.30 -8.80
CG1 3FG H 3 0.93 -25.83 -9.33
CZ 3FG H 3 -0.73 -25.73 -7.54
CD2 3FG H 3 -0.04 -26.72 -6.81
OD2 3FG H 3 -0.52 -27.18 -5.56
CG2 3FG H 3 1.16 -27.22 -7.39
CB 3FG H 3 1.64 -26.80 -8.62
CA 3FG H 3 2.83 -27.34 -9.20
C 3FG H 3 3.95 -26.78 -8.58
O 3FG H 3 4.18 -25.60 -8.80
N GHP H 4 4.88 -27.51 -7.82
CA GHP H 4 6.04 -26.83 -7.18
C GHP H 4 5.57 -26.60 -5.87
O GHP H 4 4.57 -27.15 -5.39
C1 GHP H 4 7.21 -27.67 -7.23
C2 GHP H 4 8.29 -27.63 -6.32
C3 GHP H 4 9.41 -28.52 -6.41
C4 GHP H 4 9.44 -29.47 -7.44
O4 GHP H 4 10.53 -30.34 -7.55
C5 GHP H 4 8.39 -29.52 -8.37
C6 GHP H 4 7.29 -28.63 -8.26
N GHP H 5 6.14 -25.63 -5.12
CA GHP H 5 5.87 -25.37 -3.67
C GHP H 5 7.11 -24.78 -3.40
O GHP H 5 7.61 -24.02 -4.24
C1 GHP H 5 4.95 -24.42 -3.11
C2 GHP H 5 4.51 -24.67 -1.80
C3 GHP H 5 3.70 -23.80 -1.07
C4 GHP H 5 3.28 -22.63 -1.74
O4 GHP H 5 2.46 -21.79 -1.08
C5 GHP H 5 3.70 -22.34 -3.04
C6 GHP H 5 4.55 -23.23 -3.71
N OMY H 6 7.86 -24.91 -2.25
CA OMY H 6 7.60 -25.70 -1.03
OCZ OMY H 6 10.49 -28.59 -5.52
CE2 OMY H 6 10.66 -26.86 -3.93
CE1 OMY H 6 9.20 -28.76 -3.47
CZ OMY H 6 10.14 -28.09 -4.30
CG OMY H 6 9.37 -26.98 -1.85
CD2 OMY H 6 10.27 -26.32 -2.72
CD1 OMY H 6 8.82 -28.20 -2.26
CB OMY H 6 8.93 -26.39 -0.64
CL OMY H 6 8.46 -30.34 -3.88
O OMY H 6 7.41 -23.42 -0.50
C OMY H 6 7.09 -24.71 -0.19
ODE OMY H 6 9.78 -25.34 -0.20
N 3FG H 7 6.16 -24.97 0.73
OD1 3FG H 7 1.25 -24.54 -0.84
CD1 3FG H 7 1.94 -24.63 0.34
CG1 3FG H 7 3.27 -24.20 0.25
CZ 3FG H 7 1.39 -25.08 1.56
CD2 3FG H 7 2.18 -25.12 2.71
OD2 3FG H 7 1.68 -25.54 3.90
CG2 3FG H 7 3.50 -24.73 2.65
CB 3FG H 7 4.08 -24.26 1.45
CA 3FG H 7 5.46 -23.88 1.47
C 3FG H 7 6.02 -23.59 2.76
O 3FG H 7 6.84 -24.40 3.26
OXT 3FG H 7 5.65 -22.53 3.31
N GHP I 1 49.43 29.71 -9.22
CA GHP I 1 49.62 29.63 -7.76
C GHP I 1 48.70 28.73 -7.09
O GHP I 1 48.23 27.78 -7.72
C1 GHP I 1 50.96 29.32 -7.42
C2 GHP I 1 51.40 27.98 -7.29
C3 GHP I 1 52.73 27.65 -6.92
C4 GHP I 1 53.62 28.74 -6.69
O4 GHP I 1 54.91 28.49 -6.33
C5 GHP I 1 53.18 30.08 -6.83
C6 GHP I 1 51.87 30.37 -7.20
OBD 3MY I 2 47.79 30.39 0.95
CZ 3MY I 2 47.42 30.08 -0.31
CE2 3MY I 2 46.46 29.07 -0.41
CD2 3MY I 2 46.11 28.65 -1.71
CL 3MY I 2 45.73 28.37 1.23
CE1 3MY I 2 48.03 30.64 -1.44
CD1 3MY I 2 47.67 30.21 -2.73
CG 3MY I 2 46.72 29.21 -2.84
CB 3MY I 2 46.34 28.81 -4.12
CA 3MY I 2 47.37 27.99 -4.94
C 3MY I 2 47.95 26.88 -4.24
O 3MY I 2 47.29 25.84 -4.12
N 3MY I 2 48.35 28.90 -5.70
N 3FG I 3 49.27 26.90 -3.74
OD1 3FG I 3 51.65 21.80 -5.57
CD1 3FG I 3 51.65 23.17 -5.41
CG1 3FG I 3 50.85 23.71 -4.39
CZ 3FG I 3 52.43 24.04 -6.21
CD2 3FG I 3 52.41 25.44 -6.00
OD2 3FG I 3 53.18 26.32 -6.77
CG2 3FG I 3 51.59 25.93 -4.96
CB 3FG I 3 50.80 25.10 -4.16
CA 3FG I 3 49.96 25.66 -3.14
C 3FG I 3 50.67 25.84 -1.95
O 3FG I 3 51.04 24.87 -1.28
N GHP I 4 50.89 27.13 -1.47
CA GHP I 4 51.63 27.37 -0.22
C GHP I 4 52.95 27.73 -0.68
O GHP I 4 53.15 28.36 -1.73
C1 GHP I 4 51.03 28.43 0.54
C2 GHP I 4 51.78 29.13 1.52
C3 GHP I 4 51.21 30.19 2.25
C4 GHP I 4 49.87 30.56 2.01
O4 GHP I 4 49.28 31.55 2.69
C5 GHP I 4 49.09 29.89 1.07
C6 GHP I 4 49.69 28.81 0.35
N GHP I 5 54.04 27.34 0.07
CA GHP I 5 55.43 27.82 -0.18
C GHP I 5 56.01 27.83 1.11
O GHP I 5 55.76 26.91 1.89
C1 GHP I 5 56.35 27.12 -1.00
C2 GHP I 5 57.11 27.91 -1.85
C3 GHP I 5 58.14 27.41 -2.65
C4 GHP I 5 58.38 26.02 -2.59
O4 GHP I 5 59.36 25.47 -3.38
C5 GHP I 5 57.64 25.19 -1.73
C6 GHP I 5 56.64 25.75 -0.92
N OMY I 6 56.92 28.76 1.60
CA OMY I 6 57.45 30.00 0.95
OCZ OMY I 6 51.91 30.94 3.20
CE2 OMY I 6 54.17 30.43 3.78
CE1 OMY I 6 53.68 31.65 1.73
CZ OMY I 6 53.25 31.01 2.91
CG OMY I 6 55.98 31.16 2.32
CD2 OMY I 6 55.54 30.50 3.48
CD1 OMY I 6 55.03 31.70 1.44
CB OMY I 6 57.34 31.20 1.92
CL OMY I 6 52.55 32.42 0.54
O OMY I 6 59.54 28.95 1.36
C OMY I 6 58.72 29.64 0.51
ODE OMY I 6 58.30 30.98 2.96
N 3FG I 7 58.96 29.86 -0.78
OD1 3FG I 7 57.25 27.65 -5.13
CD1 3FG I 7 58.16 28.62 -4.74
CG1 3FG I 7 58.68 28.48 -3.42
CZ 3FG I 7 58.53 29.68 -5.56
CD2 3FG I 7 59.43 30.64 -5.09
OD2 3FG I 7 59.80 31.67 -5.90
CG2 3FG I 7 59.94 30.55 -3.80
CB 3FG I 7 59.59 29.48 -2.92
CA 3FG I 7 60.12 29.42 -1.56
C 3FG I 7 61.29 30.13 -1.19
O 3FG I 7 62.30 29.46 -0.89
OXT 3FG I 7 61.22 31.37 -1.06
N GHP J 1 -10.36 0.82 43.36
CA GHP J 1 -9.30 1.50 42.63
C GHP J 1 -9.54 1.20 41.23
O GHP J 1 -10.68 1.03 40.78
C1 GHP J 1 -9.20 2.92 42.97
C2 GHP J 1 -9.57 3.91 42.01
C3 GHP J 1 -9.45 5.30 42.27
C4 GHP J 1 -8.96 5.71 43.53
O4 GHP J 1 -8.86 7.07 43.74
C5 GHP J 1 -8.55 4.76 44.47
C6 GHP J 1 -8.67 3.36 44.22
OBD 3MY J 2 -2.46 0.11 38.74
CZ 3MY J 2 -3.83 -0.18 38.84
CE2 3MY J 2 -4.48 -0.28 37.61
CD2 3MY J 2 -5.86 -0.47 37.59
CL 3MY J 2 -3.48 -0.15 35.98
CE1 3MY J 2 -4.51 -0.27 40.08
CD1 3MY J 2 -5.89 -0.51 40.06
CG 3MY J 2 -6.54 -0.60 38.81
CB 3MY J 2 -7.95 -0.75 38.74
CA 3MY J 2 -8.53 0.71 38.91
C 3MY J 2 -8.08 1.76 37.99
O 3MY J 2 -8.24 1.68 36.76
N 3MY J 2 -8.42 1.07 40.38
N 3FG J 3 -7.42 2.88 38.49
OD1 3FG J 3 -10.77 7.39 36.79
CD1 3FG J 3 -9.99 6.68 37.62
CG1 3FG J 3 -9.00 5.80 37.14
CZ 3FG J 3 -10.24 6.84 39.00
CD2 3FG J 3 -9.48 6.16 39.93
OD2 3FG J 3 -9.75 6.33 41.32
CG2 3FG J 3 -8.49 5.30 39.43
CB 3FG J 3 -8.23 5.07 38.08
CA 3FG J 3 -7.22 4.11 37.65
C 3FG J 3 -5.87 4.60 37.56
O 3FG J 3 -5.54 5.24 36.54
N GHP J 4 -4.96 4.40 38.61
CA GHP J 4 -3.57 4.84 38.43
C GHP J 4 -3.36 6.00 39.17
O GHP J 4 -3.69 6.10 40.34
C1 GHP J 4 -2.63 3.82 38.70
C2 GHP J 4 -1.27 4.10 39.03
C3 GHP J 4 -0.33 3.07 39.26
C4 GHP J 4 -0.76 1.73 39.16
O4 GHP J 4 0.16 0.71 39.37
C5 GHP J 4 -2.10 1.44 38.85
C6 GHP J 4 -3.00 2.51 38.63
N GHP J 5 -2.57 6.98 38.66
CA GHP J 5 -2.06 8.10 39.49
C GHP J 5 -0.76 8.53 38.95
O GHP J 5 -0.51 8.48 37.73
C1 GHP J 5 -2.82 9.29 39.75
C2 GHP J 5 -2.96 9.71 41.08
C3 GHP J 5 -3.61 10.92 41.46
C4 GHP J 5 -4.09 11.70 40.41
O4 GHP J 5 -4.70 12.83 40.81
C5 GHP J 5 -3.96 11.33 39.06
C6 GHP J 5 -3.29 10.13 38.73
N OMY J 6 0.22 9.07 39.75
CA OMY J 6 0.32 9.12 41.29
OCZ OMY J 6 1.00 3.29 39.59
CE2 OMY J 6 1.89 5.50 39.33
CE1 OMY J 6 0.74 4.89 41.38
CZ OMY J 6 1.23 4.55 40.10
CG OMY J 6 1.58 7.13 41.16
CD2 OMY J 6 2.06 6.78 39.86
CD1 OMY J 6 0.89 6.16 41.90
CB OMY J 6 1.66 8.47 41.70
CL OMY J 6 -0.05 3.81 42.38
O OMY J 6 0.49 11.48 41.09
C OMY J 6 0.05 10.43 41.82
ODE OMY J 6 2.76 9.30 41.18
N 3FG J 7 -0.79 10.63 42.86
OD1 3FG J 7 -6.07 10.61 42.56
CD1 3FG J 7 -5.10 11.08 43.44
CG1 3FG J 7 -3.80 11.27 42.86
CZ 3FG J 7 -5.38 11.37 44.79
CD2 3FG J 7 -4.35 11.88 45.61
OD2 3FG J 7 -4.57 12.16 46.95
CG2 3FG J 7 -3.06 12.04 45.08
CB 3FG J 7 -2.75 11.77 43.71
CA 3FG J 7 -1.40 11.97 43.19
C 3FG J 7 -0.61 12.83 43.98
O 3FG J 7 0.19 12.30 44.80
OXT 3FG J 7 -0.82 14.06 43.87
N GHP K 1 -12.40 -1.37 40.54
CA GHP K 1 -13.16 -0.51 39.58
C GHP K 1 -12.28 -0.08 38.46
O GHP K 1 -11.37 -0.85 38.07
C1 GHP K 1 -14.38 -1.13 39.18
C2 GHP K 1 -14.49 -1.83 37.95
C3 GHP K 1 -15.72 -2.46 37.58
C4 GHP K 1 -16.84 -2.35 38.42
O4 GHP K 1 -18.02 -2.92 37.98
C5 GHP K 1 -16.73 -1.63 39.63
C6 GHP K 1 -15.51 -1.03 40.02
OBD 3MY K 2 -15.14 6.64 35.01
CZ 3MY K 2 -14.20 5.80 35.63
CE2 3MY K 2 -13.13 5.41 34.83
CD2 3MY K 2 -12.13 4.54 35.29
CL 3MY K 2 -13.12 6.10 33.16
CE1 3MY K 2 -14.29 5.31 36.96
CD1 3MY K 2 -13.29 4.45 37.45
CG 3MY K 2 -12.22 4.07 36.63
CB 3MY K 2 -11.22 3.20 37.10
CA 3MY K 2 -11.58 1.72 36.77
C 3MY K 2 -11.98 1.36 35.40
O 3MY K 2 -11.16 1.30 34.51
N 3MY K 2 -12.51 1.20 37.88
N 3FG K 3 -13.31 1.01 35.01
OD1 3FG K 3 -13.24 -4.43 32.66
CD1 3FG K 3 -13.78 -3.43 33.43
CG1 3FG K 3 -13.49 -2.07 33.19
CZ 3FG K 3 -14.62 -3.78 34.52
CD2 3FG K 3 -15.16 -2.76 35.32
OD2 3FG K 3 -15.96 -3.12 36.37
CG2 3FG K 3 -14.89 -1.40 35.01
CB 3FG K 3 -14.02 -1.02 33.94
CA 3FG K 3 -13.70 0.43 33.67
C 3FG K 3 -14.84 1.12 33.07
O 3FG K 3 -14.94 1.13 31.87
N GHP K 4 -15.89 1.68 33.86
CA GHP K 4 -17.03 2.38 33.30
C GHP K 4 -18.21 1.56 33.47
O GHP K 4 -18.55 1.08 34.56
C1 GHP K 4 -17.20 3.72 33.78
C2 GHP K 4 -18.45 4.32 33.85
C3 GHP K 4 -18.63 5.64 34.29
C4 GHP K 4 -17.49 6.35 34.69
O4 GHP K 4 -17.61 7.70 34.92
C5 GHP K 4 -16.21 5.81 34.58
C6 GHP K 4 -16.07 4.48 34.16
N GHP K 5 -19.00 1.47 32.37
CA GHP K 5 -20.38 0.89 32.43
C GHP K 5 -21.22 1.73 31.57
O GHP K 5 -20.77 2.22 30.53
C1 GHP K 5 -20.66 -0.44 31.97
C2 GHP K 5 -21.36 -1.29 32.86
C3 GHP K 5 -21.81 -2.59 32.47
C4 GHP K 5 -21.49 -3.04 31.16
O4 GHP K 5 -21.90 -4.32 30.86
C5 GHP K 5 -20.77 -2.22 30.25
C6 GHP K 5 -20.36 -0.92 30.64
N OMY K 6 -22.61 1.90 31.78
CA OMY K 6 -23.44 1.47 33.00
OCZ OMY K 6 -19.90 6.30 34.44
CE2 OMY K 6 -21.72 5.54 32.91
CE1 OMY K 6 -21.39 4.55 35.12
CZ OMY K 6 -21.01 5.49 34.13
CG OMY K 6 -23.19 3.74 33.72
CD2 OMY K 6 -22.81 4.68 32.72
CD1 OMY K 6 -22.45 3.67 34.91
CB OMY K 6 -24.22 2.74 33.50
CL OMY K 6 -20.52 4.51 36.63
O OMY K 6 -24.51 0.04 31.35
C OMY K 6 -24.13 0.25 32.65
ODE OMY K 6 -25.16 3.12 32.47
N 3FG K 7 -24.16 -0.78 33.49
OD1 3FG K 7 -20.52 -4.52 33.80
CD1 3FG K 7 -21.87 -4.40 34.12
CG1 3FG K 7 -22.55 -3.38 33.44
CZ 3FG K 7 -22.53 -5.20 35.08
CD2 3FG K 7 -23.86 -5.00 35.38
OD2 3FG K 7 -24.43 -5.84 36.34
CG2 3FG K 7 -24.58 -3.98 34.72
CB 3FG K 7 -23.95 -3.16 33.76
CA 3FG K 7 -24.70 -2.13 33.08
C 3FG K 7 -26.16 -2.22 33.17
O 3FG K 7 -26.77 -1.49 34.00
OXT 3FG K 7 -26.73 -3.04 32.37
N GHP L 1 25.44 -50.75 10.06
CA GHP L 1 25.73 -49.46 9.42
C GHP L 1 25.01 -49.33 8.18
O GHP L 1 23.89 -49.89 7.97
C1 GHP L 1 25.43 -48.28 10.15
C2 GHP L 1 26.31 -47.17 10.10
C3 GHP L 1 25.98 -45.94 10.75
C4 GHP L 1 24.75 -45.84 11.47
O4 GHP L 1 24.53 -44.61 12.10
C5 GHP L 1 23.86 -46.94 11.52
C6 GHP L 1 24.19 -48.15 10.85
OBD 3MY L 2 30.23 -49.29 2.21
CZ 3MY L 2 29.02 -49.39 2.94
CE2 3MY L 2 27.82 -49.22 2.22
CD2 3MY L 2 26.58 -49.23 2.84
CL 3MY L 2 27.83 -48.96 0.44
CE1 3MY L 2 28.97 -49.57 4.34
CD1 3MY L 2 27.70 -49.63 4.97
CG 3MY L 2 26.48 -49.41 4.22
CB 3MY L 2 25.16 -49.40 4.80
CA 3MY L 2 24.99 -48.22 5.81
C 3MY L 2 25.26 -46.83 5.41
O 3MY L 2 24.46 -46.19 4.73
N 3MY L 2 25.66 -48.54 7.16
N 3FG L 3 26.39 -46.08 5.89
OD1 3FG L 3 29.81 -41.96 8.35
CD1 3FG L 3 28.78 -42.84 8.37
CG1 3FG L 3 28.25 -43.23 7.13
CZ 3FG L 3 28.30 -43.36 9.58
CD2 3FG L 3 27.23 -44.28 9.54
OD2 3FG L 3 26.77 -44.78 10.75
CG2 3FG L 3 26.69 -44.63 8.28
CB 3FG L 3 27.18 -44.13 7.05
CA 3FG L 3 26.57 -44.59 5.79
C 3FG L 3 27.26 -44.22 4.59
O 3FG L 3 26.77 -43.35 3.84
N GHP L 4 28.54 -44.81 4.28
CA GHP L 4 29.24 -44.45 3.00
C GHP L 4 29.87 -43.18 3.12
O GHP L 4 30.53 -42.87 4.09
C1 GHP L 4 30.16 -45.48 2.48
C2 GHP L 4 31.40 -45.24 1.84
C3 GHP L 4 32.22 -46.31 1.37
C4 GHP L 4 31.75 -47.62 1.49
O4 GHP L 4 32.51 -48.68 1.01
C5 GHP L 4 30.58 -47.93 2.13
C6 GHP L 4 29.79 -46.84 2.58
N GHP L 5 29.89 -42.35 1.97
CA GHP L 5 30.79 -41.22 1.86
C GHP L 5 31.13 -41.03 0.46
O GHP L 5 30.36 -41.35 -0.47
C1 GHP L 5 30.45 -39.92 2.35
C2 GHP L 5 31.39 -39.28 3.18
C3 GHP L 5 31.19 -37.95 3.64
C4 GHP L 5 29.98 -37.35 3.28
O4 GHP L 5 29.82 -36.12 3.77
C5 GHP L 5 29.04 -37.99 2.45
C6 GHP L 5 29.25 -39.30 1.95
N OMY L 6 32.35 -40.48 0.08
CA OMY L 6 33.55 -40.13 0.86
OCZ OMY L 6 33.44 -46.17 0.71
CE2 OMY L 6 33.47 -44.22 -0.72
CE1 OMY L 6 34.38 -44.13 1.48
CZ OMY L 6 33.78 -44.84 0.46
CG OMY L 6 34.45 -42.14 0.15
CD2 OMY L 6 33.79 -42.87 -0.87
CD1 OMY L 6 34.71 -42.78 1.36
CB OMY L 6 34.70 -40.73 0.04
CL OMY L 6 34.67 -44.99 2.98
O OMY L 6 32.85 -37.98 0.21
C OMY L 6 33.54 -38.74 1.08
ODE OMY L 6 34.36 -40.19 -1.25
N 3FG L 7 33.99 -38.23 2.20
OD1 3FG L 7 30.79 -37.81 6.27
CD1 3FG L 7 31.99 -37.30 5.87
CG1 3FG L 7 32.20 -37.34 4.48
CZ 3FG L 7 32.97 -36.80 6.76
CD2 3FG L 7 34.16 -36.35 6.26
OD2 3FG L 7 35.07 -35.84 7.10
CG2 3FG L 7 34.42 -36.38 4.89
CB 3FG L 7 33.46 -36.87 3.98
CA 3FG L 7 33.75 -36.84 2.57
C 3FG L 7 34.78 -35.91 2.19
O 3FG L 7 34.50 -34.68 2.33
OXT 3FG L 7 35.85 -36.36 1.72
PA FAD M . -5.44 -1.09 -5.72
O1A FAD M . -6.62 -1.88 -5.20
O2A FAD M . -4.82 -1.42 -7.00
O5B FAD M . -5.76 0.45 -5.68
C5B FAD M . -6.31 1.14 -4.51
C4B FAD M . -6.95 2.43 -4.92
O4B FAD M . -6.04 3.36 -5.52
C3B FAD M . -8.12 2.32 -5.92
O3B FAD M . -9.11 3.36 -5.79
C2B FAD M . -7.34 2.44 -7.20
O2B FAD M . -8.19 2.77 -8.25
C1B FAD M . -6.32 3.47 -6.88
N9A FAD M . -5.16 3.33 -7.74
C8A FAD M . -4.36 2.27 -7.94
N7A FAD M . -3.32 2.56 -8.74
C5A FAD M . -3.41 3.85 -9.04
C6A FAD M . -2.67 4.79 -9.91
N6A FAD M . -1.60 4.32 -10.57
N1A FAD M . -3.09 6.08 -9.95
C2A FAD M . -4.20 6.49 -9.28
N3A FAD M . -4.97 5.69 -8.49
C4A FAD M . -4.62 4.37 -8.41
N1 FAD M . -0.87 -0.12 4.07
C2 FAD M . 0.14 0.40 4.84
O2 FAD M . 0.35 1.64 4.80
N3 FAD M . 0.95 -0.36 5.60
C4 FAD M . 0.89 -1.71 5.56
O4 FAD M . 1.68 -2.41 6.25
C4X FAD M . -0.14 -2.35 4.74
N5 FAD M . -0.27 -3.72 4.65
C5X FAD M . -1.16 -4.32 3.81
C6 FAD M . -1.17 -5.73 3.72
C7 FAD M . -2.20 -6.27 2.90
C7M FAD M . -2.31 -7.81 2.80
C8 FAD M . -3.16 -5.42 2.09
C8M FAD M . -4.05 -6.02 1.03
C9 FAD M . -3.04 -4.02 2.18
C9A FAD M . -2.12 -3.45 3.02
N10 FAD M . -1.97 -2.05 3.16
C10 FAD M . -1.00 -1.47 3.96
C1' FAD M . -2.90 -1.11 2.44
C2' FAD M . -2.35 -0.62 1.15
O2' FAD M . -1.46 0.42 1.48
C3' FAD M . -3.53 -0.05 0.46
O3' FAD M . -4.46 -1.13 0.33
C4' FAD M . -3.13 0.50 -0.94
O4' FAD M . -4.13 1.44 -1.33
C5' FAD M . -3.10 -0.64 -1.91
O5' FAD M . -2.60 -0.20 -3.20
P FAD M . -2.75 -1.13 -4.44
O1P FAD M . -2.10 -0.54 -5.59
O2P FAD M . -2.33 -2.55 -4.16
O3P FAD M . -4.34 -1.22 -4.51
C1 CIT N . -18.89 7.64 -14.80
O1 CIT N . -18.15 7.96 -13.80
O2 CIT N . -20.07 7.24 -14.74
C2 CIT N . -18.30 7.78 -16.18
C3 CIT N . -18.57 9.15 -16.79
O7 CIT N . -17.66 9.28 -17.92
C4 CIT N . -20.06 9.28 -17.26
C5 CIT N . -20.41 10.68 -17.75
O3 CIT N . -19.49 11.48 -18.04
O4 CIT N . -21.61 10.99 -17.84
C6 CIT N . -18.26 10.22 -15.72
O5 CIT N . -17.14 10.77 -15.73
O6 CIT N . -19.14 10.51 -14.86
PA FAD O . 21.91 -21.42 -11.63
O1A FAD O . 22.27 -22.26 -10.44
O2A FAD O . 21.99 -19.93 -11.53
O5B FAD O . 22.88 -21.85 -12.88
C5B FAD O . 23.07 -23.22 -13.41
C4B FAD O . 24.33 -23.40 -14.16
O4B FAD O . 24.22 -22.53 -15.34
C3B FAD O . 25.57 -22.98 -13.44
O3B FAD O . 26.76 -23.62 -14.01
C2B FAD O . 25.63 -21.54 -13.73
O2B FAD O . 26.92 -20.96 -13.59
C1B FAD O . 25.19 -21.48 -15.19
N9A FAD O . 24.62 -20.24 -15.58
C8A FAD O . 23.64 -19.54 -14.91
N7A FAD O . 23.30 -18.42 -15.58
C5A FAD O . 24.08 -18.43 -16.69
C6A FAD O . 24.25 -17.45 -17.76
N6A FAD O . 23.52 -16.31 -17.77
N1A FAD O . 25.16 -17.75 -18.68
C2A FAD O . 25.89 -18.88 -18.67
N3A FAD O . 25.80 -19.77 -17.67
C4A FAD O . 24.91 -19.59 -16.68
N1 FAD O . 14.36 -28.20 -15.34
C2 FAD O . 13.48 -28.52 -16.33
O2 FAD O . 13.88 -28.60 -17.53
N3 FAD O . 12.16 -28.65 -16.05
C4 FAD O . 11.61 -28.53 -14.81
O4 FAD O . 10.40 -28.64 -14.57
C4X FAD O . 12.53 -28.20 -13.71
N5 FAD O . 12.11 -27.99 -12.44
C5X FAD O . 12.91 -27.57 -11.44
C6 FAD O . 12.37 -27.34 -10.15
C7 FAD O . 13.31 -26.97 -9.13
C7M FAD O . 12.81 -26.74 -7.70
C8 FAD O . 14.78 -26.73 -9.41
C8M FAD O . 15.73 -26.13 -8.35
C9 FAD O . 15.21 -26.99 -10.71
C9A FAD O . 14.35 -27.40 -11.73
N10 FAD O . 14.79 -27.67 -13.02
C10 FAD O . 13.93 -28.02 -14.06
C1' FAD O . 16.21 -27.57 -13.33
C2' FAD O . 16.63 -26.29 -13.88
O2' FAD O . 16.21 -26.36 -15.24
C3' FAD O . 18.13 -26.27 -13.79
O3' FAD O . 18.52 -26.32 -12.41
C4' FAD O . 18.64 -24.95 -14.42
O4' FAD O . 19.94 -25.14 -14.92
C5' FAD O . 18.67 -23.91 -13.32
O5' FAD O . 18.97 -22.67 -13.88
P FAD O . 19.25 -21.43 -12.90
O1P FAD O . 19.58 -20.24 -13.62
O2P FAD O . 18.13 -21.32 -11.91
O3P FAD O . 20.50 -22.05 -12.06
CAD T55 P . 13.81 -34.51 3.40
CAE T55 P . 13.19 -33.15 3.53
CAG T55 P . 12.41 -32.77 2.27
CAH T55 P . 13.21 -33.00 0.95
CAI T55 P . 12.46 -32.46 -0.26
CAJ T55 P . 13.37 -32.56 -1.47
CAK T55 P . 12.57 -32.20 -2.71
CAL T55 P . 13.48 -32.16 -3.95
CAF T55 P . 12.32 -33.31 4.76
C T55 P . 12.59 -31.86 -5.14
O T55 P . 11.46 -31.35 -4.94
C1 CIT Q . 40.29 -20.36 -12.62
O1 CIT Q . 40.99 -20.94 -11.75
O2 CIT Q . 39.39 -20.88 -13.32
C2 CIT Q . 40.61 -18.93 -12.92
C3 CIT Q . 41.71 -18.86 -14.01
O7 CIT Q . 41.63 -17.48 -14.48
C4 CIT Q . 43.08 -19.30 -13.37
C5 CIT Q . 44.37 -18.90 -14.06
O3 CIT Q . 44.50 -17.73 -14.50
O4 CIT Q . 45.27 -19.79 -14.12
C6 CIT Q . 41.32 -19.79 -15.18
O5 CIT Q . 41.56 -21.03 -15.15
O6 CIT Q . 40.70 -19.31 -16.15
PA FAD R . 49.03 26.79 16.95
O1A FAD R . 49.62 28.13 16.89
O2A FAD R . 49.87 25.60 17.41
O5B FAD R . 47.67 26.80 17.82
C5B FAD R . 46.64 27.82 17.58
C4B FAD R . 45.75 28.00 18.80
O4B FAD R . 45.10 26.74 19.08
C3B FAD R . 46.51 28.40 20.02
O3B FAD R . 45.63 29.04 21.01
C2B FAD R . 46.89 27.09 20.58
O2B FAD R . 47.16 27.14 21.98
C1B FAD R . 45.64 26.24 20.32
N9A FAD R . 45.94 24.79 20.28
C8A FAD R . 46.93 24.17 19.57
N7A FAD R . 46.95 22.86 19.75
C5A FAD R . 45.92 22.63 20.56
C6A FAD R . 45.36 21.44 21.11
N6A FAD R . 46.02 20.27 20.82
N1A FAD R . 44.31 21.56 21.96
C2A FAD R . 43.75 22.74 22.22
N3A FAD R . 44.21 23.90 21.72
C4A FAD R . 45.29 23.88 20.92
N1 FAD R . 43.21 27.85 7.95
C2 FAD R . 42.25 27.36 7.11
O2 FAD R . 41.14 27.01 7.55
N3 FAD R . 42.50 27.16 5.78
C4 FAD R . 43.68 27.46 5.19
O4 FAD R . 43.91 27.28 3.94
C4X FAD R . 44.73 27.97 6.03
N5 FAD R . 45.96 28.30 5.53
C5X FAD R . 47.00 28.71 6.30
C6 FAD R . 48.27 28.94 5.73
C7 FAD R . 49.29 29.43 6.62
C7M FAD R . 50.68 29.71 6.08
C8 FAD R . 49.07 29.64 8.10
C8M FAD R . 50.24 29.91 9.10
C9 FAD R . 47.81 29.37 8.58
C9A FAD R . 46.75 28.88 7.80
N10 FAD R . 45.45 28.65 8.30
C10 FAD R . 44.40 28.19 7.48
C1' FAD R . 45.08 28.88 9.72
C2' FAD R . 45.15 27.76 10.63
O2' FAD R . 43.99 26.99 10.44
C3' FAD R . 45.21 28.32 12.06
O3' FAD R . 46.31 29.21 12.22
C4' FAD R . 45.24 27.16 13.02
O4' FAD R . 44.61 27.53 14.25
C5' FAD R . 46.68 26.74 13.17
O5' FAD R . 46.71 25.59 14.02
P FAD R . 48.16 25.17 14.62
O1P FAD R . 48.04 23.94 15.38
O2P FAD R . 49.21 25.23 13.60
O3P FAD R . 48.47 26.58 15.42
C1 CIT S . 47.11 31.95 34.41
O1 CIT S . 47.42 33.11 34.81
O2 CIT S . 46.36 31.71 33.43
C2 CIT S . 47.63 30.76 35.20
C3 CIT S . 46.70 30.44 36.39
O7 CIT S . 47.06 29.07 36.74
C4 CIT S . 46.94 31.48 37.50
C5 CIT S . 46.19 31.33 38.82
O3 CIT S . 46.45 32.16 39.72
O4 CIT S . 45.35 30.41 38.96
C6 CIT S . 45.24 30.44 35.95
O5 CIT S . 44.64 31.54 35.85
O6 CIT S . 44.66 29.37 35.69
PA FAD T . -50.90 6.04 6.88
O1A FAD T . -50.98 5.49 8.26
O2A FAD T . -50.63 7.50 6.61
O5B FAD T . -50.05 5.22 5.78
C5B FAD T . -50.02 3.77 5.70
C4B FAD T . -48.76 3.23 5.08
O4B FAD T . -48.55 3.83 3.81
C3B FAD T . -47.54 3.59 5.95
O3B FAD T . -46.45 2.68 5.71
C2B FAD T . -47.10 4.90 5.36
O2B FAD T . -45.74 5.23 5.62
C1B FAD T . -47.36 4.69 3.90
N9A FAD T . -47.60 5.92 3.20
C8A FAD T . -48.45 6.93 3.59
N7A FAD T . -48.49 7.87 2.66
C5A FAD T . -47.61 7.51 1.70
C6A FAD T . -47.16 8.09 0.47
N6A FAD T . -47.65 9.29 0.13
N1A FAD T . -46.23 7.44 -0.29
C2A FAD T . -45.78 6.22 0.08
N3A FAD T . -46.14 5.62 1.23
C4A FAD T . -47.07 6.21 2.03
N1 FAD T . -59.26 0.18 3.50
C2 FAD T . -60.05 -0.24 2.45
O2 FAD T . -59.54 -0.64 1.39
N3 FAD T . -61.38 -0.05 2.52
C4 FAD T . -61.99 0.44 3.60
O4 FAD T . -63.22 0.58 3.62
C4X FAD T . -61.20 0.93 4.75
N5 FAD T . -61.75 1.47 5.86
C5X FAD T . -61.01 1.88 6.89
C6 FAD T . -61.65 2.46 7.99
C7 FAD T . -60.80 2.89 9.05
C7M FAD T . -61.48 3.50 10.27
C8 FAD T . -59.30 2.75 9.01
C8M FAD T . -58.33 3.37 10.09
C9 FAD T . -58.73 2.21 7.88
C9A FAD T . -59.51 1.73 6.83
N10 FAD T . -58.95 1.14 5.70
C10 FAD T . -59.77 0.72 4.64
C1' FAD T . -57.50 0.89 5.51
C2' FAD T . -56.77 1.87 4.70
O2' FAD T . -56.97 1.62 3.32
C3' FAD T . -55.31 1.65 5.13
O3' FAD T . -55.22 1.82 6.52
C4' FAD T . -54.46 2.69 4.46
O4' FAD T . -53.17 2.18 4.01
C5' FAD T . -54.39 3.94 5.32
O5' FAD T . -53.80 4.97 4.46
P FAD T . -53.40 6.32 5.25
O1P FAD T . -52.83 7.20 4.25
O2P FAD T . -54.52 6.84 6.10
O3P FAD T . -52.45 5.64 6.37
C1 CIT U . -32.91 3.66 8.43
O1 CIT U . -32.40 3.15 9.45
O2 CIT U . -33.89 3.14 7.83
C2 CIT U . -32.31 4.94 7.89
C3 CIT U . -31.07 4.73 7.01
O7 CIT U . -30.89 6.02 6.38
C4 CIT U . -29.85 4.33 7.89
C5 CIT U . -28.49 4.14 7.17
O3 CIT U . -27.74 3.21 7.56
O4 CIT U . -28.11 4.91 6.26
C6 CIT U . -31.37 3.66 5.95
O5 CIT U . -31.42 2.47 6.37
O6 CIT U . -31.54 3.98 4.73
C1 MAN V . 23.07 -28.97 -46.43
C2 MAN V . 23.28 -27.67 -45.51
C3 MAN V . 21.97 -26.99 -44.95
C4 MAN V . 20.88 -26.93 -46.03
C5 MAN V . 20.44 -28.41 -46.26
C6 MAN V . 19.06 -28.52 -46.98
O2 MAN V . 24.05 -26.71 -46.22
O3 MAN V . 22.24 -25.66 -44.43
O4 MAN V . 19.80 -26.07 -45.59
O5 MAN V . 21.60 -29.19 -46.86
O6 MAN V . 19.25 -27.99 -48.30
C1 NAG W . 23.11 -37.92 -40.20
C2 NAG W . 22.85 -39.07 -39.20
C3 NAG W . 22.35 -40.33 -39.99
C4 NAG W . 21.33 -40.03 -41.16
C5 NAG W . 21.64 -38.71 -41.90
C6 NAG W . 20.57 -38.44 -42.96
C7 NAG W . 24.51 -38.77 -37.28
C8 NAG W . 23.56 -37.80 -36.50
N2 NAG W . 24.13 -39.33 -38.47
O3 NAG W . 21.74 -41.26 -39.13
O4 NAG W . 21.41 -41.12 -42.14
O5 NAG W . 21.83 -37.63 -40.90
O6 NAG W . 21.23 -38.69 -44.23
O7 NAG W . 25.60 -39.03 -36.77
C1 MAN X . 28.14 50.37 -10.29
C2 MAN X . 26.93 51.31 -9.89
C3 MAN X . 27.16 52.75 -10.40
C4 MAN X . 28.57 53.30 -9.87
C5 MAN X . 29.76 52.34 -10.31
C6 MAN X . 31.13 53.02 -10.05
O2 MAN X . 26.75 51.35 -8.42
O3 MAN X . 26.05 53.58 -9.93
O4 MAN X . 28.87 54.66 -10.32
O5 MAN X . 29.49 50.93 -9.78
O6 MAN X . 31.76 52.26 -9.02
C1 NAG Y . 28.20 46.39 -21.32
C2 NAG Y . 28.22 46.98 -22.79
C3 NAG Y . 28.85 45.90 -23.76
C4 NAG Y . 30.27 45.60 -23.22
C5 NAG Y . 30.07 44.80 -21.95
C6 NAG Y . 31.30 43.89 -21.84
C7 NAG Y . 26.33 48.69 -23.09
C8 NAG Y . 27.20 49.84 -22.52
N2 NAG Y . 26.85 47.41 -23.21
O3 NAG Y . 28.95 46.33 -25.11
O4 NAG Y . 31.11 44.88 -24.15
O5 NAG Y . 29.58 45.83 -20.95
O6 NAG Y . 31.09 43.12 -20.67
O7 NAG Y . 25.18 48.94 -23.46
CAD T55 Z . -11.36 -16.12 8.88
CAE T55 Z . -10.49 -16.55 7.73
CAG T55 Z . -9.12 -15.88 7.79
CAH T55 Z . -9.28 -14.37 7.57
CAI T55 Z . -7.98 -13.63 7.84
CAJ T55 Z . -8.13 -12.14 7.59
CAK T55 Z . -6.75 -11.54 7.41
CAL T55 Z . -6.80 -10.08 6.93
CAF T55 Z . -10.34 -18.06 7.79
C T55 Z . -5.36 -9.54 6.91
O T55 Z . -4.37 -10.25 7.19
C1 MAN AA . 5.85 -19.28 7.11
C2 MAN AA . 6.70 -17.99 7.30
C3 MAN AA . 7.73 -17.79 6.19
C4 MAN AA . 8.58 -19.04 6.10
C5 MAN AA . 7.70 -20.14 5.53
C6 MAN AA . 8.55 -21.40 5.26
O2 MAN AA . 7.36 -18.03 8.58
O3 MAN AA . 8.57 -16.66 6.49
O4 MAN AA . 9.70 -18.78 5.24
O5 MAN AA . 6.56 -20.39 6.42
O6 MAN AA . 8.36 -22.24 6.40
C1 NAG BA . -4.42 -16.91 2.47
C2 NAG BA . -4.48 -17.02 0.95
C3 NAG BA . -5.87 -17.48 0.52
C4 NAG BA . -6.29 -18.77 1.21
C5 NAG BA . -6.03 -18.70 2.71
C6 NAG BA . -6.32 -20.06 3.30
C7 NAG BA . -3.55 -15.41 -0.73
C8 NAG BA . -2.99 -16.57 -1.60
N2 NAG BA . -4.21 -15.67 0.42
O3 NAG BA . -5.86 -17.71 -0.89
O4 NAG BA . -7.70 -18.95 0.99
O5 NAG BA . -4.65 -18.26 3.00
O6 NAG BA . -6.52 -19.75 4.69
O7 NAG BA . -3.34 -14.25 -1.07
C1 N1L CA . -2.93 -7.30 6.64
C2 N1L CA . -4.44 -7.25 7.23
C3 N1L CA . -5.12 -5.89 7.00
C4 N1L CA . -4.22 -4.84 7.61
C5 N1L CA . -2.89 -4.77 6.81
C6 N1L CA . -1.96 -3.63 7.28
N2 N1L CA . -5.32 -8.29 6.68
O3 N1L CA . -6.46 -5.82 7.69
O4 N1L CA . -4.91 -3.47 7.65
O5 N1L CA . -2.16 -6.05 7.02
O6B N1L CA . -1.07 -3.97 8.34
O6A N1L CA . -2.67 -2.59 7.81
C1 MAN DA . -0.04 -25.12 -1.12
C2 MAN DA . -0.24 -25.00 -2.64
C3 MAN DA . -0.44 -23.57 -3.06
C4 MAN DA . -1.62 -22.99 -2.32
C5 MAN DA . -1.38 -23.10 -0.81
C6 MAN DA . -2.56 -22.48 -0.09
O2 MAN DA . -1.38 -25.81 -3.03
O3 MAN DA . -0.71 -23.50 -4.45
O4 MAN DA . -1.74 -21.64 -2.72
O5 MAN DA . -1.16 -24.49 -0.46
O6 MAN DA . -2.60 -23.11 1.21
C1 NAG EA . 10.81 -25.57 0.75
C2 NAG EA . 11.62 -24.29 0.66
C3 NAG EA . 12.53 -24.13 1.86
C4 NAG EA . 11.86 -24.42 3.18
C5 NAG EA . 11.16 -25.77 3.12
C6 NAG EA . 10.51 -26.01 4.47
C7 NAG EA . 12.37 -23.45 -1.66
C8 NAG EA . 11.58 -22.17 -1.45
N2 NAG EA . 12.37 -24.36 -0.65
O3 NAG EA . 12.96 -22.76 1.90
O4 NAG EA . 12.86 -24.46 4.21
O5 NAG EA . 10.20 -25.74 2.05
O6 NAG EA . 9.26 -26.66 4.20
O7 NAG EA . 12.95 -23.60 -2.75
C1 N1L FA . 11.74 -30.40 -8.20
C2 N1L FA . 12.56 -31.62 -7.62
C3 N1L FA . 13.75 -31.98 -8.53
C4 N1L FA . 13.22 -32.32 -9.91
C5 N1L FA . 12.59 -31.04 -10.52
C6 N1L FA . 12.16 -31.20 -11.99
N2 N1L FA . 13.09 -31.42 -6.25
O3 N1L FA . 14.52 -33.14 -8.02
O4 N1L FA . 14.42 -32.71 -10.65
O5 N1L FA . 11.44 -30.62 -9.70
O6B N1L FA . 10.97 -31.93 -12.12
O6A N1L FA . 13.02 -32.04 -12.68
CAD T55 GA . 56.54 41.69 3.00
CAE T55 GA . 57.40 40.46 2.96
CAG T55 GA . 56.55 39.29 2.50
CAH T55 GA . 55.41 39.01 3.48
CAI T55 GA . 54.72 37.75 3.11
CAJ T55 GA . 53.61 37.44 4.11
CAK T55 GA . 52.98 36.17 3.56
CAL T55 GA . 51.76 35.71 4.32
CAF T55 GA . 58.49 40.74 1.97
C T55 GA . 51.40 34.31 3.78
O T55 GA . 51.94 33.81 2.79
C1 MAN HA . 57.47 26.64 -6.23
C2 MAN HA . 56.27 25.65 -6.17
C3 MAN HA . 56.70 24.30 -5.62
C4 MAN HA . 57.66 23.63 -6.57
C5 MAN HA . 58.84 24.55 -6.96
C6 MAN HA . 58.88 24.68 -8.48
O2 MAN HA . 55.68 25.50 -7.46
O3 MAN HA . 55.55 23.46 -5.45
O4 MAN HA . 58.18 22.43 -5.96
O5 MAN HA . 58.76 25.91 -6.28
O6 MAN HA . 60.12 25.32 -8.70
C1 NAG IA . 58.95 32.16 3.46
C2 NAG IA . 59.70 31.69 4.67
C3 NAG IA . 60.34 32.91 5.37
C4 NAG IA . 61.17 33.77 4.42
C5 NAG IA . 60.39 34.06 3.15
C6 NAG IA . 61.31 34.79 2.19
C7 NAG IA . 58.92 29.90 6.26
C8 NAG IA . 60.33 29.30 6.30
N2 NAG IA . 58.70 31.01 5.53
O3 NAG IA . 61.19 32.50 6.43
O4 NAG IA . 61.50 35.00 5.10
O5 NAG IA . 59.88 32.82 2.55
O6 NAG IA . 60.41 35.50 1.35
O7 NAG IA . 58.01 29.41 6.94
C1 N1L JA . 48.52 31.89 3.75
C2 N1L JA . 49.18 33.28 4.27
C3 N1L JA . 48.53 33.74 5.64
C4 N1L JA . 47.09 33.53 5.61
C5 N1L JA . 46.68 32.06 5.26
C6 N1L JA . 45.19 31.70 5.48
N2 N1L JA . 50.44 33.63 4.43
O3 N1L JA . 48.65 35.28 5.85
O4 N1L JA . 46.78 33.94 6.99
O5 N1L JA . 47.00 31.77 3.87
O6B N1L JA . 44.51 31.31 4.25
O6A N1L JA . 44.52 32.82 6.11
CAD T55 KA . -8.39 -5.11 35.37
CAE T55 KA . -8.91 -4.26 36.46
CAG T55 KA . -7.64 -3.52 36.82
CAH T55 KA . -6.52 -4.34 37.54
CAI T55 KA . -5.31 -3.56 37.98
CAJ T55 KA . -4.12 -4.31 38.61
CAK T55 KA . -3.09 -3.27 38.99
CAL T55 KA . -1.84 -3.59 39.80
CAF T55 KA . -10.18 -3.68 35.76
C T55 KA . -1.13 -2.29 40.21
O T55 KA . -1.69 -1.23 40.21
C1 MAN LA . -7.50 10.48 42.90
C2 MAN LA . -8.21 9.70 41.76
C3 MAN LA . -8.24 10.61 40.50
C4 MAN LA . -8.97 11.97 40.83
C5 MAN LA . -8.20 12.75 41.95
C6 MAN LA . -8.86 14.10 42.25
O2 MAN LA . -9.56 9.29 42.07
O3 MAN LA . -8.90 9.96 39.40
O4 MAN LA . -8.98 12.71 39.62
O5 MAN LA . -8.04 11.88 43.15
O6 MAN LA . -8.85 14.20 43.70
C1 NAG MA . 3.99 8.77 41.84
C2 NAG MA . 5.22 9.34 41.12
C3 NAG MA . 6.49 9.27 41.94
C4 NAG MA . 6.27 9.70 43.43
C5 NAG MA . 4.99 9.03 44.03
C6 NAG MA . 4.72 9.60 45.43
C7 NAG MA . 5.26 9.26 38.55
C8 NAG MA . 4.81 10.68 38.47
N2 NAG MA . 5.43 8.68 39.78
O3 NAG MA . 7.42 10.21 41.33
O4 NAG MA . 7.37 9.32 44.28
O5 NAG MA . 3.82 9.27 43.20
O6 NAG MA . 3.62 8.76 45.85
O7 NAG MA . 5.38 8.63 37.50
C1 N1L NA . 0.66 0.41 40.61
C2 N1L NA . 0.91 -1.17 40.82
C3 N1L NA . 1.69 -1.39 42.17
C4 N1L NA . 2.94 -0.47 42.25
C5 N1L NA . 2.49 1.01 42.19
C6 N1L NA . 3.67 2.00 42.38
N2 N1L NA . 0.12 -2.22 40.62
O3 N1L NA . 2.12 -2.77 42.09
O4 N1L NA . 3.61 -0.72 43.48
O5 N1L NA . 1.96 1.12 40.78
O6B N1L NA . 3.24 3.33 42.46
O6A N1L NA . 4.47 1.99 41.17
CAD T55 OA . -26.74 3.94 39.74
CAE T55 OA . -27.49 5.11 39.10
CAG T55 OA . -26.72 5.55 37.85
CAH T55 OA . -25.55 6.52 38.16
CAI T55 OA . -24.68 6.78 36.91
CAJ T55 OA . -23.68 7.88 37.20
CAK T55 OA . -22.91 8.18 35.92
CAL T55 OA . -21.75 9.14 36.18
CAF T55 OA . -28.96 4.73 38.83
C T55 OA . -20.89 9.46 34.95
O T55 OA . -21.18 9.23 33.76
C1 MAN PA . -19.80 -5.63 34.34
C2 MAN PA . -18.35 -5.40 33.90
C3 MAN PA . -18.20 -5.60 32.40
C4 MAN PA . -18.74 -7.01 32.02
C5 MAN PA . -20.25 -7.19 32.40
C6 MAN PA . -20.80 -8.58 31.94
O2 MAN PA . -17.53 -6.30 34.54
O3 MAN PA . -16.76 -5.44 32.00
O4 MAN PA . -18.60 -7.05 30.67
O5 MAN PA . -20.40 -6.94 33.83
O6 MAN PA . -20.41 -9.61 32.89
C1 NAG QA . -26.29 3.78 33.06
C2 NAG QA . -27.07 4.58 32.00
C3 NAG QA . -28.27 5.20 32.68
C4 NAG QA . -29.13 3.99 33.16
C5 NAG QA . -28.28 3.17 34.20
C6 NAG QA . -29.04 2.00 34.80
C7 NAG QA . -26.07 5.59 29.96
C8 NAG QA . -26.80 4.51 29.11
N2 NAG QA . -26.24 5.59 31.31
O3 NAG QA . -29.01 6.10 31.80
O4 NAG QA . -30.33 4.45 33.75
O5 NAG QA . -27.07 2.65 33.57
O6 NAG QA . -28.54 2.02 36.15
O7 NAG QA . -25.38 6.44 29.38
C1 N1L RA . -17.96 8.60 33.86
C2 N1L RA . -18.61 9.91 34.52
C3 N1L RA . -18.70 11.08 33.43
C4 N1L RA . -17.40 11.23 32.62
C5 N1L RA . -16.98 9.82 32.06
C6 N1L RA . -15.79 9.95 31.07
N2 N1L RA . -19.71 9.98 35.27
O3 N1L RA . -18.98 12.25 34.22
O4 N1L RA . -17.74 12.17 31.54
O5 N1L RA . -16.69 8.87 33.18
O6B N1L RA . -15.52 8.62 30.56
O6A N1L RA . -14.68 10.60 31.72
C1 CIT SA . -16.06 1.94 37.54
O1 CIT SA . -15.23 2.41 38.46
O2 CIT SA . -15.59 1.41 36.55
C2 CIT SA . -17.64 1.97 37.58
C3 CIT SA . -17.97 2.60 38.93
O7 CIT SA . -17.19 1.78 39.84
C4 CIT SA . -17.63 4.14 38.73
C5 CIT SA . -16.75 4.73 39.84
O3 CIT SA . -15.91 5.71 39.61
O4 CIT SA . -16.93 4.18 40.95
C6 CIT SA . -19.25 2.36 39.77
O5 CIT SA . -19.56 3.24 40.63
O6 CIT SA . -19.89 1.28 39.70
CAD T55 TA . 40.95 -42.80 4.86
CAE T55 TA . 39.42 -42.69 4.96
CAG T55 TA . 38.60 -43.93 4.45
CAH T55 TA . 39.27 -45.06 3.61
CAI T55 TA . 38.36 -45.48 2.43
CAJ T55 TA . 38.63 -46.84 1.70
CAK T55 TA . 37.43 -47.85 1.69
CAL T55 TA . 37.04 -48.40 0.30
CAF T55 TA . 39.02 -42.26 6.40
C T55 TA . 35.68 -49.19 0.31
O T55 TA . 35.38 -50.05 1.17
C1 MAN UA . 30.31 -37.54 7.57
C2 MAN UA . 28.89 -38.09 7.58
C3 MAN UA . 27.95 -37.14 6.81
C4 MAN UA . 28.09 -35.65 7.36
C5 MAN UA . 29.57 -35.17 7.28
C6 MAN UA . 29.79 -33.82 7.95
O2 MAN UA . 28.44 -38.30 8.94
O3 MAN UA . 26.59 -37.71 6.82
O4 MAN UA . 27.32 -34.76 6.52
O5 MAN UA . 30.46 -36.10 7.91
O6 MAN UA . 29.54 -34.10 9.33
C1 NAG VA . 35.24 -40.37 -2.36
C2 NAG VA . 34.49 -40.05 -3.74
C3 NAG VA . 35.50 -40.02 -4.82
C4 NAG VA . 36.63 -39.01 -4.46
C5 NAG VA . 37.28 -39.31 -3.06
C6 NAG VA . 38.23 -38.18 -2.68
C7 NAG VA . 32.11 -40.93 -3.88
C8 NAG VA . 31.62 -39.61 -3.30
N2 NAG VA . 33.44 -41.08 -4.10
O3 NAG VA . 34.78 -39.68 -6.08
O4 NAG VA . 37.62 -39.11 -5.43
O5 NAG VA . 36.29 -39.41 -2.03
O6 NAG VA . 38.95 -38.77 -1.57
O7 NAG VA . 31.26 -41.80 -4.15
C1 N1L WA . 32.35 -48.76 -0.33
C2 N1L WA . 33.63 -49.54 -0.93
C3 N1L WA . 33.46 -49.83 -2.46
C4 N1L WA . 32.08 -50.48 -2.76
C5 N1L WA . 30.94 -49.60 -2.14
C6 N1L WA . 29.58 -50.28 -2.53
N2 N1L WA . 34.79 -48.91 -0.70
O3 N1L WA . 34.56 -50.79 -2.88
O4 N1L WA . 31.89 -50.63 -4.21
O5 N1L WA . 31.14 -49.43 -0.68
O6B N1L WA . 28.70 -49.25 -2.72
O6A N1L WA . 29.04 -51.14 -1.54
#